data_8ZNA
# 
_entry.id   8ZNA 
# 
_audit_conform.dict_name       mmcif_pdbx.dic 
_audit_conform.dict_version    5.403 
_audit_conform.dict_location   http://mmcif.pdb.org/dictionaries/ascii/mmcif_pdbx.dic 
# 
loop_
_database_2.database_id 
_database_2.database_code 
_database_2.pdbx_database_accession 
_database_2.pdbx_DOI 
PDB   8ZNA         pdb_00008zna 10.2210/pdb8zna/pdb 
WWPDB D_1300048168 ?            ?                   
# 
_pdbx_audit_revision_history.ordinal             1 
_pdbx_audit_revision_history.data_content_type   'Structure model' 
_pdbx_audit_revision_history.major_revision      1 
_pdbx_audit_revision_history.minor_revision      0 
_pdbx_audit_revision_history.revision_date       2025-06-04 
_pdbx_audit_revision_history.part_number         ? 
# 
_pdbx_audit_revision_details.ordinal             1 
_pdbx_audit_revision_details.revision_ordinal    1 
_pdbx_audit_revision_details.data_content_type   'Structure model' 
_pdbx_audit_revision_details.provider            repository 
_pdbx_audit_revision_details.type                'Initial release' 
_pdbx_audit_revision_details.description         ? 
_pdbx_audit_revision_details.details             ? 
# 
_pdbx_database_status.status_code                     REL 
_pdbx_database_status.status_code_sf                  REL 
_pdbx_database_status.status_code_mr                  ? 
_pdbx_database_status.entry_id                        8ZNA 
_pdbx_database_status.recvd_initial_deposition_date   2024-05-26 
_pdbx_database_status.SG_entry                        N 
_pdbx_database_status.deposit_site                    PDBJ 
_pdbx_database_status.process_site                    PDBJ 
_pdbx_database_status.status_code_cs                  ? 
_pdbx_database_status.status_code_nmr_data            ? 
_pdbx_database_status.methods_development_category    ? 
_pdbx_database_status.pdb_format_compatible           Y 
# 
_pdbx_contact_author.id                 2 
_pdbx_contact_author.email              gayathri@iiserpune.ac.in 
_pdbx_contact_author.name_first         Pananghat 
_pdbx_contact_author.name_last          Gayathri 
_pdbx_contact_author.name_mi            ? 
_pdbx_contact_author.role               'principal investigator/group leader' 
_pdbx_contact_author.identifier_ORCID   0000-0002-2242-4619 
# 
loop_
_audit_author.name 
_audit_author.pdbx_ordinal 
_audit_author.identifier_ORCID 
'Chakraborty, S.' 1 0000-0002-8693-6488 
'Gayathri, P.'    2 0000-0002-2242-4619 
# 
_citation.abstract                  ? 
_citation.abstract_id_CAS           ? 
_citation.book_id_ISBN              ? 
_citation.book_publisher            ? 
_citation.book_publisher_city       ? 
_citation.book_title                ? 
_citation.coordinate_linkage        ? 
_citation.country                   ? 
_citation.database_id_Medline       ? 
_citation.details                   ? 
_citation.id                        primary 
_citation.journal_abbrev            'To Be Published' 
_citation.journal_id_ASTM           ? 
_citation.journal_id_CSD            0353 
_citation.journal_id_ISSN           ? 
_citation.journal_full              ? 
_citation.journal_issue             ? 
_citation.journal_volume            ? 
_citation.language                  ? 
_citation.page_first                ? 
_citation.page_last                 ? 
_citation.title                     
;RomX, a novel prokaryotic regulator, links the response receiver domain of RomR with GTP-bound MglA for establishing Myxococcus xanthus polarity
;
_citation.year                      ? 
_citation.database_id_CSD           ? 
_citation.pdbx_database_id_DOI      ? 
_citation.pdbx_database_id_PubMed   ? 
_citation.pdbx_database_id_patent   ? 
_citation.unpublished_flag          ? 
# 
loop_
_citation_author.citation_id 
_citation_author.name 
_citation_author.ordinal 
_citation_author.identifier_ORCID 
primary 'Chakraborty, S.' 1 0000-0002-8693-6488 
primary 'Gayathri, P.'    2 0000-0002-2242-4619 
# 
loop_
_entity.id 
_entity.type 
_entity.src_method 
_entity.pdbx_description 
_entity.formula_weight 
_entity.pdbx_number_of_molecules 
_entity.pdbx_ec 
_entity.pdbx_mutation 
_entity.pdbx_fragment 
_entity.details 
1 polymer     man RomX           11421.598 1  ? ? ? 'C terminal hexahistidine tag' 
2 non-polymer syn 1,2-ETHANEDIOL 62.068    1  ? ? ? ?                              
3 water       nat water          18.015    63 ? ? ? ?                              
# 
_entity_poly.entity_id                      1 
_entity_poly.type                           'polypeptide(L)' 
_entity_poly.nstd_linkage                   no 
_entity_poly.nstd_monomer                   yes 
_entity_poly.pdbx_seq_one_letter_code       
;(MSE)TDEEKVKA(MSE)RLARAIASDISLYNEQKIIKGIEQDNLFEVLKEELEEGRELYKSRVSQEIFTK(MSE)NFFE
RAINDIVLRSKAHVKSKIWGSHHHHHH
;
_entity_poly.pdbx_seq_one_letter_code_can   
;MTDEEKVKAMRLARAIASDISLYNEQKIIKGIEQDNLFEVLKEELEEGRELYKSRVSQEIFTKMNFFERAINDIVLRSKA
HVKSKIWGSHHHHHH
;
_entity_poly.pdbx_strand_id                 A 
_entity_poly.pdbx_target_identifier         ? 
# 
loop_
_pdbx_entity_nonpoly.entity_id 
_pdbx_entity_nonpoly.name 
_pdbx_entity_nonpoly.comp_id 
2 1,2-ETHANEDIOL EDO 
3 water          HOH 
# 
loop_
_entity_poly_seq.entity_id 
_entity_poly_seq.num 
_entity_poly_seq.mon_id 
_entity_poly_seq.hetero 
1 1  MSE n 
1 2  THR n 
1 3  ASP n 
1 4  GLU n 
1 5  GLU n 
1 6  LYS n 
1 7  VAL n 
1 8  LYS n 
1 9  ALA n 
1 10 MSE n 
1 11 ARG n 
1 12 LEU n 
1 13 ALA n 
1 14 ARG n 
1 15 ALA n 
1 16 ILE n 
1 17 ALA n 
1 18 SER n 
1 19 ASP n 
1 20 ILE n 
1 21 SER n 
1 22 LEU n 
1 23 TYR n 
1 24 ASN n 
1 25 GLU n 
1 26 GLN n 
1 27 LYS n 
1 28 ILE n 
1 29 ILE n 
1 30 LYS n 
1 31 GLY n 
1 32 ILE n 
1 33 GLU n 
1 34 GLN n 
1 35 ASP n 
1 36 ASN n 
1 37 LEU n 
1 38 PHE n 
1 39 GLU n 
1 40 VAL n 
1 41 LEU n 
1 42 LYS n 
1 43 GLU n 
1 44 GLU n 
1 45 LEU n 
1 46 GLU n 
1 47 GLU n 
1 48 GLY n 
1 49 ARG n 
1 50 GLU n 
1 51 LEU n 
1 52 TYR n 
1 53 LYS n 
1 54 SER n 
1 55 ARG n 
1 56 VAL n 
1 57 SER n 
1 58 GLN n 
1 59 GLU n 
1 60 ILE n 
1 61 PHE n 
1 62 THR n 
1 63 LYS n 
1 64 MSE n 
1 65 ASN n 
1 66 PHE n 
1 67 PHE n 
1 68 GLU n 
1 69 ARG n 
1 70 ALA n 
1 71 ILE n 
1 72 ASN n 
1 73 ASP n 
1 74 ILE n 
1 75 VAL n 
1 76 LEU n 
1 77 ARG n 
1 78 SER n 
1 79 LYS n 
1 80 ALA n 
1 81 HIS n 
1 82 VAL n 
1 83 LYS n 
1 84 SER n 
1 85 LYS n 
1 86 ILE n 
1 87 TRP n 
1 88 GLY n 
1 89 SER n 
1 90 HIS n 
1 91 HIS n 
1 92 HIS n 
1 93 HIS n 
1 94 HIS n 
1 95 HIS n 
# 
_entity_src_gen.entity_id                          1 
_entity_src_gen.pdbx_src_id                        1 
_entity_src_gen.pdbx_alt_source_flag               sample 
_entity_src_gen.pdbx_seq_type                      'Biological sequence' 
_entity_src_gen.pdbx_beg_seq_num                   1 
_entity_src_gen.pdbx_end_seq_num                   95 
_entity_src_gen.gene_src_common_name               ? 
_entity_src_gen.gene_src_genus                     ? 
_entity_src_gen.pdbx_gene_src_gene                 MXAN_3350 
_entity_src_gen.gene_src_species                   ? 
_entity_src_gen.gene_src_strain                    'DK 1622' 
_entity_src_gen.gene_src_tissue                    ? 
_entity_src_gen.gene_src_tissue_fraction           ? 
_entity_src_gen.gene_src_details                   ? 
_entity_src_gen.pdbx_gene_src_fragment             ? 
_entity_src_gen.pdbx_gene_src_scientific_name      'Myxococcus xanthus DK 1622' 
_entity_src_gen.pdbx_gene_src_ncbi_taxonomy_id     246197 
_entity_src_gen.pdbx_gene_src_variant              ? 
_entity_src_gen.pdbx_gene_src_cell_line            ? 
_entity_src_gen.pdbx_gene_src_atcc                 ? 
_entity_src_gen.pdbx_gene_src_organ                ? 
_entity_src_gen.pdbx_gene_src_organelle            ? 
_entity_src_gen.pdbx_gene_src_cell                 ? 
_entity_src_gen.pdbx_gene_src_cellular_location    ? 
_entity_src_gen.host_org_common_name               ? 
_entity_src_gen.pdbx_host_org_scientific_name      'Escherichia coli BL21' 
_entity_src_gen.pdbx_host_org_ncbi_taxonomy_id     511693 
_entity_src_gen.host_org_genus                     ? 
_entity_src_gen.pdbx_host_org_gene                 ? 
_entity_src_gen.pdbx_host_org_organ                ? 
_entity_src_gen.host_org_species                   ? 
_entity_src_gen.pdbx_host_org_tissue               ? 
_entity_src_gen.pdbx_host_org_tissue_fraction      ? 
_entity_src_gen.pdbx_host_org_strain               BL21AI 
_entity_src_gen.pdbx_host_org_variant              ? 
_entity_src_gen.pdbx_host_org_cell_line            ? 
_entity_src_gen.pdbx_host_org_atcc                 ? 
_entity_src_gen.pdbx_host_org_culture_collection   ? 
_entity_src_gen.pdbx_host_org_cell                 ? 
_entity_src_gen.pdbx_host_org_organelle            ? 
_entity_src_gen.pdbx_host_org_cellular_location    ? 
_entity_src_gen.pdbx_host_org_vector_type          ? 
_entity_src_gen.pdbx_host_org_vector               ? 
_entity_src_gen.host_org_details                   ? 
_entity_src_gen.expression_system_id               ? 
_entity_src_gen.plasmid_name                       ? 
_entity_src_gen.plasmid_details                    ? 
_entity_src_gen.pdbx_description                   ? 
# 
loop_
_chem_comp.id 
_chem_comp.type 
_chem_comp.mon_nstd_flag 
_chem_comp.name 
_chem_comp.pdbx_synonyms 
_chem_comp.formula 
_chem_comp.formula_weight 
ALA 'L-peptide linking' y ALANINE          ?                 'C3 H7 N O2'     89.093  
ARG 'L-peptide linking' y ARGININE         ?                 'C6 H15 N4 O2 1' 175.209 
ASN 'L-peptide linking' y ASPARAGINE       ?                 'C4 H8 N2 O3'    132.118 
ASP 'L-peptide linking' y 'ASPARTIC ACID'  ?                 'C4 H7 N O4'     133.103 
EDO non-polymer         . 1,2-ETHANEDIOL   'ETHYLENE GLYCOL' 'C2 H6 O2'       62.068  
GLN 'L-peptide linking' y GLUTAMINE        ?                 'C5 H10 N2 O3'   146.144 
GLU 'L-peptide linking' y 'GLUTAMIC ACID'  ?                 'C5 H9 N O4'     147.129 
GLY 'peptide linking'   y GLYCINE          ?                 'C2 H5 N O2'     75.067  
HIS 'L-peptide linking' y HISTIDINE        ?                 'C6 H10 N3 O2 1' 156.162 
HOH non-polymer         . WATER            ?                 'H2 O'           18.015  
ILE 'L-peptide linking' y ISOLEUCINE       ?                 'C6 H13 N O2'    131.173 
LEU 'L-peptide linking' y LEUCINE          ?                 'C6 H13 N O2'    131.173 
LYS 'L-peptide linking' y LYSINE           ?                 'C6 H15 N2 O2 1' 147.195 
MSE 'L-peptide linking' n SELENOMETHIONINE ?                 'C5 H11 N O2 Se' 196.106 
PHE 'L-peptide linking' y PHENYLALANINE    ?                 'C9 H11 N O2'    165.189 
SER 'L-peptide linking' y SERINE           ?                 'C3 H7 N O3'     105.093 
THR 'L-peptide linking' y THREONINE        ?                 'C4 H9 N O3'     119.119 
TRP 'L-peptide linking' y TRYPTOPHAN       ?                 'C11 H12 N2 O2'  204.225 
TYR 'L-peptide linking' y TYROSINE         ?                 'C9 H11 N O3'    181.189 
VAL 'L-peptide linking' y VALINE           ?                 'C5 H11 N O2'    117.146 
# 
loop_
_pdbx_poly_seq_scheme.asym_id 
_pdbx_poly_seq_scheme.entity_id 
_pdbx_poly_seq_scheme.seq_id 
_pdbx_poly_seq_scheme.mon_id 
_pdbx_poly_seq_scheme.ndb_seq_num 
_pdbx_poly_seq_scheme.pdb_seq_num 
_pdbx_poly_seq_scheme.auth_seq_num 
_pdbx_poly_seq_scheme.pdb_mon_id 
_pdbx_poly_seq_scheme.auth_mon_id 
_pdbx_poly_seq_scheme.pdb_strand_id 
_pdbx_poly_seq_scheme.pdb_ins_code 
_pdbx_poly_seq_scheme.hetero 
A 1 1  MSE 1  1  1  MSE MSE A . n 
A 1 2  THR 2  2  2  THR THR A . n 
A 1 3  ASP 3  3  3  ASP ASP A . n 
A 1 4  GLU 4  4  4  GLU GLU A . n 
A 1 5  GLU 5  5  5  GLU GLU A . n 
A 1 6  LYS 6  6  6  LYS LYS A . n 
A 1 7  VAL 7  7  7  VAL VAL A . n 
A 1 8  LYS 8  8  8  LYS LYS A . n 
A 1 9  ALA 9  9  9  ALA ALA A . n 
A 1 10 MSE 10 10 10 MSE MSE A . n 
A 1 11 ARG 11 11 11 ARG ARG A . n 
A 1 12 LEU 12 12 12 LEU LEU A . n 
A 1 13 ALA 13 13 13 ALA ALA A . n 
A 1 14 ARG 14 14 14 ARG ARG A . n 
A 1 15 ALA 15 15 15 ALA ALA A . n 
A 1 16 ILE 16 16 16 ILE ILE A . n 
A 1 17 ALA 17 17 17 ALA ALA A . n 
A 1 18 SER 18 18 18 SER SER A . n 
A 1 19 ASP 19 19 19 ASP ASP A . n 
A 1 20 ILE 20 20 20 ILE ILE A . n 
A 1 21 SER 21 21 21 SER SER A . n 
A 1 22 LEU 22 22 22 LEU LEU A . n 
A 1 23 TYR 23 23 23 TYR TYR A . n 
A 1 24 ASN 24 24 24 ASN ASN A . n 
A 1 25 GLU 25 25 25 GLU GLU A . n 
A 1 26 GLN 26 26 26 GLN GLN A . n 
A 1 27 LYS 27 27 27 LYS LYS A . n 
A 1 28 ILE 28 28 28 ILE ILE A . n 
A 1 29 ILE 29 29 29 ILE ILE A . n 
A 1 30 LYS 30 30 30 LYS LYS A . n 
A 1 31 GLY 31 31 31 GLY GLY A . n 
A 1 32 ILE 32 32 32 ILE ILE A . n 
A 1 33 GLU 33 33 33 GLU GLU A . n 
A 1 34 GLN 34 34 34 GLN GLN A . n 
A 1 35 ASP 35 35 35 ASP ASP A . n 
A 1 36 ASN 36 36 36 ASN ASN A . n 
A 1 37 LEU 37 37 37 LEU LEU A . n 
A 1 38 PHE 38 38 38 PHE PHE A . n 
A 1 39 GLU 39 39 39 GLU GLU A . n 
A 1 40 VAL 40 40 40 VAL VAL A . n 
A 1 41 LEU 41 41 41 LEU LEU A . n 
A 1 42 LYS 42 42 42 LYS LYS A . n 
A 1 43 GLU 43 43 43 GLU GLU A . n 
A 1 44 GLU 44 44 44 GLU GLU A . n 
A 1 45 LEU 45 45 45 LEU LEU A . n 
A 1 46 GLU 46 46 46 GLU GLU A . n 
A 1 47 GLU 47 47 47 GLU GLU A . n 
A 1 48 GLY 48 48 48 GLY GLY A . n 
A 1 49 ARG 49 49 49 ARG ARG A . n 
A 1 50 GLU 50 50 50 GLU GLU A . n 
A 1 51 LEU 51 51 51 LEU LEU A . n 
A 1 52 TYR 52 52 52 TYR TYR A . n 
A 1 53 LYS 53 53 53 LYS LYS A . n 
A 1 54 SER 54 54 54 SER SER A . n 
A 1 55 ARG 55 55 55 ARG ARG A . n 
A 1 56 VAL 56 56 56 VAL VAL A . n 
A 1 57 SER 57 57 57 SER SER A . n 
A 1 58 GLN 58 58 58 GLN GLN A . n 
A 1 59 GLU 59 59 59 GLU GLU A . n 
A 1 60 ILE 60 60 60 ILE ILE A . n 
A 1 61 PHE 61 61 61 PHE PHE A . n 
A 1 62 THR 62 62 62 THR THR A . n 
A 1 63 LYS 63 63 63 LYS LYS A . n 
A 1 64 MSE 64 64 64 MSE MSE A . n 
A 1 65 ASN 65 65 65 ASN ASN A . n 
A 1 66 PHE 66 66 66 PHE PHE A . n 
A 1 67 PHE 67 67 67 PHE PHE A . n 
A 1 68 GLU 68 68 68 GLU GLU A . n 
A 1 69 ARG 69 69 69 ARG ARG A . n 
A 1 70 ALA 70 70 70 ALA ALA A . n 
A 1 71 ILE 71 71 71 ILE ILE A . n 
A 1 72 ASN 72 72 72 ASN ASN A . n 
A 1 73 ASP 73 73 73 ASP ASP A . n 
A 1 74 ILE 74 74 74 ILE ILE A . n 
A 1 75 VAL 75 75 75 VAL VAL A . n 
A 1 76 LEU 76 76 76 LEU LEU A . n 
A 1 77 ARG 77 77 77 ARG ARG A . n 
A 1 78 SER 78 78 78 SER SER A . n 
A 1 79 LYS 79 79 79 LYS LYS A . n 
A 1 80 ALA 80 80 80 ALA ALA A . n 
A 1 81 HIS 81 81 81 HIS HIS A . n 
A 1 82 VAL 82 82 82 VAL VAL A . n 
A 1 83 LYS 83 83 83 LYS LYS A . n 
A 1 84 SER 84 84 84 SER SER A . n 
A 1 85 LYS 85 85 85 LYS LYS A . n 
A 1 86 ILE 86 86 86 ILE ILE A . n 
A 1 87 TRP 87 87 87 TRP TRP A . n 
A 1 88 GLY 88 88 88 GLY GLY A . n 
A 1 89 SER 89 89 89 SER SER A . n 
A 1 90 HIS 90 90 90 HIS HIS A . n 
A 1 91 HIS 91 91 91 HIS HIS A . n 
A 1 92 HIS 92 92 92 HIS HIS A . n 
A 1 93 HIS 93 93 93 HIS HIS A . n 
A 1 94 HIS 94 94 ?  ?   ?   A . n 
A 1 95 HIS 95 95 ?  ?   ?   A . n 
# 
_pdbx_entity_instance_feature.ordinal        1 
_pdbx_entity_instance_feature.comp_id        EDO 
_pdbx_entity_instance_feature.asym_id        ? 
_pdbx_entity_instance_feature.seq_num        ? 
_pdbx_entity_instance_feature.auth_comp_id   EDO 
_pdbx_entity_instance_feature.auth_asym_id   ? 
_pdbx_entity_instance_feature.auth_seq_num   ? 
_pdbx_entity_instance_feature.feature_type   'SUBJECT OF INVESTIGATION' 
_pdbx_entity_instance_feature.details        ? 
# 
loop_
_pdbx_nonpoly_scheme.asym_id 
_pdbx_nonpoly_scheme.entity_id 
_pdbx_nonpoly_scheme.mon_id 
_pdbx_nonpoly_scheme.ndb_seq_num 
_pdbx_nonpoly_scheme.pdb_seq_num 
_pdbx_nonpoly_scheme.auth_seq_num 
_pdbx_nonpoly_scheme.pdb_mon_id 
_pdbx_nonpoly_scheme.auth_mon_id 
_pdbx_nonpoly_scheme.pdb_strand_id 
_pdbx_nonpoly_scheme.pdb_ins_code 
B 2 EDO 1  101 1   EDO EDO A . 
C 3 HOH 1  201 11  HOH HOH A . 
C 3 HOH 2  202 3   HOH HOH A . 
C 3 HOH 3  203 23  HOH HOH A . 
C 3 HOH 4  204 16  HOH HOH A . 
C 3 HOH 5  205 32  HOH HOH A . 
C 3 HOH 6  206 15  HOH HOH A . 
C 3 HOH 7  207 79  HOH HOH A . 
C 3 HOH 8  208 50  HOH HOH A . 
C 3 HOH 9  209 21  HOH HOH A . 
C 3 HOH 10 210 4   HOH HOH A . 
C 3 HOH 11 211 9   HOH HOH A . 
C 3 HOH 12 212 1   HOH HOH A . 
C 3 HOH 13 213 78  HOH HOH A . 
C 3 HOH 14 214 13  HOH HOH A . 
C 3 HOH 15 215 40  HOH HOH A . 
C 3 HOH 16 216 54  HOH HOH A . 
C 3 HOH 17 217 18  HOH HOH A . 
C 3 HOH 18 218 44  HOH HOH A . 
C 3 HOH 19 219 45  HOH HOH A . 
C 3 HOH 20 220 35  HOH HOH A . 
C 3 HOH 21 221 17  HOH HOH A . 
C 3 HOH 22 222 37  HOH HOH A . 
C 3 HOH 23 223 12  HOH HOH A . 
C 3 HOH 24 224 87  HOH HOH A . 
C 3 HOH 25 225 46  HOH HOH A . 
C 3 HOH 26 226 49  HOH HOH A . 
C 3 HOH 27 227 2   HOH HOH A . 
C 3 HOH 28 228 5   HOH HOH A . 
C 3 HOH 29 229 14  HOH HOH A . 
C 3 HOH 30 230 74  HOH HOH A . 
C 3 HOH 31 231 28  HOH HOH A . 
C 3 HOH 32 232 42  HOH HOH A . 
C 3 HOH 33 233 70  HOH HOH A . 
C 3 HOH 34 234 83  HOH HOH A . 
C 3 HOH 35 235 8   HOH HOH A . 
C 3 HOH 36 236 6   HOH HOH A . 
C 3 HOH 37 237 7   HOH HOH A . 
C 3 HOH 38 238 22  HOH HOH A . 
C 3 HOH 39 239 10  HOH HOH A . 
C 3 HOH 40 240 75  HOH HOH A . 
C 3 HOH 41 241 66  HOH HOH A . 
C 3 HOH 42 242 71  HOH HOH A . 
C 3 HOH 43 243 34  HOH HOH A . 
C 3 HOH 44 244 53  HOH HOH A . 
C 3 HOH 45 245 72  HOH HOH A . 
C 3 HOH 46 246 62  HOH HOH A . 
C 3 HOH 47 247 19  HOH HOH A . 
C 3 HOH 48 248 65  HOH HOH A . 
C 3 HOH 49 249 101 HOH HOH A . 
C 3 HOH 50 250 100 HOH HOH A . 
C 3 HOH 51 251 73  HOH HOH A . 
C 3 HOH 52 252 105 HOH HOH A . 
C 3 HOH 53 253 76  HOH HOH A . 
C 3 HOH 54 254 36  HOH HOH A . 
C 3 HOH 55 255 25  HOH HOH A . 
C 3 HOH 56 256 20  HOH HOH A . 
C 3 HOH 57 257 61  HOH HOH A . 
C 3 HOH 58 258 57  HOH HOH A . 
C 3 HOH 59 259 59  HOH HOH A . 
C 3 HOH 60 260 60  HOH HOH A . 
C 3 HOH 61 261 24  HOH HOH A . 
C 3 HOH 62 262 90  HOH HOH A . 
C 3 HOH 63 263 82  HOH HOH A . 
# 
loop_
_pdbx_unobs_or_zero_occ_atoms.id 
_pdbx_unobs_or_zero_occ_atoms.PDB_model_num 
_pdbx_unobs_or_zero_occ_atoms.polymer_flag 
_pdbx_unobs_or_zero_occ_atoms.occupancy_flag 
_pdbx_unobs_or_zero_occ_atoms.auth_asym_id 
_pdbx_unobs_or_zero_occ_atoms.auth_comp_id 
_pdbx_unobs_or_zero_occ_atoms.auth_seq_id 
_pdbx_unobs_or_zero_occ_atoms.PDB_ins_code 
_pdbx_unobs_or_zero_occ_atoms.auth_atom_id 
_pdbx_unobs_or_zero_occ_atoms.label_alt_id 
_pdbx_unobs_or_zero_occ_atoms.label_asym_id 
_pdbx_unobs_or_zero_occ_atoms.label_comp_id 
_pdbx_unobs_or_zero_occ_atoms.label_seq_id 
_pdbx_unobs_or_zero_occ_atoms.label_atom_id 
1 1 Y 1 A HIS 93 ? CG  ? A HIS 93 CG  
2 1 Y 1 A HIS 93 ? ND1 ? A HIS 93 ND1 
3 1 Y 1 A HIS 93 ? CD2 ? A HIS 93 CD2 
4 1 Y 1 A HIS 93 ? CE1 ? A HIS 93 CE1 
5 1 Y 1 A HIS 93 ? NE2 ? A HIS 93 NE2 
# 
loop_
_software.citation_id 
_software.classification 
_software.compiler_name 
_software.compiler_version 
_software.contact_author 
_software.contact_author_email 
_software.date 
_software.description 
_software.dependencies 
_software.hardware 
_software.language 
_software.location 
_software.mods 
_software.name 
_software.os 
_software.os_version 
_software.type 
_software.version 
_software.pdbx_ordinal 
? refinement       ? ? ? ? ? ? ? ? ? ? ? PHENIX  ? ? ? '(1.11.1_2575: ???)' 1 
? 'data reduction' ? ? ? ? ? ? ? ? ? ? ? MOSFLM  ? ? ? .                    2 
? 'data scaling'   ? ? ? ? ? ? ? ? ? ? ? Aimless ? ? ? .                    3 
? phasing          ? ? ? ? ? ? ? ? ? ? ? AutoSol ? ? ? .                    4 
# 
_cell.angle_alpha                  90.00 
_cell.angle_alpha_esd              ? 
_cell.angle_beta                   90.00 
_cell.angle_beta_esd               ? 
_cell.angle_gamma                  90.00 
_cell.angle_gamma_esd              ? 
_cell.entry_id                     8ZNA 
_cell.details                      ? 
_cell.formula_units_Z              ? 
_cell.length_a                     33.295 
_cell.length_a_esd                 ? 
_cell.length_b                     56.076 
_cell.length_b_esd                 ? 
_cell.length_c                     68.616 
_cell.length_c_esd                 ? 
_cell.volume                       ? 
_cell.volume_esd                   ? 
_cell.Z_PDB                        4 
_cell.reciprocal_angle_alpha       ? 
_cell.reciprocal_angle_beta        ? 
_cell.reciprocal_angle_gamma       ? 
_cell.reciprocal_angle_alpha_esd   ? 
_cell.reciprocal_angle_beta_esd    ? 
_cell.reciprocal_angle_gamma_esd   ? 
_cell.reciprocal_length_a          ? 
_cell.reciprocal_length_b          ? 
_cell.reciprocal_length_c          ? 
_cell.reciprocal_length_a_esd      ? 
_cell.reciprocal_length_b_esd      ? 
_cell.reciprocal_length_c_esd      ? 
_cell.pdbx_unique_axis             ? 
_cell.pdbx_esd_method              ? 
# 
_symmetry.entry_id                         8ZNA 
_symmetry.cell_setting                     ? 
_symmetry.Int_Tables_number                19 
_symmetry.space_group_name_Hall            ? 
_symmetry.space_group_name_H-M             'P 21 21 21' 
_symmetry.pdbx_full_space_group_name_H-M   ? 
# 
_exptl.absorpt_coefficient_mu     ? 
_exptl.absorpt_correction_T_max   ? 
_exptl.absorpt_correction_T_min   ? 
_exptl.absorpt_correction_type    ? 
_exptl.absorpt_process_details    ? 
_exptl.entry_id                   8ZNA 
_exptl.crystals_number            1 
_exptl.details                    ? 
_exptl.method                     'X-RAY DIFFRACTION' 
_exptl.method_details             ? 
# 
_exptl_crystal.colour                       ? 
_exptl_crystal.density_diffrn               ? 
_exptl_crystal.density_Matthews             2.80 
_exptl_crystal.density_method               ? 
_exptl_crystal.density_percent_sol          56.14 
_exptl_crystal.description                  ? 
_exptl_crystal.F_000                        ? 
_exptl_crystal.id                           1 
_exptl_crystal.preparation                  ? 
_exptl_crystal.size_max                     ? 
_exptl_crystal.size_mid                     ? 
_exptl_crystal.size_min                     ? 
_exptl_crystal.size_rad                     ? 
_exptl_crystal.colour_lustre                ? 
_exptl_crystal.colour_modifier              ? 
_exptl_crystal.colour_primary               ? 
_exptl_crystal.density_meas                 ? 
_exptl_crystal.density_meas_esd             ? 
_exptl_crystal.density_meas_gt              ? 
_exptl_crystal.density_meas_lt              ? 
_exptl_crystal.density_meas_temp            ? 
_exptl_crystal.density_meas_temp_esd        ? 
_exptl_crystal.density_meas_temp_gt         ? 
_exptl_crystal.density_meas_temp_lt         ? 
_exptl_crystal.pdbx_crystal_image_url       ? 
_exptl_crystal.pdbx_crystal_image_format    ? 
_exptl_crystal.pdbx_mosaicity               ? 
_exptl_crystal.pdbx_mosaicity_esd           ? 
_exptl_crystal.pdbx_mosaic_method           ? 
_exptl_crystal.pdbx_mosaic_block_size       ? 
_exptl_crystal.pdbx_mosaic_block_size_esd   ? 
# 
_exptl_crystal_grow.apparatus       ? 
_exptl_crystal_grow.atmosphere      ? 
_exptl_crystal_grow.crystal_id      1 
_exptl_crystal_grow.details         ? 
_exptl_crystal_grow.method          'VAPOR DIFFUSION, HANGING DROP' 
_exptl_crystal_grow.method_ref      ? 
_exptl_crystal_grow.pH              7 
_exptl_crystal_grow.pressure        ? 
_exptl_crystal_grow.pressure_esd    ? 
_exptl_crystal_grow.seeding         ? 
_exptl_crystal_grow.seeding_ref     ? 
_exptl_crystal_grow.temp_details    ? 
_exptl_crystal_grow.temp_esd        ? 
_exptl_crystal_grow.time            ? 
_exptl_crystal_grow.pdbx_details    '25% PEG MME 550, 15 mM MgCl2, 40 mM HEPES Na pH=7' 
_exptl_crystal_grow.pdbx_pH_range   7-8 
_exptl_crystal_grow.temp            291.15 
# 
_diffrn.ambient_environment              ? 
_diffrn.ambient_temp                     100 
_diffrn.ambient_temp_details             ? 
_diffrn.ambient_temp_esd                 ? 
_diffrn.crystal_id                       1 
_diffrn.crystal_support                  ? 
_diffrn.crystal_treatment                ? 
_diffrn.details                          ? 
_diffrn.id                               1 
_diffrn.ambient_pressure                 ? 
_diffrn.ambient_pressure_esd             ? 
_diffrn.ambient_pressure_gt              ? 
_diffrn.ambient_pressure_lt              ? 
_diffrn.ambient_temp_gt                  ? 
_diffrn.ambient_temp_lt                  ? 
_diffrn.pdbx_serial_crystal_experiment   N 
# 
_diffrn_detector.details                      ? 
_diffrn_detector.detector                     PIXEL 
_diffrn_detector.diffrn_id                    1 
_diffrn_detector.type                         'DECTRIS EIGER X 16M' 
_diffrn_detector.area_resol_mean              ? 
_diffrn_detector.dtime                        ? 
_diffrn_detector.pdbx_frames_total            ? 
_diffrn_detector.pdbx_collection_time_total   ? 
_diffrn_detector.pdbx_collection_date         2020-01-27 
_diffrn_detector.pdbx_frequency               ? 
_diffrn_detector.id                           ? 
_diffrn_detector.number_of_axes               ? 
# 
_diffrn_radiation.collimation                      ? 
_diffrn_radiation.diffrn_id                        1 
_diffrn_radiation.filter_edge                      ? 
_diffrn_radiation.inhomogeneity                    ? 
_diffrn_radiation.monochromator                    ? 
_diffrn_radiation.polarisn_norm                    ? 
_diffrn_radiation.polarisn_ratio                   ? 
_diffrn_radiation.probe                            ? 
_diffrn_radiation.type                             ? 
_diffrn_radiation.xray_symbol                      ? 
_diffrn_radiation.wavelength_id                    1 
_diffrn_radiation.pdbx_monochromatic_or_laue_m_l   M 
_diffrn_radiation.pdbx_wavelength_list             ? 
_diffrn_radiation.pdbx_wavelength                  ? 
_diffrn_radiation.pdbx_diffrn_protocol             'SINGLE WAVELENGTH' 
_diffrn_radiation.pdbx_analyzer                    ? 
_diffrn_radiation.pdbx_scattering_type             x-ray 
# 
_diffrn_radiation_wavelength.id           1 
_diffrn_radiation_wavelength.wavelength   0.979270 
_diffrn_radiation_wavelength.wt           1.0 
# 
_diffrn_source.current                     ? 
_diffrn_source.details                     ? 
_diffrn_source.diffrn_id                   1 
_diffrn_source.power                       ? 
_diffrn_source.size                        ? 
_diffrn_source.source                      SYNCHROTRON 
_diffrn_source.target                      ? 
_diffrn_source.type                        'DIAMOND BEAMLINE I04' 
_diffrn_source.voltage                     ? 
_diffrn_source.take-off_angle              ? 
_diffrn_source.pdbx_wavelength_list        0.979270 
_diffrn_source.pdbx_wavelength             ? 
_diffrn_source.pdbx_synchrotron_beamline   I04 
_diffrn_source.pdbx_synchrotron_site       Diamond 
# 
_reflns.B_iso_Wilson_estimate                          ? 
_reflns.entry_id                                       8ZNA 
_reflns.data_reduction_details                         ? 
_reflns.data_reduction_method                          ? 
_reflns.d_resolution_high                              1.8 
_reflns.d_resolution_low                               29.955 
_reflns.details                                        ? 
_reflns.limit_h_max                                    ? 
_reflns.limit_h_min                                    ? 
_reflns.limit_k_max                                    ? 
_reflns.limit_k_min                                    ? 
_reflns.limit_l_max                                    ? 
_reflns.limit_l_min                                    ? 
_reflns.number_all                                     ? 
_reflns.number_obs                                     19678 
_reflns.observed_criterion                             ? 
_reflns.observed_criterion_F_max                       ? 
_reflns.observed_criterion_F_min                       ? 
_reflns.observed_criterion_I_max                       ? 
_reflns.observed_criterion_I_min                       ? 
_reflns.observed_criterion_sigma_F                     ? 
_reflns.observed_criterion_sigma_I                     ? 
_reflns.percent_possible_obs                           99.1 
_reflns.R_free_details                                 ? 
_reflns.Rmerge_F_all                                   ? 
_reflns.Rmerge_F_obs                                   ? 
_reflns.Friedel_coverage                               ? 
_reflns.number_gt                                      ? 
_reflns.threshold_expression                           ? 
_reflns.pdbx_redundancy                                19.8 
_reflns.pdbx_netI_over_av_sigmaI                       ? 
_reflns.pdbx_netI_over_sigmaI                          19.1 
_reflns.pdbx_res_netI_over_av_sigmaI_2                 ? 
_reflns.pdbx_res_netI_over_sigmaI_2                    ? 
_reflns.pdbx_chi_squared                               0.99 
_reflns.pdbx_scaling_rejects                           ? 
_reflns.pdbx_d_res_high_opt                            ? 
_reflns.pdbx_d_res_low_opt                             ? 
_reflns.pdbx_d_res_opt_method                          ? 
_reflns.phase_calculation_details                      ? 
_reflns.pdbx_Rrim_I_all                                0.120 
_reflns.pdbx_Rpim_I_all                                0.032 
_reflns.pdbx_d_opt                                     ? 
_reflns.pdbx_number_measured_all                       ? 
_reflns.pdbx_diffrn_id                                 1 
_reflns.pdbx_ordinal                                   1 
_reflns.pdbx_CC_half                                   0.999 
_reflns.pdbx_CC_star                                   ? 
_reflns.pdbx_R_split                                   ? 
_reflns.pdbx_Rmerge_I_obs                              0.115 
_reflns.pdbx_Rmerge_I_all                              ? 
_reflns.pdbx_Rsym_value                                ? 
_reflns.pdbx_CC_split_method                           ? 
_reflns.pdbx_aniso_diffraction_limit_axis_1_ortho[1]   ? 
_reflns.pdbx_aniso_diffraction_limit_axis_1_ortho[2]   ? 
_reflns.pdbx_aniso_diffraction_limit_axis_1_ortho[3]   ? 
_reflns.pdbx_aniso_diffraction_limit_axis_2_ortho[1]   ? 
_reflns.pdbx_aniso_diffraction_limit_axis_2_ortho[2]   ? 
_reflns.pdbx_aniso_diffraction_limit_axis_2_ortho[3]   ? 
_reflns.pdbx_aniso_diffraction_limit_axis_3_ortho[1]   ? 
_reflns.pdbx_aniso_diffraction_limit_axis_3_ortho[2]   ? 
_reflns.pdbx_aniso_diffraction_limit_axis_3_ortho[3]   ? 
_reflns.pdbx_aniso_diffraction_limit_1                 ? 
_reflns.pdbx_aniso_diffraction_limit_2                 ? 
_reflns.pdbx_aniso_diffraction_limit_3                 ? 
_reflns.pdbx_aniso_B_tensor_eigenvector_1_ortho[1]     ? 
_reflns.pdbx_aniso_B_tensor_eigenvector_1_ortho[2]     ? 
_reflns.pdbx_aniso_B_tensor_eigenvector_1_ortho[3]     ? 
_reflns.pdbx_aniso_B_tensor_eigenvector_2_ortho[1]     ? 
_reflns.pdbx_aniso_B_tensor_eigenvector_2_ortho[2]     ? 
_reflns.pdbx_aniso_B_tensor_eigenvector_2_ortho[3]     ? 
_reflns.pdbx_aniso_B_tensor_eigenvector_3_ortho[1]     ? 
_reflns.pdbx_aniso_B_tensor_eigenvector_3_ortho[2]     ? 
_reflns.pdbx_aniso_B_tensor_eigenvector_3_ortho[3]     ? 
_reflns.pdbx_aniso_B_tensor_eigenvalue_1               ? 
_reflns.pdbx_aniso_B_tensor_eigenvalue_2               ? 
_reflns.pdbx_aniso_B_tensor_eigenvalue_3               ? 
_reflns.pdbx_orthogonalization_convention              ? 
_reflns.pdbx_percent_possible_ellipsoidal              ? 
_reflns.pdbx_percent_possible_spherical                ? 
_reflns.pdbx_percent_possible_ellipsoidal_anomalous    ? 
_reflns.pdbx_percent_possible_spherical_anomalous      ? 
_reflns.pdbx_redundancy_anomalous                      ? 
_reflns.pdbx_CC_half_anomalous                         ? 
_reflns.pdbx_absDiff_over_sigma_anomalous              ? 
_reflns.pdbx_percent_possible_anomalous                ? 
_reflns.pdbx_observed_signal_threshold                 ? 
_reflns.pdbx_signal_type                               ? 
_reflns.pdbx_signal_details                            ? 
_reflns.pdbx_signal_software_id                        ? 
# 
_reflns_shell.d_res_high                                    1.89 
_reflns_shell.d_res_low                                     9.06 
_reflns_shell.meanI_over_sigI_all                           ? 
_reflns_shell.meanI_over_sigI_obs                           ? 
_reflns_shell.number_measured_all                           ? 
_reflns_shell.number_measured_obs                           ? 
_reflns_shell.number_possible                               ? 
_reflns_shell.number_unique_all                             ? 
_reflns_shell.number_unique_obs                             128 
_reflns_shell.percent_possible_obs                          ? 
_reflns_shell.Rmerge_F_all                                  ? 
_reflns_shell.Rmerge_F_obs                                  ? 
_reflns_shell.meanI_over_sigI_gt                            ? 
_reflns_shell.meanI_over_uI_all                             ? 
_reflns_shell.meanI_over_uI_gt                              ? 
_reflns_shell.number_measured_gt                            ? 
_reflns_shell.number_unique_gt                              ? 
_reflns_shell.percent_possible_gt                           ? 
_reflns_shell.Rmerge_F_gt                                   ? 
_reflns_shell.Rmerge_I_gt                                   ? 
_reflns_shell.pdbx_redundancy                               ? 
_reflns_shell.pdbx_chi_squared                              1.01 
_reflns_shell.pdbx_netI_over_sigmaI_all                     ? 
_reflns_shell.pdbx_netI_over_sigmaI_obs                     ? 
_reflns_shell.pdbx_Rrim_I_all                               0.057 
_reflns_shell.pdbx_Rpim_I_all                               0.015 
_reflns_shell.pdbx_rejects                                  ? 
_reflns_shell.pdbx_ordinal                                  1 
_reflns_shell.pdbx_diffrn_id                                1 
_reflns_shell.pdbx_CC_half                                  0.999 
_reflns_shell.pdbx_CC_star                                  ? 
_reflns_shell.pdbx_R_split                                  ? 
_reflns_shell.percent_possible_all                          98.9 
_reflns_shell.Rmerge_I_all                                  ? 
_reflns_shell.Rmerge_I_obs                                  0.055 
_reflns_shell.pdbx_Rsym_value                               ? 
_reflns_shell.pdbx_percent_possible_ellipsoidal             ? 
_reflns_shell.pdbx_percent_possible_spherical               ? 
_reflns_shell.pdbx_percent_possible_ellipsoidal_anomalous   ? 
_reflns_shell.pdbx_percent_possible_spherical_anomalous     ? 
_reflns_shell.pdbx_redundancy_anomalous                     ? 
_reflns_shell.pdbx_CC_half_anomalous                        ? 
_reflns_shell.pdbx_absDiff_over_sigma_anomalous             ? 
_reflns_shell.pdbx_percent_possible_anomalous               ? 
# 
_refine.aniso_B[1][1]                            ? 
_refine.aniso_B[1][2]                            ? 
_refine.aniso_B[1][3]                            ? 
_refine.aniso_B[2][2]                            ? 
_refine.aniso_B[2][3]                            ? 
_refine.aniso_B[3][3]                            ? 
_refine.B_iso_max                                ? 
_refine.B_iso_mean                               ? 
_refine.B_iso_min                                ? 
_refine.correlation_coeff_Fo_to_Fc               ? 
_refine.correlation_coeff_Fo_to_Fc_free          ? 
_refine.details                                  ? 
_refine.diff_density_max                         ? 
_refine.diff_density_max_esd                     ? 
_refine.diff_density_min                         ? 
_refine.diff_density_min_esd                     ? 
_refine.diff_density_rms                         ? 
_refine.diff_density_rms_esd                     ? 
_refine.entry_id                                 8ZNA 
_refine.pdbx_refine_id                           'X-RAY DIFFRACTION' 
_refine.ls_abs_structure_details                 ? 
_refine.ls_abs_structure_Flack                   ? 
_refine.ls_abs_structure_Flack_esd               ? 
_refine.ls_abs_structure_Rogers                  ? 
_refine.ls_abs_structure_Rogers_esd              ? 
_refine.ls_d_res_high                            1.888 
_refine.ls_d_res_low                             29.955 
_refine.ls_extinction_coef                       ? 
_refine.ls_extinction_coef_esd                   ? 
_refine.ls_extinction_expression                 ? 
_refine.ls_extinction_method                     ? 
_refine.ls_goodness_of_fit_all                   ? 
_refine.ls_goodness_of_fit_all_esd               ? 
_refine.ls_goodness_of_fit_obs                   ? 
_refine.ls_goodness_of_fit_obs_esd               ? 
_refine.ls_hydrogen_treatment                    ? 
_refine.ls_matrix_type                           ? 
_refine.ls_number_constraints                    ? 
_refine.ls_number_parameters                     ? 
_refine.ls_number_reflns_all                     ? 
_refine.ls_number_reflns_obs                     19678 
_refine.ls_number_reflns_R_free                  505 
_refine.ls_number_reflns_R_work                  ? 
_refine.ls_number_restraints                     ? 
_refine.ls_percent_reflns_obs                    98.71 
_refine.ls_percent_reflns_R_free                 4.79 
_refine.ls_R_factor_all                          ? 
_refine.ls_R_factor_obs                          0.1921 
_refine.ls_R_factor_R_free                       0.2308 
_refine.ls_R_factor_R_free_error                 ? 
_refine.ls_R_factor_R_free_error_details         ? 
_refine.ls_R_factor_R_work                       0.1900 
_refine.ls_R_Fsqd_factor_obs                     ? 
_refine.ls_R_I_factor_obs                        ? 
_refine.ls_redundancy_reflns_all                 ? 
_refine.ls_redundancy_reflns_obs                 ? 
_refine.ls_restrained_S_all                      ? 
_refine.ls_restrained_S_obs                      ? 
_refine.ls_shift_over_esd_max                    ? 
_refine.ls_shift_over_esd_mean                   ? 
_refine.ls_structure_factor_coef                 ? 
_refine.ls_weighting_details                     ? 
_refine.ls_weighting_scheme                      ? 
_refine.ls_wR_factor_all                         ? 
_refine.ls_wR_factor_obs                         ? 
_refine.ls_wR_factor_R_free                      ? 
_refine.ls_wR_factor_R_work                      ? 
_refine.occupancy_max                            ? 
_refine.occupancy_min                            ? 
_refine.solvent_model_details                    'FLAT BULK SOLVENT MODEL' 
_refine.solvent_model_param_bsol                 ? 
_refine.solvent_model_param_ksol                 ? 
_refine.pdbx_R_complete                          ? 
_refine.ls_R_factor_gt                           ? 
_refine.ls_goodness_of_fit_gt                    ? 
_refine.ls_goodness_of_fit_ref                   ? 
_refine.ls_shift_over_su_max                     ? 
_refine.ls_shift_over_su_max_lt                  ? 
_refine.ls_shift_over_su_mean                    ? 
_refine.ls_shift_over_su_mean_lt                 ? 
_refine.pdbx_ls_sigma_I                          ? 
_refine.pdbx_ls_sigma_F                          0.74 
_refine.pdbx_ls_sigma_Fsqd                       ? 
_refine.pdbx_data_cutoff_high_absF               ? 
_refine.pdbx_data_cutoff_high_rms_absF           ? 
_refine.pdbx_data_cutoff_low_absF                ? 
_refine.pdbx_isotropic_thermal_model             ? 
_refine.pdbx_ls_cross_valid_method               'FREE R-VALUE' 
_refine.pdbx_method_to_determine_struct          SAD 
_refine.pdbx_starting_model                      ? 
_refine.pdbx_stereochemistry_target_values       ML 
_refine.pdbx_R_Free_selection_details            ? 
_refine.pdbx_stereochem_target_val_spec_case     ? 
_refine.pdbx_overall_ESU_R                       ? 
_refine.pdbx_overall_ESU_R_Free                  ? 
_refine.pdbx_solvent_vdw_probe_radii             1.11 
_refine.pdbx_solvent_ion_probe_radii             ? 
_refine.pdbx_solvent_shrinkage_radii             0.90 
_refine.pdbx_real_space_R                        ? 
_refine.pdbx_density_correlation                 ? 
_refine.pdbx_pd_number_of_powder_patterns        ? 
_refine.pdbx_pd_number_of_points                 ? 
_refine.pdbx_pd_meas_number_of_points            ? 
_refine.pdbx_pd_proc_ls_prof_R_factor            ? 
_refine.pdbx_pd_proc_ls_prof_wR_factor           ? 
_refine.pdbx_pd_Marquardt_correlation_coeff      ? 
_refine.pdbx_pd_Fsqrd_R_factor                   ? 
_refine.pdbx_pd_ls_matrix_band_width             ? 
_refine.pdbx_overall_phase_error                 25.88 
_refine.pdbx_overall_SU_R_free_Cruickshank_DPI   ? 
_refine.pdbx_overall_SU_R_free_Blow_DPI          ? 
_refine.pdbx_overall_SU_R_Blow_DPI               ? 
_refine.pdbx_TLS_residual_ADP_flag               ? 
_refine.pdbx_diffrn_id                           1 
_refine.overall_SU_B                             ? 
_refine.overall_SU_ML                            0.15 
_refine.overall_SU_R_Cruickshank_DPI             ? 
_refine.overall_SU_R_free                        ? 
_refine.overall_FOM_free_R_set                   ? 
_refine.overall_FOM_work_R_set                   ? 
_refine.pdbx_average_fsc_overall                 ? 
_refine.pdbx_average_fsc_work                    ? 
_refine.pdbx_average_fsc_free                    ? 
# 
_refine_hist.pdbx_refine_id                   'X-RAY DIFFRACTION' 
_refine_hist.cycle_id                         LAST 
_refine_hist.details                          ? 
_refine_hist.d_res_high                       1.888 
_refine_hist.d_res_low                        29.955 
_refine_hist.number_atoms_solvent             63 
_refine_hist.number_atoms_total               834 
_refine_hist.number_reflns_all                ? 
_refine_hist.number_reflns_obs                ? 
_refine_hist.number_reflns_R_free             ? 
_refine_hist.number_reflns_R_work             ? 
_refine_hist.R_factor_all                     ? 
_refine_hist.R_factor_obs                     ? 
_refine_hist.R_factor_R_free                  ? 
_refine_hist.R_factor_R_work                  ? 
_refine_hist.pdbx_number_residues_total       ? 
_refine_hist.pdbx_B_iso_mean_ligand           ? 
_refine_hist.pdbx_B_iso_mean_solvent          ? 
_refine_hist.pdbx_number_atoms_protein        767 
_refine_hist.pdbx_number_atoms_nucleic_acid   0 
_refine_hist.pdbx_number_atoms_ligand         4 
_refine_hist.pdbx_number_atoms_lipid          ? 
_refine_hist.pdbx_number_atoms_carb           ? 
_refine_hist.pdbx_pseudo_atom_details         ? 
# 
loop_
_refine_ls_restr.pdbx_refine_id 
_refine_ls_restr.criterion 
_refine_ls_restr.dev_ideal 
_refine_ls_restr.dev_ideal_target 
_refine_ls_restr.number 
_refine_ls_restr.rejects 
_refine_ls_restr.type 
_refine_ls_restr.weight 
_refine_ls_restr.pdbx_restraint_function 
'X-RAY DIFFRACTION' ? 0.012  ? 815  ? f_bond_d           ? ? 
'X-RAY DIFFRACTION' ? 1.044  ? 1093 ? f_angle_d          ? ? 
'X-RAY DIFFRACTION' ? 13.138 ? 517  ? f_dihedral_angle_d ? ? 
'X-RAY DIFFRACTION' ? 0.069  ? 118  ? f_chiral_restr     ? ? 
'X-RAY DIFFRACTION' ? 0.006  ? 141  ? f_plane_restr      ? ? 
# 
loop_
_refine_ls_shell.pdbx_refine_id 
_refine_ls_shell.d_res_high 
_refine_ls_shell.d_res_low 
_refine_ls_shell.number_reflns_all 
_refine_ls_shell.number_reflns_obs 
_refine_ls_shell.number_reflns_R_free 
_refine_ls_shell.number_reflns_R_work 
_refine_ls_shell.percent_reflns_obs 
_refine_ls_shell.percent_reflns_R_free 
_refine_ls_shell.R_factor_all 
_refine_ls_shell.R_factor_obs 
_refine_ls_shell.R_factor_R_free_error 
_refine_ls_shell.R_factor_R_work 
_refine_ls_shell.redundancy_reflns_all 
_refine_ls_shell.redundancy_reflns_obs 
_refine_ls_shell.wR_factor_all 
_refine_ls_shell.wR_factor_obs 
_refine_ls_shell.wR_factor_R_free 
_refine_ls_shell.wR_factor_R_work 
_refine_ls_shell.pdbx_R_complete 
_refine_ls_shell.pdbx_total_number_of_bins_used 
_refine_ls_shell.pdbx_phase_error 
_refine_ls_shell.pdbx_fsc_work 
_refine_ls_shell.pdbx_fsc_free 
_refine_ls_shell.R_factor_R_free 
'X-RAY DIFFRACTION' 1.8884 1.9879 . . 111 2496 91.00  . . . . 0.2408 . . . . . . . . . . . 0.2570 
'X-RAY DIFFRACTION' 1.9879 2.1124 . . 109 2727 100.00 . . . . 0.1899 . . . . . . . . . . . 0.2545 
'X-RAY DIFFRACTION' 2.1124 2.2755 . . 130 2715 100.00 . . . . 0.1665 . . . . . . . . . . . 0.1786 
'X-RAY DIFFRACTION' 2.2755 2.5044 . . 157 2684 100.00 . . . . 0.1829 . . . . . . . . . . . 0.2641 
'X-RAY DIFFRACTION' 2.5044 2.8665 . . 125 2726 100.00 . . . . 0.1908 . . . . . . . . . . . 0.2590 
'X-RAY DIFFRACTION' 2.8665 3.6105 . . 151 2710 100.00 . . . . 0.1888 . . . . . . . . . . . 0.2297 
'X-RAY DIFFRACTION' 3.6105 29.95  . . 160 2677 100.00 . . . . 0.1925 . . . . . . . . . . . 0.2184 
# 
_struct.entry_id                     8ZNA 
_struct.title                        'Myxococcus xanthus RomX' 
_struct.pdbx_model_details           ? 
_struct.pdbx_formula_weight          ? 
_struct.pdbx_formula_weight_method   ? 
_struct.pdbx_model_type_details      ? 
_struct.pdbx_CASP_flag               N 
# 
_struct_keywords.entry_id        8ZNA 
_struct_keywords.text            'GTPase activator, effector, bacterial regulator, cell motility, SIGNALING PROTEIN' 
_struct_keywords.pdbx_keywords   'SIGNALING PROTEIN' 
# 
loop_
_struct_asym.id 
_struct_asym.pdbx_blank_PDB_chainid_flag 
_struct_asym.pdbx_modified 
_struct_asym.entity_id 
_struct_asym.details 
A N N 1 ? 
B N N 2 ? 
C N N 3 ? 
# 
_struct_ref.id                         1 
_struct_ref.db_name                    UNP 
_struct_ref.db_code                    Q1D725_MYXXD 
_struct_ref.pdbx_db_accession          Q1D725 
_struct_ref.pdbx_db_isoform            ? 
_struct_ref.entity_id                  1 
_struct_ref.pdbx_seq_one_letter_code   
;MTDEEKVKAMRLARAIASDISLYNEQKIIKGIEQDNLFEVLKEELEEGRELYKSRVSQEIFTKMNFFERAINDIVLRSKA
HVKSKIW
;
_struct_ref.pdbx_align_begin           1 
# 
_struct_ref_seq.align_id                      1 
_struct_ref_seq.ref_id                        1 
_struct_ref_seq.pdbx_PDB_id_code              8ZNA 
_struct_ref_seq.pdbx_strand_id                A 
_struct_ref_seq.seq_align_beg                 1 
_struct_ref_seq.pdbx_seq_align_beg_ins_code   ? 
_struct_ref_seq.seq_align_end                 87 
_struct_ref_seq.pdbx_seq_align_end_ins_code   ? 
_struct_ref_seq.pdbx_db_accession             Q1D725 
_struct_ref_seq.db_align_beg                  1 
_struct_ref_seq.pdbx_db_align_beg_ins_code    ? 
_struct_ref_seq.db_align_end                  87 
_struct_ref_seq.pdbx_db_align_end_ins_code    ? 
_struct_ref_seq.pdbx_auth_seq_align_beg       1 
_struct_ref_seq.pdbx_auth_seq_align_end       87 
# 
loop_
_struct_ref_seq_dif.align_id 
_struct_ref_seq_dif.pdbx_pdb_id_code 
_struct_ref_seq_dif.mon_id 
_struct_ref_seq_dif.pdbx_pdb_strand_id 
_struct_ref_seq_dif.seq_num 
_struct_ref_seq_dif.pdbx_pdb_ins_code 
_struct_ref_seq_dif.pdbx_seq_db_name 
_struct_ref_seq_dif.pdbx_seq_db_accession_code 
_struct_ref_seq_dif.db_mon_id 
_struct_ref_seq_dif.pdbx_seq_db_seq_num 
_struct_ref_seq_dif.details 
_struct_ref_seq_dif.pdbx_auth_seq_num 
_struct_ref_seq_dif.pdbx_ordinal 
1 8ZNA GLY A 88 ? UNP Q1D725 ? ? 'expression tag' 88 1 
1 8ZNA SER A 89 ? UNP Q1D725 ? ? 'expression tag' 89 2 
1 8ZNA HIS A 90 ? UNP Q1D725 ? ? 'expression tag' 90 3 
1 8ZNA HIS A 91 ? UNP Q1D725 ? ? 'expression tag' 91 4 
1 8ZNA HIS A 92 ? UNP Q1D725 ? ? 'expression tag' 92 5 
1 8ZNA HIS A 93 ? UNP Q1D725 ? ? 'expression tag' 93 6 
1 8ZNA HIS A 94 ? UNP Q1D725 ? ? 'expression tag' 94 7 
1 8ZNA HIS A 95 ? UNP Q1D725 ? ? 'expression tag' 95 8 
# 
_pdbx_struct_assembly.id                   1 
_pdbx_struct_assembly.details              author_and_software_defined_assembly 
_pdbx_struct_assembly.method_details       ? 
_pdbx_struct_assembly.oligomeric_details   monomeric 
_pdbx_struct_assembly.oligomeric_count     1 
# 
_pdbx_struct_assembly_gen.assembly_id       1 
_pdbx_struct_assembly_gen.oper_expression   1 
_pdbx_struct_assembly_gen.asym_id_list      A,B,C 
# 
_pdbx_struct_assembly_auth_evidence.id                     1 
_pdbx_struct_assembly_auth_evidence.assembly_id            1 
_pdbx_struct_assembly_auth_evidence.experimental_support   'gel filtration' 
_pdbx_struct_assembly_auth_evidence.details                ? 
# 
_pdbx_struct_oper_list.id                   1 
_pdbx_struct_oper_list.type                 'identity operation' 
_pdbx_struct_oper_list.name                 1_555 
_pdbx_struct_oper_list.symmetry_operation   x,y,z 
_pdbx_struct_oper_list.matrix[1][1]         1.0 
_pdbx_struct_oper_list.matrix[1][2]         0.0 
_pdbx_struct_oper_list.matrix[1][3]         0.0 
_pdbx_struct_oper_list.vector[1]            0.0 
_pdbx_struct_oper_list.matrix[2][1]         0.0 
_pdbx_struct_oper_list.matrix[2][2]         1.0 
_pdbx_struct_oper_list.matrix[2][3]         0.0 
_pdbx_struct_oper_list.vector[2]            0.0 
_pdbx_struct_oper_list.matrix[3][1]         0.0 
_pdbx_struct_oper_list.matrix[3][2]         0.0 
_pdbx_struct_oper_list.matrix[3][3]         1.0 
_pdbx_struct_oper_list.vector[3]            0.0 
# 
loop_
_struct_conf.conf_type_id 
_struct_conf.id 
_struct_conf.pdbx_PDB_helix_id 
_struct_conf.beg_label_comp_id 
_struct_conf.beg_label_asym_id 
_struct_conf.beg_label_seq_id 
_struct_conf.pdbx_beg_PDB_ins_code 
_struct_conf.end_label_comp_id 
_struct_conf.end_label_asym_id 
_struct_conf.end_label_seq_id 
_struct_conf.pdbx_end_PDB_ins_code 
_struct_conf.beg_auth_comp_id 
_struct_conf.beg_auth_asym_id 
_struct_conf.beg_auth_seq_id 
_struct_conf.end_auth_comp_id 
_struct_conf.end_auth_asym_id 
_struct_conf.end_auth_seq_id 
_struct_conf.pdbx_PDB_helix_class 
_struct_conf.details 
_struct_conf.pdbx_PDB_helix_length 
HELX_P HELX_P1 AA1 THR A 2  ? ASN A 24 ? THR A 2  ASN A 24 1 ? 23 
HELX_P HELX_P2 AA2 ASN A 24 ? GLN A 34 ? ASN A 24 GLN A 34 1 ? 11 
HELX_P HELX_P3 AA3 ASN A 36 ? LEU A 41 ? ASN A 36 LEU A 41 1 ? 6  
HELX_P HELX_P4 AA4 LEU A 41 ? VAL A 56 ? LEU A 41 VAL A 56 1 ? 16 
HELX_P HELX_P5 AA5 SER A 57 ? MSE A 64 ? SER A 57 MSE A 64 1 ? 8  
HELX_P HELX_P6 AA6 ASN A 65 ? HIS A 90 ? ASN A 65 HIS A 90 1 ? 26 
# 
_struct_conf_type.id          HELX_P 
_struct_conf_type.criteria    ? 
_struct_conf_type.reference   ? 
# 
loop_
_struct_conn.id 
_struct_conn.conn_type_id 
_struct_conn.pdbx_leaving_atom_flag 
_struct_conn.pdbx_PDB_id 
_struct_conn.ptnr1_label_asym_id 
_struct_conn.ptnr1_label_comp_id 
_struct_conn.ptnr1_label_seq_id 
_struct_conn.ptnr1_label_atom_id 
_struct_conn.pdbx_ptnr1_label_alt_id 
_struct_conn.pdbx_ptnr1_PDB_ins_code 
_struct_conn.pdbx_ptnr1_standard_comp_id 
_struct_conn.ptnr1_symmetry 
_struct_conn.ptnr2_label_asym_id 
_struct_conn.ptnr2_label_comp_id 
_struct_conn.ptnr2_label_seq_id 
_struct_conn.ptnr2_label_atom_id 
_struct_conn.pdbx_ptnr2_label_alt_id 
_struct_conn.pdbx_ptnr2_PDB_ins_code 
_struct_conn.ptnr1_auth_asym_id 
_struct_conn.ptnr1_auth_comp_id 
_struct_conn.ptnr1_auth_seq_id 
_struct_conn.ptnr2_auth_asym_id 
_struct_conn.ptnr2_auth_comp_id 
_struct_conn.ptnr2_auth_seq_id 
_struct_conn.ptnr2_symmetry 
_struct_conn.pdbx_ptnr3_label_atom_id 
_struct_conn.pdbx_ptnr3_label_seq_id 
_struct_conn.pdbx_ptnr3_label_comp_id 
_struct_conn.pdbx_ptnr3_label_asym_id 
_struct_conn.pdbx_ptnr3_label_alt_id 
_struct_conn.pdbx_ptnr3_PDB_ins_code 
_struct_conn.details 
_struct_conn.pdbx_dist_value 
_struct_conn.pdbx_value_order 
_struct_conn.pdbx_role 
covale1 covale both ? A MSE 1  C ? ? ? 1_555 A THR 2  N ? ? A MSE 1  A THR 2  1_555 ? ? ? ? ? ? ? 1.315 ? ? 
covale2 covale both ? A ALA 9  C ? ? ? 1_555 A MSE 10 N ? ? A ALA 9  A MSE 10 1_555 ? ? ? ? ? ? ? 1.331 ? ? 
covale3 covale both ? A MSE 10 C ? ? ? 1_555 A ARG 11 N ? ? A MSE 10 A ARG 11 1_555 ? ? ? ? ? ? ? 1.331 ? ? 
covale4 covale both ? A LYS 63 C ? ? ? 1_555 A MSE 64 N ? ? A LYS 63 A MSE 64 1_555 ? ? ? ? ? ? ? 1.327 ? ? 
covale5 covale both ? A MSE 64 C ? ? ? 1_555 A ASN 65 N ? ? A MSE 64 A ASN 65 1_555 ? ? ? ? ? ? ? 1.314 ? ? 
# 
_struct_conn_type.id          covale 
_struct_conn_type.criteria    ? 
_struct_conn_type.reference   ? 
# 
loop_
_pdbx_modification_feature.ordinal 
_pdbx_modification_feature.label_comp_id 
_pdbx_modification_feature.label_asym_id 
_pdbx_modification_feature.label_seq_id 
_pdbx_modification_feature.label_alt_id 
_pdbx_modification_feature.modified_residue_label_comp_id 
_pdbx_modification_feature.modified_residue_label_asym_id 
_pdbx_modification_feature.modified_residue_label_seq_id 
_pdbx_modification_feature.modified_residue_label_alt_id 
_pdbx_modification_feature.auth_comp_id 
_pdbx_modification_feature.auth_asym_id 
_pdbx_modification_feature.auth_seq_id 
_pdbx_modification_feature.PDB_ins_code 
_pdbx_modification_feature.symmetry 
_pdbx_modification_feature.modified_residue_auth_comp_id 
_pdbx_modification_feature.modified_residue_auth_asym_id 
_pdbx_modification_feature.modified_residue_auth_seq_id 
_pdbx_modification_feature.modified_residue_PDB_ins_code 
_pdbx_modification_feature.modified_residue_symmetry 
_pdbx_modification_feature.comp_id_linking_atom 
_pdbx_modification_feature.modified_residue_id_linking_atom 
_pdbx_modification_feature.modified_residue_id 
_pdbx_modification_feature.ref_pcm_id 
_pdbx_modification_feature.ref_comp_id 
_pdbx_modification_feature.type 
_pdbx_modification_feature.category 
1 MSE A 1  ? . . . . MSE A 1  ? 1_555 . . . . . . . MET 1 MSE Selenomethionine 'Named protein modification' 
2 MSE A 10 ? . . . . MSE A 10 ? 1_555 . . . . . . . MET 1 MSE Selenomethionine 'Named protein modification' 
3 MSE A 64 ? . . . . MSE A 64 ? 1_555 . . . . . . . MET 1 MSE Selenomethionine 'Named protein modification' 
# 
_pdbx_entry_details.entry_id                   8ZNA 
_pdbx_entry_details.has_ligand_of_interest     Y 
_pdbx_entry_details.compound_details           ? 
_pdbx_entry_details.source_details             ? 
_pdbx_entry_details.nonpolymer_details         ? 
_pdbx_entry_details.sequence_details           ? 
_pdbx_entry_details.has_protein_modification   Y 
# 
_pdbx_validate_torsion.id              1 
_pdbx_validate_torsion.PDB_model_num   1 
_pdbx_validate_torsion.auth_comp_id    ASN 
_pdbx_validate_torsion.auth_asym_id    A 
_pdbx_validate_torsion.auth_seq_id     36 
_pdbx_validate_torsion.PDB_ins_code    ? 
_pdbx_validate_torsion.label_alt_id    ? 
_pdbx_validate_torsion.phi             -144.02 
_pdbx_validate_torsion.psi             41.92 
# 
loop_
_pdbx_struct_mod_residue.id 
_pdbx_struct_mod_residue.label_asym_id 
_pdbx_struct_mod_residue.label_comp_id 
_pdbx_struct_mod_residue.label_seq_id 
_pdbx_struct_mod_residue.auth_asym_id 
_pdbx_struct_mod_residue.auth_comp_id 
_pdbx_struct_mod_residue.auth_seq_id 
_pdbx_struct_mod_residue.PDB_ins_code 
_pdbx_struct_mod_residue.parent_comp_id 
_pdbx_struct_mod_residue.details 
1 A MSE 1  A MSE 1  ? MET 'modified residue' 
2 A MSE 10 A MSE 10 ? MET 'modified residue' 
3 A MSE 64 A MSE 64 ? MET 'modified residue' 
# 
loop_
_pdbx_unobs_or_zero_occ_residues.id 
_pdbx_unobs_or_zero_occ_residues.PDB_model_num 
_pdbx_unobs_or_zero_occ_residues.polymer_flag 
_pdbx_unobs_or_zero_occ_residues.occupancy_flag 
_pdbx_unobs_or_zero_occ_residues.auth_asym_id 
_pdbx_unobs_or_zero_occ_residues.auth_comp_id 
_pdbx_unobs_or_zero_occ_residues.auth_seq_id 
_pdbx_unobs_or_zero_occ_residues.PDB_ins_code 
_pdbx_unobs_or_zero_occ_residues.label_asym_id 
_pdbx_unobs_or_zero_occ_residues.label_comp_id 
_pdbx_unobs_or_zero_occ_residues.label_seq_id 
1 1 Y 1 A HIS 94 ? A HIS 94 
2 1 Y 1 A HIS 95 ? A HIS 95 
# 
loop_
_chem_comp_atom.comp_id 
_chem_comp_atom.atom_id 
_chem_comp_atom.type_symbol 
_chem_comp_atom.pdbx_aromatic_flag 
_chem_comp_atom.pdbx_stereo_config 
_chem_comp_atom.pdbx_ordinal 
ALA N    N  N N 1   
ALA CA   C  N S 2   
ALA C    C  N N 3   
ALA O    O  N N 4   
ALA CB   C  N N 5   
ALA OXT  O  N N 6   
ALA H    H  N N 7   
ALA H2   H  N N 8   
ALA HA   H  N N 9   
ALA HB1  H  N N 10  
ALA HB2  H  N N 11  
ALA HB3  H  N N 12  
ALA HXT  H  N N 13  
ARG N    N  N N 14  
ARG CA   C  N S 15  
ARG C    C  N N 16  
ARG O    O  N N 17  
ARG CB   C  N N 18  
ARG CG   C  N N 19  
ARG CD   C  N N 20  
ARG NE   N  N N 21  
ARG CZ   C  N N 22  
ARG NH1  N  N N 23  
ARG NH2  N  N N 24  
ARG OXT  O  N N 25  
ARG H    H  N N 26  
ARG H2   H  N N 27  
ARG HA   H  N N 28  
ARG HB2  H  N N 29  
ARG HB3  H  N N 30  
ARG HG2  H  N N 31  
ARG HG3  H  N N 32  
ARG HD2  H  N N 33  
ARG HD3  H  N N 34  
ARG HE   H  N N 35  
ARG HH11 H  N N 36  
ARG HH12 H  N N 37  
ARG HH21 H  N N 38  
ARG HH22 H  N N 39  
ARG HXT  H  N N 40  
ASN N    N  N N 41  
ASN CA   C  N S 42  
ASN C    C  N N 43  
ASN O    O  N N 44  
ASN CB   C  N N 45  
ASN CG   C  N N 46  
ASN OD1  O  N N 47  
ASN ND2  N  N N 48  
ASN OXT  O  N N 49  
ASN H    H  N N 50  
ASN H2   H  N N 51  
ASN HA   H  N N 52  
ASN HB2  H  N N 53  
ASN HB3  H  N N 54  
ASN HD21 H  N N 55  
ASN HD22 H  N N 56  
ASN HXT  H  N N 57  
ASP N    N  N N 58  
ASP CA   C  N S 59  
ASP C    C  N N 60  
ASP O    O  N N 61  
ASP CB   C  N N 62  
ASP CG   C  N N 63  
ASP OD1  O  N N 64  
ASP OD2  O  N N 65  
ASP OXT  O  N N 66  
ASP H    H  N N 67  
ASP H2   H  N N 68  
ASP HA   H  N N 69  
ASP HB2  H  N N 70  
ASP HB3  H  N N 71  
ASP HD2  H  N N 72  
ASP HXT  H  N N 73  
EDO C1   C  N N 74  
EDO O1   O  N N 75  
EDO C2   C  N N 76  
EDO O2   O  N N 77  
EDO H11  H  N N 78  
EDO H12  H  N N 79  
EDO HO1  H  N N 80  
EDO H21  H  N N 81  
EDO H22  H  N N 82  
EDO HO2  H  N N 83  
GLN N    N  N N 84  
GLN CA   C  N S 85  
GLN C    C  N N 86  
GLN O    O  N N 87  
GLN CB   C  N N 88  
GLN CG   C  N N 89  
GLN CD   C  N N 90  
GLN OE1  O  N N 91  
GLN NE2  N  N N 92  
GLN OXT  O  N N 93  
GLN H    H  N N 94  
GLN H2   H  N N 95  
GLN HA   H  N N 96  
GLN HB2  H  N N 97  
GLN HB3  H  N N 98  
GLN HG2  H  N N 99  
GLN HG3  H  N N 100 
GLN HE21 H  N N 101 
GLN HE22 H  N N 102 
GLN HXT  H  N N 103 
GLU N    N  N N 104 
GLU CA   C  N S 105 
GLU C    C  N N 106 
GLU O    O  N N 107 
GLU CB   C  N N 108 
GLU CG   C  N N 109 
GLU CD   C  N N 110 
GLU OE1  O  N N 111 
GLU OE2  O  N N 112 
GLU OXT  O  N N 113 
GLU H    H  N N 114 
GLU H2   H  N N 115 
GLU HA   H  N N 116 
GLU HB2  H  N N 117 
GLU HB3  H  N N 118 
GLU HG2  H  N N 119 
GLU HG3  H  N N 120 
GLU HE2  H  N N 121 
GLU HXT  H  N N 122 
GLY N    N  N N 123 
GLY CA   C  N N 124 
GLY C    C  N N 125 
GLY O    O  N N 126 
GLY OXT  O  N N 127 
GLY H    H  N N 128 
GLY H2   H  N N 129 
GLY HA2  H  N N 130 
GLY HA3  H  N N 131 
GLY HXT  H  N N 132 
HIS N    N  N N 133 
HIS CA   C  N S 134 
HIS C    C  N N 135 
HIS O    O  N N 136 
HIS CB   C  N N 137 
HIS CG   C  Y N 138 
HIS ND1  N  Y N 139 
HIS CD2  C  Y N 140 
HIS CE1  C  Y N 141 
HIS NE2  N  Y N 142 
HIS OXT  O  N N 143 
HIS H    H  N N 144 
HIS H2   H  N N 145 
HIS HA   H  N N 146 
HIS HB2  H  N N 147 
HIS HB3  H  N N 148 
HIS HD1  H  N N 149 
HIS HD2  H  N N 150 
HIS HE1  H  N N 151 
HIS HE2  H  N N 152 
HIS HXT  H  N N 153 
HOH O    O  N N 154 
HOH H1   H  N N 155 
HOH H2   H  N N 156 
ILE N    N  N N 157 
ILE CA   C  N S 158 
ILE C    C  N N 159 
ILE O    O  N N 160 
ILE CB   C  N S 161 
ILE CG1  C  N N 162 
ILE CG2  C  N N 163 
ILE CD1  C  N N 164 
ILE OXT  O  N N 165 
ILE H    H  N N 166 
ILE H2   H  N N 167 
ILE HA   H  N N 168 
ILE HB   H  N N 169 
ILE HG12 H  N N 170 
ILE HG13 H  N N 171 
ILE HG21 H  N N 172 
ILE HG22 H  N N 173 
ILE HG23 H  N N 174 
ILE HD11 H  N N 175 
ILE HD12 H  N N 176 
ILE HD13 H  N N 177 
ILE HXT  H  N N 178 
LEU N    N  N N 179 
LEU CA   C  N S 180 
LEU C    C  N N 181 
LEU O    O  N N 182 
LEU CB   C  N N 183 
LEU CG   C  N N 184 
LEU CD1  C  N N 185 
LEU CD2  C  N N 186 
LEU OXT  O  N N 187 
LEU H    H  N N 188 
LEU H2   H  N N 189 
LEU HA   H  N N 190 
LEU HB2  H  N N 191 
LEU HB3  H  N N 192 
LEU HG   H  N N 193 
LEU HD11 H  N N 194 
LEU HD12 H  N N 195 
LEU HD13 H  N N 196 
LEU HD21 H  N N 197 
LEU HD22 H  N N 198 
LEU HD23 H  N N 199 
LEU HXT  H  N N 200 
LYS N    N  N N 201 
LYS CA   C  N S 202 
LYS C    C  N N 203 
LYS O    O  N N 204 
LYS CB   C  N N 205 
LYS CG   C  N N 206 
LYS CD   C  N N 207 
LYS CE   C  N N 208 
LYS NZ   N  N N 209 
LYS OXT  O  N N 210 
LYS H    H  N N 211 
LYS H2   H  N N 212 
LYS HA   H  N N 213 
LYS HB2  H  N N 214 
LYS HB3  H  N N 215 
LYS HG2  H  N N 216 
LYS HG3  H  N N 217 
LYS HD2  H  N N 218 
LYS HD3  H  N N 219 
LYS HE2  H  N N 220 
LYS HE3  H  N N 221 
LYS HZ1  H  N N 222 
LYS HZ2  H  N N 223 
LYS HZ3  H  N N 224 
LYS HXT  H  N N 225 
MSE N    N  N N 226 
MSE CA   C  N S 227 
MSE C    C  N N 228 
MSE O    O  N N 229 
MSE OXT  O  N N 230 
MSE CB   C  N N 231 
MSE CG   C  N N 232 
MSE SE   SE N N 233 
MSE CE   C  N N 234 
MSE H    H  N N 235 
MSE H2   H  N N 236 
MSE HA   H  N N 237 
MSE HXT  H  N N 238 
MSE HB2  H  N N 239 
MSE HB3  H  N N 240 
MSE HG2  H  N N 241 
MSE HG3  H  N N 242 
MSE HE1  H  N N 243 
MSE HE2  H  N N 244 
MSE HE3  H  N N 245 
PHE N    N  N N 246 
PHE CA   C  N S 247 
PHE C    C  N N 248 
PHE O    O  N N 249 
PHE CB   C  N N 250 
PHE CG   C  Y N 251 
PHE CD1  C  Y N 252 
PHE CD2  C  Y N 253 
PHE CE1  C  Y N 254 
PHE CE2  C  Y N 255 
PHE CZ   C  Y N 256 
PHE OXT  O  N N 257 
PHE H    H  N N 258 
PHE H2   H  N N 259 
PHE HA   H  N N 260 
PHE HB2  H  N N 261 
PHE HB3  H  N N 262 
PHE HD1  H  N N 263 
PHE HD2  H  N N 264 
PHE HE1  H  N N 265 
PHE HE2  H  N N 266 
PHE HZ   H  N N 267 
PHE HXT  H  N N 268 
SER N    N  N N 269 
SER CA   C  N S 270 
SER C    C  N N 271 
SER O    O  N N 272 
SER CB   C  N N 273 
SER OG   O  N N 274 
SER OXT  O  N N 275 
SER H    H  N N 276 
SER H2   H  N N 277 
SER HA   H  N N 278 
SER HB2  H  N N 279 
SER HB3  H  N N 280 
SER HG   H  N N 281 
SER HXT  H  N N 282 
THR N    N  N N 283 
THR CA   C  N S 284 
THR C    C  N N 285 
THR O    O  N N 286 
THR CB   C  N R 287 
THR OG1  O  N N 288 
THR CG2  C  N N 289 
THR OXT  O  N N 290 
THR H    H  N N 291 
THR H2   H  N N 292 
THR HA   H  N N 293 
THR HB   H  N N 294 
THR HG1  H  N N 295 
THR HG21 H  N N 296 
THR HG22 H  N N 297 
THR HG23 H  N N 298 
THR HXT  H  N N 299 
TRP N    N  N N 300 
TRP CA   C  N S 301 
TRP C    C  N N 302 
TRP O    O  N N 303 
TRP CB   C  N N 304 
TRP CG   C  Y N 305 
TRP CD1  C  Y N 306 
TRP CD2  C  Y N 307 
TRP NE1  N  Y N 308 
TRP CE2  C  Y N 309 
TRP CE3  C  Y N 310 
TRP CZ2  C  Y N 311 
TRP CZ3  C  Y N 312 
TRP CH2  C  Y N 313 
TRP OXT  O  N N 314 
TRP H    H  N N 315 
TRP H2   H  N N 316 
TRP HA   H  N N 317 
TRP HB2  H  N N 318 
TRP HB3  H  N N 319 
TRP HD1  H  N N 320 
TRP HE1  H  N N 321 
TRP HE3  H  N N 322 
TRP HZ2  H  N N 323 
TRP HZ3  H  N N 324 
TRP HH2  H  N N 325 
TRP HXT  H  N N 326 
TYR N    N  N N 327 
TYR CA   C  N S 328 
TYR C    C  N N 329 
TYR O    O  N N 330 
TYR CB   C  N N 331 
TYR CG   C  Y N 332 
TYR CD1  C  Y N 333 
TYR CD2  C  Y N 334 
TYR CE1  C  Y N 335 
TYR CE2  C  Y N 336 
TYR CZ   C  Y N 337 
TYR OH   O  N N 338 
TYR OXT  O  N N 339 
TYR H    H  N N 340 
TYR H2   H  N N 341 
TYR HA   H  N N 342 
TYR HB2  H  N N 343 
TYR HB3  H  N N 344 
TYR HD1  H  N N 345 
TYR HD2  H  N N 346 
TYR HE1  H  N N 347 
TYR HE2  H  N N 348 
TYR HH   H  N N 349 
TYR HXT  H  N N 350 
VAL N    N  N N 351 
VAL CA   C  N S 352 
VAL C    C  N N 353 
VAL O    O  N N 354 
VAL CB   C  N N 355 
VAL CG1  C  N N 356 
VAL CG2  C  N N 357 
VAL OXT  O  N N 358 
VAL H    H  N N 359 
VAL H2   H  N N 360 
VAL HA   H  N N 361 
VAL HB   H  N N 362 
VAL HG11 H  N N 363 
VAL HG12 H  N N 364 
VAL HG13 H  N N 365 
VAL HG21 H  N N 366 
VAL HG22 H  N N 367 
VAL HG23 H  N N 368 
VAL HXT  H  N N 369 
# 
loop_
_chem_comp_bond.comp_id 
_chem_comp_bond.atom_id_1 
_chem_comp_bond.atom_id_2 
_chem_comp_bond.value_order 
_chem_comp_bond.pdbx_aromatic_flag 
_chem_comp_bond.pdbx_stereo_config 
_chem_comp_bond.pdbx_ordinal 
ALA N   CA   sing N N 1   
ALA N   H    sing N N 2   
ALA N   H2   sing N N 3   
ALA CA  C    sing N N 4   
ALA CA  CB   sing N N 5   
ALA CA  HA   sing N N 6   
ALA C   O    doub N N 7   
ALA C   OXT  sing N N 8   
ALA CB  HB1  sing N N 9   
ALA CB  HB2  sing N N 10  
ALA CB  HB3  sing N N 11  
ALA OXT HXT  sing N N 12  
ARG N   CA   sing N N 13  
ARG N   H    sing N N 14  
ARG N   H2   sing N N 15  
ARG CA  C    sing N N 16  
ARG CA  CB   sing N N 17  
ARG CA  HA   sing N N 18  
ARG C   O    doub N N 19  
ARG C   OXT  sing N N 20  
ARG CB  CG   sing N N 21  
ARG CB  HB2  sing N N 22  
ARG CB  HB3  sing N N 23  
ARG CG  CD   sing N N 24  
ARG CG  HG2  sing N N 25  
ARG CG  HG3  sing N N 26  
ARG CD  NE   sing N N 27  
ARG CD  HD2  sing N N 28  
ARG CD  HD3  sing N N 29  
ARG NE  CZ   sing N N 30  
ARG NE  HE   sing N N 31  
ARG CZ  NH1  sing N N 32  
ARG CZ  NH2  doub N N 33  
ARG NH1 HH11 sing N N 34  
ARG NH1 HH12 sing N N 35  
ARG NH2 HH21 sing N N 36  
ARG NH2 HH22 sing N N 37  
ARG OXT HXT  sing N N 38  
ASN N   CA   sing N N 39  
ASN N   H    sing N N 40  
ASN N   H2   sing N N 41  
ASN CA  C    sing N N 42  
ASN CA  CB   sing N N 43  
ASN CA  HA   sing N N 44  
ASN C   O    doub N N 45  
ASN C   OXT  sing N N 46  
ASN CB  CG   sing N N 47  
ASN CB  HB2  sing N N 48  
ASN CB  HB3  sing N N 49  
ASN CG  OD1  doub N N 50  
ASN CG  ND2  sing N N 51  
ASN ND2 HD21 sing N N 52  
ASN ND2 HD22 sing N N 53  
ASN OXT HXT  sing N N 54  
ASP N   CA   sing N N 55  
ASP N   H    sing N N 56  
ASP N   H2   sing N N 57  
ASP CA  C    sing N N 58  
ASP CA  CB   sing N N 59  
ASP CA  HA   sing N N 60  
ASP C   O    doub N N 61  
ASP C   OXT  sing N N 62  
ASP CB  CG   sing N N 63  
ASP CB  HB2  sing N N 64  
ASP CB  HB3  sing N N 65  
ASP CG  OD1  doub N N 66  
ASP CG  OD2  sing N N 67  
ASP OD2 HD2  sing N N 68  
ASP OXT HXT  sing N N 69  
EDO C1  O1   sing N N 70  
EDO C1  C2   sing N N 71  
EDO C1  H11  sing N N 72  
EDO C1  H12  sing N N 73  
EDO O1  HO1  sing N N 74  
EDO C2  O2   sing N N 75  
EDO C2  H21  sing N N 76  
EDO C2  H22  sing N N 77  
EDO O2  HO2  sing N N 78  
GLN N   CA   sing N N 79  
GLN N   H    sing N N 80  
GLN N   H2   sing N N 81  
GLN CA  C    sing N N 82  
GLN CA  CB   sing N N 83  
GLN CA  HA   sing N N 84  
GLN C   O    doub N N 85  
GLN C   OXT  sing N N 86  
GLN CB  CG   sing N N 87  
GLN CB  HB2  sing N N 88  
GLN CB  HB3  sing N N 89  
GLN CG  CD   sing N N 90  
GLN CG  HG2  sing N N 91  
GLN CG  HG3  sing N N 92  
GLN CD  OE1  doub N N 93  
GLN CD  NE2  sing N N 94  
GLN NE2 HE21 sing N N 95  
GLN NE2 HE22 sing N N 96  
GLN OXT HXT  sing N N 97  
GLU N   CA   sing N N 98  
GLU N   H    sing N N 99  
GLU N   H2   sing N N 100 
GLU CA  C    sing N N 101 
GLU CA  CB   sing N N 102 
GLU CA  HA   sing N N 103 
GLU C   O    doub N N 104 
GLU C   OXT  sing N N 105 
GLU CB  CG   sing N N 106 
GLU CB  HB2  sing N N 107 
GLU CB  HB3  sing N N 108 
GLU CG  CD   sing N N 109 
GLU CG  HG2  sing N N 110 
GLU CG  HG3  sing N N 111 
GLU CD  OE1  doub N N 112 
GLU CD  OE2  sing N N 113 
GLU OE2 HE2  sing N N 114 
GLU OXT HXT  sing N N 115 
GLY N   CA   sing N N 116 
GLY N   H    sing N N 117 
GLY N   H2   sing N N 118 
GLY CA  C    sing N N 119 
GLY CA  HA2  sing N N 120 
GLY CA  HA3  sing N N 121 
GLY C   O    doub N N 122 
GLY C   OXT  sing N N 123 
GLY OXT HXT  sing N N 124 
HIS N   CA   sing N N 125 
HIS N   H    sing N N 126 
HIS N   H2   sing N N 127 
HIS CA  C    sing N N 128 
HIS CA  CB   sing N N 129 
HIS CA  HA   sing N N 130 
HIS C   O    doub N N 131 
HIS C   OXT  sing N N 132 
HIS CB  CG   sing N N 133 
HIS CB  HB2  sing N N 134 
HIS CB  HB3  sing N N 135 
HIS CG  ND1  sing Y N 136 
HIS CG  CD2  doub Y N 137 
HIS ND1 CE1  doub Y N 138 
HIS ND1 HD1  sing N N 139 
HIS CD2 NE2  sing Y N 140 
HIS CD2 HD2  sing N N 141 
HIS CE1 NE2  sing Y N 142 
HIS CE1 HE1  sing N N 143 
HIS NE2 HE2  sing N N 144 
HIS OXT HXT  sing N N 145 
HOH O   H1   sing N N 146 
HOH O   H2   sing N N 147 
ILE N   CA   sing N N 148 
ILE N   H    sing N N 149 
ILE N   H2   sing N N 150 
ILE CA  C    sing N N 151 
ILE CA  CB   sing N N 152 
ILE CA  HA   sing N N 153 
ILE C   O    doub N N 154 
ILE C   OXT  sing N N 155 
ILE CB  CG1  sing N N 156 
ILE CB  CG2  sing N N 157 
ILE CB  HB   sing N N 158 
ILE CG1 CD1  sing N N 159 
ILE CG1 HG12 sing N N 160 
ILE CG1 HG13 sing N N 161 
ILE CG2 HG21 sing N N 162 
ILE CG2 HG22 sing N N 163 
ILE CG2 HG23 sing N N 164 
ILE CD1 HD11 sing N N 165 
ILE CD1 HD12 sing N N 166 
ILE CD1 HD13 sing N N 167 
ILE OXT HXT  sing N N 168 
LEU N   CA   sing N N 169 
LEU N   H    sing N N 170 
LEU N   H2   sing N N 171 
LEU CA  C    sing N N 172 
LEU CA  CB   sing N N 173 
LEU CA  HA   sing N N 174 
LEU C   O    doub N N 175 
LEU C   OXT  sing N N 176 
LEU CB  CG   sing N N 177 
LEU CB  HB2  sing N N 178 
LEU CB  HB3  sing N N 179 
LEU CG  CD1  sing N N 180 
LEU CG  CD2  sing N N 181 
LEU CG  HG   sing N N 182 
LEU CD1 HD11 sing N N 183 
LEU CD1 HD12 sing N N 184 
LEU CD1 HD13 sing N N 185 
LEU CD2 HD21 sing N N 186 
LEU CD2 HD22 sing N N 187 
LEU CD2 HD23 sing N N 188 
LEU OXT HXT  sing N N 189 
LYS N   CA   sing N N 190 
LYS N   H    sing N N 191 
LYS N   H2   sing N N 192 
LYS CA  C    sing N N 193 
LYS CA  CB   sing N N 194 
LYS CA  HA   sing N N 195 
LYS C   O    doub N N 196 
LYS C   OXT  sing N N 197 
LYS CB  CG   sing N N 198 
LYS CB  HB2  sing N N 199 
LYS CB  HB3  sing N N 200 
LYS CG  CD   sing N N 201 
LYS CG  HG2  sing N N 202 
LYS CG  HG3  sing N N 203 
LYS CD  CE   sing N N 204 
LYS CD  HD2  sing N N 205 
LYS CD  HD3  sing N N 206 
LYS CE  NZ   sing N N 207 
LYS CE  HE2  sing N N 208 
LYS CE  HE3  sing N N 209 
LYS NZ  HZ1  sing N N 210 
LYS NZ  HZ2  sing N N 211 
LYS NZ  HZ3  sing N N 212 
LYS OXT HXT  sing N N 213 
MSE N   CA   sing N N 214 
MSE N   H    sing N N 215 
MSE N   H2   sing N N 216 
MSE CA  C    sing N N 217 
MSE CA  CB   sing N N 218 
MSE CA  HA   sing N N 219 
MSE C   O    doub N N 220 
MSE C   OXT  sing N N 221 
MSE OXT HXT  sing N N 222 
MSE CB  CG   sing N N 223 
MSE CB  HB2  sing N N 224 
MSE CB  HB3  sing N N 225 
MSE CG  SE   sing N N 226 
MSE CG  HG2  sing N N 227 
MSE CG  HG3  sing N N 228 
MSE SE  CE   sing N N 229 
MSE CE  HE1  sing N N 230 
MSE CE  HE2  sing N N 231 
MSE CE  HE3  sing N N 232 
PHE N   CA   sing N N 233 
PHE N   H    sing N N 234 
PHE N   H2   sing N N 235 
PHE CA  C    sing N N 236 
PHE CA  CB   sing N N 237 
PHE CA  HA   sing N N 238 
PHE C   O    doub N N 239 
PHE C   OXT  sing N N 240 
PHE CB  CG   sing N N 241 
PHE CB  HB2  sing N N 242 
PHE CB  HB3  sing N N 243 
PHE CG  CD1  doub Y N 244 
PHE CG  CD2  sing Y N 245 
PHE CD1 CE1  sing Y N 246 
PHE CD1 HD1  sing N N 247 
PHE CD2 CE2  doub Y N 248 
PHE CD2 HD2  sing N N 249 
PHE CE1 CZ   doub Y N 250 
PHE CE1 HE1  sing N N 251 
PHE CE2 CZ   sing Y N 252 
PHE CE2 HE2  sing N N 253 
PHE CZ  HZ   sing N N 254 
PHE OXT HXT  sing N N 255 
SER N   CA   sing N N 256 
SER N   H    sing N N 257 
SER N   H2   sing N N 258 
SER CA  C    sing N N 259 
SER CA  CB   sing N N 260 
SER CA  HA   sing N N 261 
SER C   O    doub N N 262 
SER C   OXT  sing N N 263 
SER CB  OG   sing N N 264 
SER CB  HB2  sing N N 265 
SER CB  HB3  sing N N 266 
SER OG  HG   sing N N 267 
SER OXT HXT  sing N N 268 
THR N   CA   sing N N 269 
THR N   H    sing N N 270 
THR N   H2   sing N N 271 
THR CA  C    sing N N 272 
THR CA  CB   sing N N 273 
THR CA  HA   sing N N 274 
THR C   O    doub N N 275 
THR C   OXT  sing N N 276 
THR CB  OG1  sing N N 277 
THR CB  CG2  sing N N 278 
THR CB  HB   sing N N 279 
THR OG1 HG1  sing N N 280 
THR CG2 HG21 sing N N 281 
THR CG2 HG22 sing N N 282 
THR CG2 HG23 sing N N 283 
THR OXT HXT  sing N N 284 
TRP N   CA   sing N N 285 
TRP N   H    sing N N 286 
TRP N   H2   sing N N 287 
TRP CA  C    sing N N 288 
TRP CA  CB   sing N N 289 
TRP CA  HA   sing N N 290 
TRP C   O    doub N N 291 
TRP C   OXT  sing N N 292 
TRP CB  CG   sing N N 293 
TRP CB  HB2  sing N N 294 
TRP CB  HB3  sing N N 295 
TRP CG  CD1  doub Y N 296 
TRP CG  CD2  sing Y N 297 
TRP CD1 NE1  sing Y N 298 
TRP CD1 HD1  sing N N 299 
TRP CD2 CE2  doub Y N 300 
TRP CD2 CE3  sing Y N 301 
TRP NE1 CE2  sing Y N 302 
TRP NE1 HE1  sing N N 303 
TRP CE2 CZ2  sing Y N 304 
TRP CE3 CZ3  doub Y N 305 
TRP CE3 HE3  sing N N 306 
TRP CZ2 CH2  doub Y N 307 
TRP CZ2 HZ2  sing N N 308 
TRP CZ3 CH2  sing Y N 309 
TRP CZ3 HZ3  sing N N 310 
TRP CH2 HH2  sing N N 311 
TRP OXT HXT  sing N N 312 
TYR N   CA   sing N N 313 
TYR N   H    sing N N 314 
TYR N   H2   sing N N 315 
TYR CA  C    sing N N 316 
TYR CA  CB   sing N N 317 
TYR CA  HA   sing N N 318 
TYR C   O    doub N N 319 
TYR C   OXT  sing N N 320 
TYR CB  CG   sing N N 321 
TYR CB  HB2  sing N N 322 
TYR CB  HB3  sing N N 323 
TYR CG  CD1  doub Y N 324 
TYR CG  CD2  sing Y N 325 
TYR CD1 CE1  sing Y N 326 
TYR CD1 HD1  sing N N 327 
TYR CD2 CE2  doub Y N 328 
TYR CD2 HD2  sing N N 329 
TYR CE1 CZ   doub Y N 330 
TYR CE1 HE1  sing N N 331 
TYR CE2 CZ   sing Y N 332 
TYR CE2 HE2  sing N N 333 
TYR CZ  OH   sing N N 334 
TYR OH  HH   sing N N 335 
TYR OXT HXT  sing N N 336 
VAL N   CA   sing N N 337 
VAL N   H    sing N N 338 
VAL N   H2   sing N N 339 
VAL CA  C    sing N N 340 
VAL CA  CB   sing N N 341 
VAL CA  HA   sing N N 342 
VAL C   O    doub N N 343 
VAL C   OXT  sing N N 344 
VAL CB  CG1  sing N N 345 
VAL CB  CG2  sing N N 346 
VAL CB  HB   sing N N 347 
VAL CG1 HG11 sing N N 348 
VAL CG1 HG12 sing N N 349 
VAL CG1 HG13 sing N N 350 
VAL CG2 HG21 sing N N 351 
VAL CG2 HG22 sing N N 352 
VAL CG2 HG23 sing N N 353 
VAL OXT HXT  sing N N 354 
# 
_pdbx_audit_support.funding_organization   'Department of Science & Technology (DST, India)' 
_pdbx_audit_support.country                India 
_pdbx_audit_support.grant_number           'CEFIPRA 5803-B' 
_pdbx_audit_support.ordinal                1 
# 
_atom_sites.entry_id                    8ZNA 
_atom_sites.Cartn_transf_matrix[1][1]   ? 
_atom_sites.Cartn_transf_matrix[1][2]   ? 
_atom_sites.Cartn_transf_matrix[1][3]   ? 
_atom_sites.Cartn_transf_matrix[2][1]   ? 
_atom_sites.Cartn_transf_matrix[2][2]   ? 
_atom_sites.Cartn_transf_matrix[2][3]   ? 
_atom_sites.Cartn_transf_matrix[3][1]   ? 
_atom_sites.Cartn_transf_matrix[3][2]   ? 
_atom_sites.Cartn_transf_matrix[3][3]   ? 
_atom_sites.Cartn_transf_vector[1]      ? 
_atom_sites.Cartn_transf_vector[2]      ? 
_atom_sites.Cartn_transf_vector[3]      ? 
_atom_sites.Cartn_transform_axes        ? 
_atom_sites.fract_transf_matrix[1][1]   -0.02394660 
_atom_sites.fract_transf_matrix[1][2]   0.00749073 
_atom_sites.fract_transf_matrix[1][3]   0.01650910 
_atom_sites.fract_transf_matrix[2][1]   0.01075411 
_atom_sites.fract_transf_matrix[2][2]   0.00656316 
_atom_sites.fract_transf_matrix[2][3]   0.01262101 
_atom_sites.fract_transf_matrix[3][1]   -0.00037580 
_atom_sites.fract_transf_matrix[3][2]   0.01305452 
_atom_sites.fract_transf_matrix[3][3]   -0.00646837 
_atom_sites.fract_transf_vector[1]      0.391374 
_atom_sites.fract_transf_vector[2]      0.769259 
_atom_sites.fract_transf_vector[3]      0.348661 
_atom_sites.solution_primary            ? 
_atom_sites.solution_secondary          ? 
_atom_sites.solution_hydrogens          ? 
_atom_sites.special_details             ? 
# 
loop_
_atom_type.symbol 
C  
H  
N  
O  
S  
SE 
# 
loop_
_atom_site.group_PDB 
_atom_site.id 
_atom_site.type_symbol 
_atom_site.label_atom_id 
_atom_site.label_alt_id 
_atom_site.label_comp_id 
_atom_site.label_asym_id 
_atom_site.label_entity_id 
_atom_site.label_seq_id 
_atom_site.pdbx_PDB_ins_code 
_atom_site.Cartn_x 
_atom_site.Cartn_y 
_atom_site.Cartn_z 
_atom_site.occupancy 
_atom_site.B_iso_or_equiv 
_atom_site.pdbx_formal_charge 
_atom_site.auth_seq_id 
_atom_site.auth_comp_id 
_atom_site.auth_asym_id 
_atom_site.auth_atom_id 
_atom_site.pdbx_PDB_model_num 
HETATM 1   N  N   . MSE A 1 1  ? 23.834  -3.801  6.635   1.00 35.49 ? 1   MSE A N   1 
HETATM 2   C  CA  . MSE A 1 1  ? 22.861  -2.786  6.229   1.00 42.46 ? 1   MSE A CA  1 
HETATM 3   C  C   . MSE A 1 1  ? 23.212  -1.464  6.844   1.00 42.53 ? 1   MSE A C   1 
HETATM 4   O  O   . MSE A 1 1  ? 23.562  -1.401  8.010   1.00 50.20 ? 1   MSE A O   1 
HETATM 5   C  CB  . MSE A 1 1  ? 21.455  -3.168  6.656   1.00 41.30 ? 1   MSE A CB  1 
HETATM 6   C  CG  . MSE A 1 1  ? 21.011  -4.556  6.263   1.00 56.50 ? 1   MSE A CG  1 
HETATM 7   SE SE  . MSE A 1 1  ? 19.258  -4.951  7.096   1.00 69.19 ? 1   MSE A SE  1 
HETATM 8   C  CE  . MSE A 1 1  ? 19.846  -5.166  8.966   1.00 61.43 ? 1   MSE A CE  1 
ATOM   9   N  N   . THR A 1 2  ? 23.136  -0.395  6.082   1.00 37.50 ? 2   THR A N   1 
ATOM   10  C  CA  . THR A 1 2  ? 23.423  0.911   6.642   1.00 36.49 ? 2   THR A CA  1 
ATOM   11  C  C   . THR A 1 2  ? 22.119  1.669   6.863   1.00 40.72 ? 2   THR A C   1 
ATOM   12  O  O   . THR A 1 2  ? 21.065  1.320   6.324   1.00 32.87 ? 2   THR A O   1 
ATOM   13  C  CB  . THR A 1 2  ? 24.354  1.696   5.727   1.00 33.72 ? 2   THR A CB  1 
ATOM   14  O  OG1 . THR A 1 2  ? 23.658  2.019   4.520   1.00 35.83 ? 2   THR A OG1 1 
ATOM   15  C  CG2 . THR A 1 2  ? 25.620  0.841   5.381   1.00 33.34 ? 2   THR A CG2 1 
ATOM   16  N  N   . ASP A 1 3  ? 22.194  2.703   7.698   1.00 38.58 ? 3   ASP A N   1 
ATOM   17  C  CA  . ASP A 1 3  ? 21.015  3.537   7.898   1.00 41.97 ? 3   ASP A CA  1 
ATOM   18  C  C   . ASP A 1 3  ? 20.571  4.168   6.590   1.00 36.38 ? 3   ASP A C   1 
ATOM   19  O  O   . ASP A 1 3  ? 19.374  4.348   6.362   1.00 32.23 ? 3   ASP A O   1 
ATOM   20  C  CB  . ASP A 1 3  ? 21.293  4.622   8.937   1.00 45.15 ? 3   ASP A CB  1 
ATOM   21  C  CG  . ASP A 1 3  ? 21.140  4.117   10.365  1.00 54.15 ? 3   ASP A CG  1 
ATOM   22  O  OD1 . ASP A 1 3  ? 20.799  2.928   10.554  1.00 57.51 ? 3   ASP A OD1 1 
ATOM   23  O  OD2 . ASP A 1 3  ? 21.367  4.915   11.302  1.00 67.92 ? 3   ASP A OD2 1 
ATOM   24  N  N   . GLU A 1 4  ? 21.514  4.516   5.725   1.00 31.86 ? 4   GLU A N   1 
ATOM   25  C  CA  . GLU A 1 4  ? 21.150  5.148   4.457   1.00 37.49 ? 4   GLU A CA  1 
ATOM   26  C  C   . GLU A 1 4  ? 20.474  4.153   3.510   1.00 32.34 ? 4   GLU A C   1 
ATOM   27  O  O   . GLU A 1 4  ? 19.559  4.524   2.757   1.00 33.92 ? 4   GLU A O   1 
ATOM   28  C  CB  . GLU A 1 4  ? 22.399  5.757   3.815   1.00 36.85 ? 4   GLU A CB  1 
ATOM   29  C  CG  . GLU A 1 4  ? 23.127  6.823   4.679   1.00 53.27 ? 4   GLU A CG  1 
ATOM   30  C  CD  . GLU A 1 4  ? 23.680  6.331   6.061   1.00 66.16 ? 4   GLU A CD  1 
ATOM   31  O  OE1 . GLU A 1 4  ? 24.183  5.184   6.206   1.00 48.03 ? 4   GLU A OE1 1 
ATOM   32  O  OE2 . GLU A 1 4  ? 23.617  7.129   7.027   1.00 72.78 ? 4   GLU A OE2 1 
ATOM   33  N  N   . GLU A 1 5  ? 20.904  2.889   3.529   1.00 28.84 ? 5   GLU A N   1 
ATOM   34  C  CA  . GLU A 1 5  ? 20.221  1.870   2.729   1.00 29.12 ? 5   GLU A CA  1 
ATOM   35  C  C   . GLU A 1 5  ? 18.812  1.629   3.251   1.00 28.95 ? 5   GLU A C   1 
ATOM   36  O  O   . GLU A 1 5  ? 17.873  1.459   2.463   1.00 22.85 ? 5   GLU A O   1 
ATOM   37  C  CB  . GLU A 1 5  ? 21.013  0.557   2.718   1.00 28.75 ? 5   GLU A CB  1 
ATOM   38  C  CG  . GLU A 1 5  ? 22.316  0.618   1.924   1.00 33.29 ? 5   GLU A CG  1 
ATOM   39  C  CD  . GLU A 1 5  ? 23.193  -0.589  2.140   1.00 40.04 ? 5   GLU A CD  1 
ATOM   40  O  OE1 . GLU A 1 5  ? 22.935  -1.356  3.095   1.00 42.82 ? 5   GLU A OE1 1 
ATOM   41  O  OE2 . GLU A 1 5  ? 24.149  -0.758  1.367   1.00 48.35 ? 5   GLU A OE2 1 
ATOM   42  N  N   . LYS A 1 6  ? 18.647  1.627   4.580   1.00 27.74 ? 6   LYS A N   1 
ATOM   43  C  CA  . LYS A 1 6  ? 17.329  1.440   5.180   1.00 30.72 ? 6   LYS A CA  1 
ATOM   44  C  C   . LYS A 1 6  ? 16.405  2.598   4.857   1.00 28.30 ? 6   LYS A C   1 
ATOM   45  O  O   . LYS A 1 6  ? 15.225  2.389   4.573   1.00 24.22 ? 6   LYS A O   1 
ATOM   46  C  CB  . LYS A 1 6  ? 17.440  1.263   6.701   1.00 29.94 ? 6   LYS A CB  1 
ATOM   47  C  CG  . LYS A 1 6  ? 17.988  -0.096  7.108   1.00 30.03 ? 6   LYS A CG  1 
ATOM   48  C  CD  . LYS A 1 6  ? 18.063  -0.150  8.609   1.00 32.82 ? 6   LYS A CD  1 
ATOM   49  C  CE  . LYS A 1 6  ? 18.808  -1.370  9.085   1.00 43.47 ? 6   LYS A CE  1 
ATOM   50  N  NZ  . LYS A 1 6  ? 19.001  -1.293  10.568  1.00 46.29 ? 6   LYS A NZ  1 
ATOM   51  N  N   . VAL A 1 7  ? 16.926  3.820   4.865   1.00 25.89 ? 7   VAL A N   1 
ATOM   52  C  CA  . VAL A 1 7  ? 16.108  4.984   4.533   1.00 34.62 ? 7   VAL A CA  1 
ATOM   53  C  C   . VAL A 1 7  ? 15.631  4.922   3.084   1.00 28.25 ? 7   VAL A C   1 
ATOM   54  O  O   . VAL A 1 7  ? 14.464  5.206   2.780   1.00 26.61 ? 7   VAL A O   1 
ATOM   55  C  CB  . VAL A 1 7  ? 16.888  6.276   4.812   1.00 36.58 ? 7   VAL A CB  1 
ATOM   56  C  CG1 . VAL A 1 7  ? 16.171  7.462   4.177   1.00 35.83 ? 7   VAL A CG1 1 
ATOM   57  C  CG2 . VAL A 1 7  ? 17.067  6.484   6.334   1.00 33.20 ? 7   VAL A CG2 1 
ATOM   58  N  N   . LYS A 1 8  ? 16.525  4.582   2.164   1.00 25.13 ? 8   LYS A N   1 
ATOM   59  C  CA  . LYS A 1 8  ? 16.132  4.508   0.767   1.00 27.13 ? 8   LYS A CA  1 
ATOM   60  C  C   . LYS A 1 8  ? 15.122  3.396   0.546   1.00 27.41 ? 8   LYS A C   1 
ATOM   61  O  O   . LYS A 1 8  ? 14.217  3.528   -0.292  1.00 25.66 ? 8   LYS A O   1 
ATOM   62  C  CB  . LYS A 1 8  ? 17.355  4.286   -0.130  1.00 29.88 ? 8   LYS A CB  1 
ATOM   63  C  CG  . LYS A 1 8  ? 18.156  5.538   -0.441  1.00 40.03 ? 8   LYS A CG  1 
ATOM   64  C  CD  . LYS A 1 8  ? 19.410  5.174   -1.267  1.00 49.71 ? 8   LYS A CD  1 
ATOM   65  C  CE  . LYS A 1 8  ? 19.974  6.398   -1.974  1.00 62.92 ? 8   LYS A CE  1 
ATOM   66  N  NZ  . LYS A 1 8  ? 19.936  7.596   -1.089  1.00 70.60 ? 8   LYS A NZ  1 
ATOM   67  N  N   . ALA A 1 9  ? 15.298  2.267   1.237   1.00 24.95 ? 9   ALA A N   1 
ATOM   68  C  CA  . ALA A 1 9  ? 14.382  1.150   1.046   1.00 25.13 ? 9   ALA A CA  1 
ATOM   69  C  C   . ALA A 1 9  ? 13.008  1.469   1.605   1.00 24.12 ? 9   ALA A C   1 
ATOM   70  O  O   . ALA A 1 9  ? 11.994  1.127   0.992   1.00 22.13 ? 9   ALA A O   1 
ATOM   71  C  CB  . ALA A 1 9  ? 14.929  -0.126  1.686   1.00 21.77 ? 9   ALA A CB  1 
HETATM 72  N  N   . MSE A 1 10 ? 12.940  2.144   2.751   1.00 20.36 ? 10  MSE A N   1 
HETATM 73  C  CA  . MSE A 1 10 ? 11.643  2.498   3.304   1.00 24.60 ? 10  MSE A CA  1 
HETATM 74  C  C   . MSE A 1 10 ? 10.984  3.500   2.390   1.00 22.16 ? 10  MSE A C   1 
HETATM 75  O  O   . MSE A 1 10 ? 9.783   3.467   2.195   1.00 22.91 ? 10  MSE A O   1 
HETATM 76  C  CB  . MSE A 1 10 ? 11.784  3.079   4.720   1.00 26.58 ? 10  MSE A CB  1 
HETATM 77  C  CG  . MSE A 1 10 ? 11.849  2.060   5.839   1.00 38.84 ? 10  MSE A CG  1 
HETATM 78  SE SE  . MSE A 1 10 ? 11.849  2.999   7.589   0.45 45.74 ? 10  MSE A SE  1 
HETATM 79  C  CE  . MSE A 1 10 ? 13.678  3.582   7.566   1.00 36.97 ? 10  MSE A CE  1 
ATOM   80  N  N   . ARG A 1 11 ? 11.770  4.438   1.866   1.00 23.20 ? 11  ARG A N   1 
ATOM   81  C  CA  . ARG A 1 11 ? 11.189  5.425   0.960   1.00 24.70 ? 11  ARG A CA  1 
ATOM   82  C  C   . ARG A 1 11 ? 10.617  4.758   -0.293  1.00 22.41 ? 11  ARG A C   1 
ATOM   83  O  O   . ARG A 1 11 ? 9.561   5.161   -0.781  1.00 22.20 ? 11  ARG A O   1 
ATOM   84  C  CB  . ARG A 1 11 ? 12.236  6.463   0.572   1.00 28.62 ? 11  ARG A CB  1 
ATOM   85  C  CG  . ARG A 1 11 ? 11.679  7.547   -0.301  1.00 37.70 ? 11  ARG A CG  1 
ATOM   86  C  CD  . ARG A 1 11 ? 12.636  8.736   -0.456  1.00 43.21 ? 11  ARG A CD  1 
ATOM   87  N  NE  . ARG A 1 11 ? 13.782  8.402   -1.291  1.00 55.13 ? 11  ARG A NE  1 
ATOM   88  C  CZ  . ARG A 1 11 ? 15.048  8.586   -0.930  1.00 59.25 ? 11  ARG A CZ  1 
ATOM   89  N  NH1 . ARG A 1 11 ? 15.324  9.117   0.259   1.00 53.49 ? 11  ARG A NH1 1 
ATOM   90  N  NH2 . ARG A 1 11 ? 16.029  8.244   -1.764  1.00 51.88 ? 11  ARG A NH2 1 
ATOM   91  N  N   . LEU A 1 12 ? 11.313  3.738   -0.829  1.00 22.37 ? 12  LEU A N   1 
ATOM   92  C  CA  . LEU A 1 12 ? 10.819  3.022   -2.003  1.00 23.95 ? 12  LEU A CA  1 
ATOM   93  C  C   . LEU A 1 12 ? 9.573   2.229   -1.676  1.00 21.51 ? 12  LEU A C   1 
ATOM   94  O  O   . LEU A 1 12 ? 8.624   2.181   -2.477  1.00 20.25 ? 12  LEU A O   1 
ATOM   95  C  CB  . LEU A 1 12 ? 11.892  2.074   -2.547  1.00 23.48 ? 12  LEU A CB  1 
ATOM   96  C  CG  . LEU A 1 12 ? 11.504  1.143   -3.712  1.00 25.32 ? 12  LEU A CG  1 
ATOM   97  C  CD1 . LEU A 1 12 ? 11.085  1.959   -4.905  1.00 26.19 ? 12  LEU A CD1 1 
ATOM   98  C  CD2 . LEU A 1 12 ? 12.711  0.226   -4.093  1.00 21.84 ? 12  LEU A CD2 1 
ATOM   99  N  N   . ALA A 1 13 ? 9.567   1.546   -0.532  1.00 20.76 ? 13  ALA A N   1 
ATOM   100 C  CA  . ALA A 1 13 ? 8.366   0.812   -0.148  1.00 21.50 ? 13  ALA A CA  1 
ATOM   101 C  C   . ALA A 1 13 ? 7.160   1.745   -0.064  1.00 21.96 ? 13  ALA A C   1 
ATOM   102 O  O   . ALA A 1 13 ? 6.055   1.403   -0.528  1.00 20.62 ? 13  ALA A O   1 
ATOM   103 C  CB  . ALA A 1 13 ? 8.618   0.108   1.185   1.00 22.33 ? 13  ALA A CB  1 
ATOM   104 N  N   . ARG A 1 14 ? 7.347   2.924   0.526   1.00 22.12 ? 14  ARG A N   1 
ATOM   105 C  CA  A ARG A 1 14 ? 6.242   3.869   0.672   0.60 21.28 ? 14  ARG A CA  1 
ATOM   106 C  CA  B ARG A 1 14 ? 6.242   3.864   0.671   0.40 21.01 ? 14  ARG A CA  1 
ATOM   107 C  C   . ARG A 1 14 ? 5.808   4.422   -0.679  1.00 23.29 ? 14  ARG A C   1 
ATOM   108 O  O   . ARG A 1 14 ? 4.619   4.636   -0.909  1.00 22.34 ? 14  ARG A O   1 
ATOM   109 C  CB  A ARG A 1 14 ? 6.639   5.009   1.609   0.60 23.03 ? 14  ARG A CB  1 
ATOM   110 C  CB  B ARG A 1 14 ? 6.642   4.988   1.622   0.40 23.07 ? 14  ARG A CB  1 
ATOM   111 C  CG  A ARG A 1 14 ? 6.537   4.650   3.110   0.60 24.99 ? 14  ARG A CG  1 
ATOM   112 C  CG  B ARG A 1 14 ? 6.615   4.559   3.095   0.40 25.02 ? 14  ARG A CG  1 
ATOM   113 C  CD  A ARG A 1 14 ? 6.633   5.910   4.017   0.60 28.23 ? 14  ARG A CD  1 
ATOM   114 C  CD  B ARG A 1 14 ? 7.357   5.548   4.001   0.40 29.01 ? 14  ARG A CD  1 
ATOM   115 N  NE  A ARG A 1 14 ? 7.798   6.729   3.699   0.60 30.85 ? 14  ARG A NE  1 
ATOM   116 N  NE  B ARG A 1 14 ? 7.091   5.279   5.413   0.40 32.00 ? 14  ARG A NE  1 
ATOM   117 C  CZ  A ARG A 1 14 ? 9.006   6.582   4.252   0.60 37.76 ? 14  ARG A CZ  1 
ATOM   118 C  CZ  B ARG A 1 14 ? 7.747   5.834   6.429   0.40 38.07 ? 14  ARG A CZ  1 
ATOM   119 N  NH1 A ARG A 1 14 ? 9.223   5.651   5.179   0.60 33.44 ? 14  ARG A NH1 1 
ATOM   120 N  NH1 B ARG A 1 14 ? 8.724   6.701   6.204   0.40 32.77 ? 14  ARG A NH1 1 
ATOM   121 N  NH2 A ARG A 1 14 ? 9.999   7.379   3.885   0.60 26.80 ? 14  ARG A NH2 1 
ATOM   122 N  NH2 B ARG A 1 14 ? 7.417   5.523   7.679   0.40 35.57 ? 14  ARG A NH2 1 
ATOM   123 N  N   . ALA A 1 15 ? 6.762   4.654   -1.585  1.00 22.86 ? 15  ALA A N   1 
ATOM   124 C  CA  . ALA A 1 15 ? 6.433   5.139   -2.921  1.00 24.78 ? 15  ALA A CA  1 
ATOM   125 C  C   . ALA A 1 15 ? 5.656   4.094   -3.724  1.00 22.15 ? 15  ALA A C   1 
ATOM   126 O  O   . ALA A 1 15 ? 4.679   4.435   -4.398  1.00 21.21 ? 15  ALA A O   1 
ATOM   127 C  CB  . ALA A 1 15 ? 7.713   5.544   -3.656  1.00 30.56 ? 15  ALA A CB  1 
ATOM   128 N  N   . ILE A 1 16 ? 6.060   2.822   -3.658  1.00 20.76 ? 16  ILE A N   1 
ATOM   129 C  CA  . ILE A 1 16 ? 5.297   1.750   -4.327  1.00 18.99 ? 16  ILE A CA  1 
ATOM   130 C  C   . ILE A 1 16 ? 3.894   1.638   -3.749  1.00 19.60 ? 16  ILE A C   1 
ATOM   131 O  O   . ILE A 1 16 ? 2.914   1.539   -4.488  1.00 19.76 ? 16  ILE A O   1 
ATOM   132 C  CB  . ILE A 1 16 ? 6.051   0.409   -4.223  1.00 18.32 ? 16  ILE A CB  1 
ATOM   133 C  CG1 . ILE A 1 16 ? 7.386   0.501   -4.985  1.00 20.30 ? 16  ILE A CG1 1 
ATOM   134 C  CG2 . ILE A 1 16 ? 5.195   -0.808  -4.856  1.00 22.98 ? 16  ILE A CG2 1 
ATOM   135 C  CD1 . ILE A 1 16 ? 8.290   -0.675  -4.700  1.00 22.69 ? 16  ILE A CD1 1 
ATOM   136 N  N   . ALA A 1 17 ? 3.773   1.657   -2.414  1.00 21.91 ? 17  ALA A N   1 
ATOM   137 C  CA  . ALA A 1 17 ? 2.470   1.551   -1.785  1.00 24.04 ? 17  ALA A CA  1 
ATOM   138 C  C   . ALA A 1 17 ? 1.572   2.725   -2.171  1.00 23.18 ? 17  ALA A C   1 
ATOM   139 O  O   . ALA A 1 17 ? 0.403   2.526   -2.503  1.00 21.99 ? 17  ALA A O   1 
ATOM   140 C  CB  . ALA A 1 17 ? 2.613   1.466   -0.264  1.00 22.47 ? 17  ALA A CB  1 
ATOM   141 N  N   . SER A 1 18 ? 2.100   3.946   -2.191  1.00 22.42 ? 18  SER A N   1 
ATOM   142 C  CA  . SER A 1 18 ? 1.198   5.033   -2.578  1.00 26.51 ? 18  SER A CA  1 
ATOM   143 C  C   . SER A 1 18 ? 0.922   5.097   -4.084  1.00 26.53 ? 18  SER A C   1 
ATOM   144 O  O   . SER A 1 18 ? -0.130  5.617   -4.479  1.00 24.53 ? 18  SER A O   1 
ATOM   145 C  CB  . SER A 1 18 ? 1.717   6.391   -2.076  1.00 24.42 ? 18  SER A CB  1 
ATOM   146 O  OG  . SER A 1 18 ? 3.048   6.624   -2.427  1.00 26.41 ? 18  SER A OG  1 
ATOM   147 N  N   . ASP A 1 19 ? 1.825   4.594   -4.922  1.00 20.78 ? 19  ASP A N   1 
ATOM   148 C  CA  . ASP A 1 19 ? 1.512   4.343   -6.337  1.00 23.13 ? 19  ASP A CA  1 
ATOM   149 C  C   . ASP A 1 19 ? 0.330   3.395   -6.482  1.00 22.90 ? 19  ASP A C   1 
ATOM   150 O  O   . ASP A 1 19 ? -0.569  3.615   -7.318  1.00 25.20 ? 19  ASP A O   1 
ATOM   151 C  CB  . ASP A 1 19 ? 2.710   3.718   -7.055  1.00 20.44 ? 19  ASP A CB  1 
ATOM   152 C  CG  . ASP A 1 19 ? 3.741   4.723   -7.531  1.00 30.45 ? 19  ASP A CG  1 
ATOM   153 O  OD1 . ASP A 1 19 ? 3.548   5.944   -7.377  1.00 28.07 ? 19  ASP A OD1 1 
ATOM   154 O  OD2 . ASP A 1 19 ? 4.769   4.246   -8.077  1.00 28.31 ? 19  ASP A OD2 1 
ATOM   155 N  N   . ILE A 1 20 ? 0.330   2.297   -5.703  1.00 20.31 ? 20  ILE A N   1 
ATOM   156 C  CA  . ILE A 1 20 ? -0.789  1.353   -5.766  1.00 23.90 ? 20  ILE A CA  1 
ATOM   157 C  C   . ILE A 1 20 ? -2.085  2.061   -5.387  1.00 24.17 ? 20  ILE A C   1 
ATOM   158 O  O   . ILE A 1 20 ? -3.106  1.917   -6.071  1.00 24.47 ? 20  ILE A O   1 
ATOM   159 C  CB  . ILE A 1 20 ? -0.511  0.120   -4.875  1.00 20.48 ? 20  ILE A CB  1 
ATOM   160 C  CG1 . ILE A 1 20 ? 0.559   -0.744  -5.539  1.00 22.19 ? 20  ILE A CG1 1 
ATOM   161 C  CG2 . ILE A 1 20 ? -1.739  -0.744  -4.689  1.00 22.70 ? 20  ILE A CG2 1 
ATOM   162 C  CD1 . ILE A 1 20 ? 1.032   -1.891  -4.643  1.00 25.68 ? 20  ILE A CD1 1 
ATOM   163 N  N   . SER A 1 21 ? -2.044  2.899   -4.355  1.00 23.90 ? 21  SER A N   1 
ATOM   164 C  CA  A SER A 1 21 ? -3.283  3.549   -3.937  0.42 28.16 ? 21  SER A CA  1 
ATOM   165 C  CA  B SER A 1 21 ? -3.237  3.612   -3.893  0.58 28.19 ? 21  SER A CA  1 
ATOM   166 C  C   . SER A 1 21 ? -3.711  4.622   -4.938  1.00 27.78 ? 21  SER A C   1 
ATOM   167 O  O   . SER A 1 21 ? -4.901  4.692   -5.290  1.00 29.20 ? 21  SER A O   1 
ATOM   168 C  CB  A SER A 1 21 ? -3.151  4.112   -2.518  0.42 26.93 ? 21  SER A CB  1 
ATOM   169 C  CB  B SER A 1 21 ? -2.910  4.308   -2.565  0.58 26.16 ? 21  SER A CB  1 
ATOM   170 O  OG  A SER A 1 21 ? -2.322  5.250   -2.448  0.42 21.60 ? 21  SER A OG  1 
ATOM   171 O  OG  B SER A 1 21 ? -3.945  5.170   -2.131  0.58 25.98 ? 21  SER A OG  1 
ATOM   172 N  N   . LEU A 1 22 ? -2.775  5.414   -5.454  1.00 22.87 ? 22  LEU A N   1 
ATOM   173 C  CA  . LEU A 1 22 ? -3.108  6.508   -6.368  1.00 25.25 ? 22  LEU A CA  1 
ATOM   174 C  C   . LEU A 1 22 ? -3.652  6.018   -7.705  1.00 29.49 ? 22  LEU A C   1 
ATOM   175 O  O   . LEU A 1 22 ? -4.606  6.592   -8.239  1.00 26.61 ? 22  LEU A O   1 
ATOM   176 C  CB  . LEU A 1 22 ? -1.874  7.373   -6.597  1.00 24.75 ? 22  LEU A CB  1 
ATOM   177 C  CG  . LEU A 1 22 ? -1.959  8.534   -7.590  1.00 27.57 ? 22  LEU A CG  1 
ATOM   178 C  CD1 . LEU A 1 22 ? -3.054  9.536   -7.215  1.00 31.80 ? 22  LEU A CD1 1 
ATOM   179 C  CD2 . LEU A 1 22 ? -0.583  9.221   -7.744  1.00 30.63 ? 22  LEU A CD2 1 
ATOM   180 N  N   . TYR A 1 23 ? -3.059  4.981   -8.280  1.00 23.20 ? 23  TYR A N   1 
ATOM   181 C  CA  . TYR A 1 23 ? -3.393  4.578   -9.632  1.00 24.83 ? 23  TYR A CA  1 
ATOM   182 C  C   . TYR A 1 23 ? -4.421  3.466   -9.684  1.00 29.26 ? 23  TYR A C   1 
ATOM   183 O  O   . TYR A 1 23 ? -4.688  2.942   -10.767 1.00 27.59 ? 23  TYR A O   1 
ATOM   184 C  CB  . TYR A 1 23 ? -2.112  4.168   -10.374 1.00 21.31 ? 23  TYR A CB  1 
ATOM   185 C  CG  . TYR A 1 23 ? -1.230  5.394   -10.571 1.00 27.02 ? 23  TYR A CG  1 
ATOM   186 C  CD1 . TYR A 1 23 ? -1.576  6.365   -11.503 1.00 27.01 ? 23  TYR A CD1 1 
ATOM   187 C  CD2 . TYR A 1 23 ? -0.088  5.605   -9.782  1.00 25.02 ? 23  TYR A CD2 1 
ATOM   188 C  CE1 . TYR A 1 23 ? -0.798  7.486   -11.687 1.00 24.66 ? 23  TYR A CE1 1 
ATOM   189 C  CE2 . TYR A 1 23 ? 0.676   6.736   -9.938  1.00 23.54 ? 23  TYR A CE2 1 
ATOM   190 C  CZ  . TYR A 1 23 ? 0.302   7.681   -10.894 1.00 29.67 ? 23  TYR A CZ  1 
ATOM   191 O  OH  . TYR A 1 23 ? 1.040   8.835   -11.066 1.00 29.80 ? 23  TYR A OH  1 
ATOM   192 N  N   . ASN A 1 24 ? -4.970  3.064   -8.545  1.00 27.06 ? 24  ASN A N   1 
ATOM   193 C  CA  . ASN A 1 24 ? -6.031  2.067   -8.508  1.00 27.57 ? 24  ASN A CA  1 
ATOM   194 C  C   . ASN A 1 24 ? -7.223  2.565   -7.702  1.00 27.88 ? 24  ASN A C   1 
ATOM   195 O  O   . ASN A 1 24 ? -7.894  1.783   -7.036  1.00 24.79 ? 24  ASN A O   1 
ATOM   196 C  CB  . ASN A 1 24 ? -5.537  0.742   -7.929  1.00 26.88 ? 24  ASN A CB  1 
ATOM   197 C  CG  . ASN A 1 24 ? -4.478  0.097   -8.784  1.00 29.44 ? 24  ASN A CG  1 
ATOM   198 O  OD1 . ASN A 1 24 ? -4.781  -0.522  -9.799  1.00 29.66 ? 24  ASN A OD1 1 
ATOM   199 N  ND2 . ASN A 1 24 ? -3.235  0.252   -8.399  1.00 26.06 ? 24  ASN A ND2 1 
ATOM   200 N  N   . GLU A 1 25 ? -7.478  3.866   -7.719  1.00 27.20 ? 25  GLU A N   1 
ATOM   201 C  CA  . GLU A 1 25 ? -8.422  4.419   -6.759  1.00 31.71 ? 25  GLU A CA  1 
ATOM   202 C  C   . GLU A 1 25 ? -9.797  3.761   -6.880  1.00 30.83 ? 25  GLU A C   1 
ATOM   203 O  O   . GLU A 1 25 ? -10.401 3.378   -5.865  1.00 28.12 ? 25  GLU A O   1 
ATOM   204 C  CB  . GLU A 1 25 ? -8.525  5.938   -6.934  1.00 32.65 ? 25  GLU A CB  1 
ATOM   205 C  CG  . GLU A 1 25 ? -9.468  6.583   -5.923  1.00 46.79 ? 25  GLU A CG  1 
ATOM   206 C  CD  . GLU A 1 25 ? -9.148  8.049   -5.664  1.00 64.41 ? 25  GLU A CD  1 
ATOM   207 O  OE1 . GLU A 1 25 ? -8.152  8.552   -6.241  1.00 69.02 ? 25  GLU A OE1 1 
ATOM   208 O  OE2 . GLU A 1 25 ? -9.895  8.689   -4.881  1.00 60.11 ? 25  GLU A OE2 1 
ATOM   209 N  N   . GLN A 1 26 ? -10.330 3.640   -8.104  1.00 30.61 ? 26  GLN A N   1 
ATOM   210 C  CA  . GLN A 1 26 ? -11.697 3.119   -8.225  1.00 32.58 ? 26  GLN A CA  1 
ATOM   211 C  C   . GLN A 1 26 ? -11.757 1.652   -7.838  1.00 28.60 ? 26  GLN A C   1 
ATOM   212 O  O   . GLN A 1 26 ? -12.713 1.213   -7.182  1.00 32.98 ? 26  GLN A O   1 
ATOM   213 C  CB  . GLN A 1 26 ? -12.252 3.335   -9.640  1.00 37.31 ? 26  GLN A CB  1 
ATOM   214 C  CG  . GLN A 1 26 ? -11.986 4.735   -10.209 1.00 45.81 ? 26  GLN A CG  1 
ATOM   215 C  CD  . GLN A 1 26 ? -12.422 5.872   -9.283  1.00 55.26 ? 26  GLN A CD  1 
ATOM   216 O  OE1 . GLN A 1 26 ? -13.489 5.819   -8.660  1.00 39.57 ? 26  GLN A OE1 1 
ATOM   217 N  NE2 . GLN A 1 26 ? -11.589 6.914   -9.196  1.00 57.35 ? 26  GLN A NE2 1 
ATOM   218 N  N   . LYS A 1 27 ? -10.730 0.886   -8.199  1.00 26.58 ? 27  LYS A N   1 
ATOM   219 C  CA  . LYS A 1 27 ? -10.669 -0.513  -7.798  1.00 27.05 ? 27  LYS A CA  1 
ATOM   220 C  C   . LYS A 1 27 ? -10.568 -0.653  -6.278  1.00 32.69 ? 27  LYS A C   1 
ATOM   221 O  O   . LYS A 1 27 ? -11.129 -1.586  -5.684  1.00 32.22 ? 27  LYS A O   1 
ATOM   222 C  CB  . LYS A 1 27 ? -9.481  -1.178  -8.507  1.00 35.25 ? 27  LYS A CB  1 
ATOM   223 C  CG  . LYS A 1 27 ? -9.164  -2.559  -8.056  1.00 38.28 ? 27  LYS A CG  1 
ATOM   224 C  CD  . LYS A 1 27 ? -8.048  -3.202  -8.916  1.00 43.67 ? 27  LYS A CD  1 
ATOM   225 C  CE  . LYS A 1 27 ? -8.339  -3.110  -10.394 1.00 45.93 ? 27  LYS A CE  1 
ATOM   226 N  NZ  . LYS A 1 27 ? -7.348  -3.913  -11.173 1.00 46.37 ? 27  LYS A NZ  1 
ATOM   227 N  N   . ILE A 1 28 ? -9.885  0.282   -5.624  1.00 26.30 ? 28  ILE A N   1 
ATOM   228 C  CA  . ILE A 1 28 ? -9.738  0.206   -4.174  1.00 24.85 ? 28  ILE A CA  1 
ATOM   229 C  C   . ILE A 1 28 ? -11.041 0.557   -3.478  1.00 25.65 ? 28  ILE A C   1 
ATOM   230 O  O   . ILE A 1 28 ? -11.417 -0.083  -2.490  1.00 23.51 ? 28  ILE A O   1 
ATOM   231 C  CB  . ILE A 1 28 ? -8.584  1.119   -3.738  1.00 22.42 ? 28  ILE A CB  1 
ATOM   232 C  CG1 . ILE A 1 28 ? -7.275  0.451   -4.199  1.00 25.12 ? 28  ILE A CG1 1 
ATOM   233 C  CG2 . ILE A 1 28 ? -8.662  1.432   -2.238  1.00 24.02 ? 28  ILE A CG2 1 
ATOM   234 C  CD1 . ILE A 1 28 ? -6.045  1.274   -3.991  1.00 27.92 ? 28  ILE A CD1 1 
ATOM   235 N  N   . ILE A 1 29 ? -11.770 1.544   -4.004  1.00 23.81 ? 29  ILE A N   1 
ATOM   236 C  CA  . ILE A 1 29 ? -13.081 1.880   -3.441  1.00 25.68 ? 29  ILE A CA  1 
ATOM   237 C  C   . ILE A 1 29 ? -13.991 0.659   -3.464  1.00 32.74 ? 29  ILE A C   1 
ATOM   238 O  O   . ILE A 1 29 ? -14.618 0.292   -2.458  1.00 25.50 ? 29  ILE A O   1 
ATOM   239 C  CB  . ILE A 1 29 ? -13.711 3.057   -4.210  1.00 25.95 ? 29  ILE A CB  1 
ATOM   240 C  CG1 . ILE A 1 29 ? -12.934 4.368   -3.997  1.00 28.77 ? 29  ILE A CG1 1 
ATOM   241 C  CG2 . ILE A 1 29 ? -15.200 3.194   -3.837  1.00 29.28 ? 29  ILE A CG2 1 
ATOM   242 C  CD1 . ILE A 1 29 ? -13.300 5.431   -5.025  1.00 27.87 ? 29  ILE A CD1 1 
ATOM   243 N  N   . LYS A 1 30 ? -14.070 0.002   -4.612  1.00 27.94 ? 30  LYS A N   1 
ATOM   244 C  CA  . LYS A 1 30 ? -14.944 -1.161  -4.724  1.00 27.26 ? 30  LYS A CA  1 
ATOM   245 C  C   . LYS A 1 30 ? -14.456 -2.301  -3.834  1.00 28.48 ? 30  LYS A C   1 
ATOM   246 O  O   . LYS A 1 30 ? -15.267 -3.027  -3.250  1.00 29.62 ? 30  LYS A O   1 
ATOM   247 C  CB  . LYS A 1 30 ? -15.021 -1.606  -6.193  1.00 32.45 ? 30  LYS A CB  1 
ATOM   248 C  CG  . LYS A 1 30 ? -16.103 -2.675  -6.468  1.00 48.24 ? 30  LYS A CG  1 
ATOM   249 C  CD  . LYS A 1 30 ? -16.353 -2.869  -7.969  1.00 55.18 ? 30  LYS A CD  1 
ATOM   250 C  CE  . LYS A 1 30 ? -17.296 -4.047  -8.245  1.00 59.66 ? 30  LYS A CE  1 
ATOM   251 N  NZ  . LYS A 1 30 ? -18.684 -3.819  -7.763  1.00 69.08 ? 30  LYS A NZ  1 
ATOM   252 N  N   . GLY A 1 31 ? -13.137 -2.488  -3.741  1.00 29.26 ? 31  GLY A N   1 
ATOM   253 C  CA  . GLY A 1 31 ? -12.594 -3.573  -2.930  1.00 23.94 ? 31  GLY A CA  1 
ATOM   254 C  C   . GLY A 1 31 ? -12.860 -3.350  -1.456  1.00 29.86 ? 31  GLY A C   1 
ATOM   255 O  O   . GLY A 1 31 ? -13.162 -4.288  -0.706  1.00 30.49 ? 31  GLY A O   1 
ATOM   256 N  N   . ILE A 1 32 ? -12.788 -2.100  -1.020  1.00 24.79 ? 32  ILE A N   1 
ATOM   257 C  CA  . ILE A 1 32 ? -13.144 -1.837  0.374   1.00 26.40 ? 32  ILE A CA  1 
ATOM   258 C  C   . ILE A 1 32 ? -14.632 -2.051  0.575   1.00 30.25 ? 32  ILE A C   1 
ATOM   259 O  O   . ILE A 1 32 ? -15.051 -2.670  1.559   1.00 33.57 ? 32  ILE A O   1 
ATOM   260 C  CB  . ILE A 1 32 ? -12.698 -0.435  0.794   1.00 25.07 ? 32  ILE A CB  1 
ATOM   261 C  CG1 . ILE A 1 32 ? -11.165 -0.443  0.990   1.00 27.92 ? 32  ILE A CG1 1 
ATOM   262 C  CG2 . ILE A 1 32 ? -13.414 0.001   2.097   1.00 25.98 ? 32  ILE A CG2 1 
ATOM   263 C  CD1 . ILE A 1 32 ? -10.522 0.936   0.856   1.00 30.13 ? 32  ILE A CD1 1 
ATOM   264 N  N   . GLU A 1 33 ? -15.451 -1.578  -0.372  1.00 27.60 ? 33  GLU A N   1 
ATOM   265 C  CA  . GLU A 1 33 ? -16.905 -1.746  -0.248  1.00 31.47 ? 33  GLU A CA  1 
ATOM   266 C  C   . GLU A 1 33 ? -17.314 -3.212  -0.217  1.00 36.51 ? 33  GLU A C   1 
ATOM   267 O  O   . GLU A 1 33 ? -18.309 -3.565  0.431   1.00 34.62 ? 33  GLU A O   1 
ATOM   268 C  CB  . GLU A 1 33 ? -17.620 -1.049  -1.403  1.00 29.07 ? 33  GLU A CB  1 
ATOM   269 C  CG  . GLU A 1 33 ? -17.740 0.448   -1.255  1.00 34.33 ? 33  GLU A CG  1 
ATOM   270 C  CD  . GLU A 1 33 ? -18.193 1.093   -2.557  1.00 50.71 ? 33  GLU A CD  1 
ATOM   271 O  OE1 . GLU A 1 33 ? -18.298 0.363   -3.575  1.00 47.79 ? 33  GLU A OE1 1 
ATOM   272 O  OE2 . GLU A 1 33 ? -18.435 2.326   -2.575  1.00 44.88 ? 33  GLU A OE2 1 
ATOM   273 N  N   . GLN A 1 34 ? -16.581 -4.080  -0.922  1.00 31.60 ? 34  GLN A N   1 
ATOM   274 C  CA  . GLN A 1 34 ? -16.948 -5.481  -1.068  1.00 29.79 ? 34  GLN A CA  1 
ATOM   275 C  C   . GLN A 1 34 ? -16.151 -6.408  -0.174  1.00 30.63 ? 34  GLN A C   1 
ATOM   276 O  O   . GLN A 1 34 ? -16.308 -7.630  -0.289  1.00 38.17 ? 34  GLN A O   1 
ATOM   277 C  CB  . GLN A 1 34 ? -16.773 -5.923  -2.528  1.00 32.77 ? 34  GLN A CB  1 
ATOM   278 C  CG  . GLN A 1 34 ? -17.500 -5.043  -3.522  1.00 39.15 ? 34  GLN A CG  1 
ATOM   279 C  CD  . GLN A 1 34 ? -18.983 -5.138  -3.337  1.00 42.10 ? 34  GLN A CD  1 
ATOM   280 O  OE1 . GLN A 1 34 ? -19.493 -6.200  -2.969  1.00 47.33 ? 34  GLN A OE1 1 
ATOM   281 N  NE2 . GLN A 1 34 ? -19.695 -4.042  -3.581  1.00 42.84 ? 34  GLN A NE2 1 
ATOM   282 N  N   . ASP A 1 35 ? -15.300 -5.871  0.702   1.00 27.02 ? 35  ASP A N   1 
ATOM   283 C  CA  . ASP A 1 35 ? -14.437 -6.660  1.587   1.00 34.43 ? 35  ASP A CA  1 
ATOM   284 C  C   . ASP A 1 35 ? -13.604 -7.679  0.805   1.00 35.94 ? 35  ASP A C   1 
ATOM   285 O  O   . ASP A 1 35 ? -13.501 -8.842  1.189   1.00 33.58 ? 35  ASP A O   1 
ATOM   286 C  CB  . ASP A 1 35 ? -15.236 -7.377  2.682   1.00 40.36 ? 35  ASP A CB  1 
ATOM   287 C  CG  . ASP A 1 35 ? -15.973 -6.426  3.588   1.00 47.14 ? 35  ASP A CG  1 
ATOM   288 O  OD1 . ASP A 1 35 ? -15.441 -5.332  3.861   1.00 57.12 ? 35  ASP A OD1 1 
ATOM   289 O  OD2 . ASP A 1 35 ? -17.094 -6.779  4.023   1.00 52.16 ? 35  ASP A OD2 1 
ATOM   290 N  N   . ASN A 1 36 ? -13.005 -7.246  -0.308  1.00 30.24 ? 36  ASN A N   1 
ATOM   291 C  CA  . ASN A 1 36 ? -12.103 -8.145  -1.035  1.00 31.20 ? 36  ASN A CA  1 
ATOM   292 C  C   . ASN A 1 36 ? -10.936 -7.355  -1.622  1.00 33.51 ? 36  ASN A C   1 
ATOM   293 O  O   . ASN A 1 36 ? -10.489 -7.602  -2.751  1.00 29.45 ? 36  ASN A O   1 
ATOM   294 C  CB  . ASN A 1 36 ? -12.845 -8.974  -2.093  1.00 32.57 ? 36  ASN A CB  1 
ATOM   295 C  CG  . ASN A 1 36 ? -13.361 -8.166  -3.280  1.00 33.94 ? 36  ASN A CG  1 
ATOM   296 O  OD1 . ASN A 1 36 ? -13.504 -6.949  -3.238  1.00 35.08 ? 36  ASN A OD1 1 
ATOM   297 N  ND2 . ASN A 1 36 ? -13.704 -8.876  -4.345  1.00 39.59 ? 36  ASN A ND2 1 
ATOM   298 N  N   . LEU A 1 37 ? -10.409 -6.425  -0.826  1.00 28.72 ? 37  LEU A N   1 
ATOM   299 C  CA  . LEU A 1 37 ? -9.350  -5.526  -1.281  1.00 27.19 ? 37  LEU A CA  1 
ATOM   300 C  C   . LEU A 1 37 ? -8.090  -6.286  -1.660  1.00 29.65 ? 37  LEU A C   1 
ATOM   301 O  O   . LEU A 1 37 ? -7.466  -6.014  -2.699  1.00 28.46 ? 37  LEU A O   1 
ATOM   302 C  CB  . LEU A 1 37 ? -9.055  -4.506  -0.184  1.00 30.41 ? 37  LEU A CB  1 
ATOM   303 C  CG  . LEU A 1 37 ? -7.909  -3.567  -0.505  1.00 26.02 ? 37  LEU A CG  1 
ATOM   304 C  CD1 . LEU A 1 37 ? -8.354  -2.738  -1.692  1.00 27.12 ? 37  LEU A CD1 1 
ATOM   305 C  CD2 . LEU A 1 37 ? -7.600  -2.697  0.714   1.00 31.41 ? 37  LEU A CD2 1 
ATOM   306 N  N   . PHE A 1 38 ? -7.664  -7.224  -0.814  1.00 28.94 ? 38  PHE A N   1 
ATOM   307 C  CA  . PHE A 1 38 ? -6.428  -7.916  -1.146  1.00 34.49 ? 38  PHE A CA  1 
ATOM   308 C  C   . PHE A 1 38 ? -6.617  -8.800  -2.358  1.00 35.39 ? 38  PHE A C   1 
ATOM   309 O  O   . PHE A 1 38 ? -5.689  -8.942  -3.169  1.00 39.50 ? 38  PHE A O   1 
ATOM   310 C  CB  . PHE A 1 38 ? -5.902  -8.697  0.062   1.00 36.46 ? 38  PHE A CB  1 
ATOM   311 C  CG  . PHE A 1 38 ? -5.247  -7.814  1.112   1.00 31.60 ? 38  PHE A CG  1 
ATOM   312 C  CD1 . PHE A 1 38 ? -3.894  -7.510  1.036   1.00 40.45 ? 38  PHE A CD1 1 
ATOM   313 C  CD2 . PHE A 1 38 ? -5.979  -7.291  2.159   1.00 41.79 ? 38  PHE A CD2 1 
ATOM   314 C  CE1 . PHE A 1 38 ? -3.290  -6.690  1.994   1.00 40.34 ? 38  PHE A CE1 1 
ATOM   315 C  CE2 . PHE A 1 38 ? -5.382  -6.472  3.125   1.00 37.75 ? 38  PHE A CE2 1 
ATOM   316 C  CZ  . PHE A 1 38 ? -4.030  -6.178  3.039   1.00 43.33 ? 38  PHE A CZ  1 
ATOM   317 N  N   . GLU A 1 39 ? -7.816  -9.372  -2.522  1.00 31.07 ? 39  GLU A N   1 
ATOM   318 C  CA  . GLU A 1 39 ? -8.138  -10.105 -3.738  1.00 36.18 ? 39  GLU A CA  1 
ATOM   319 C  C   . GLU A 1 39 ? -8.013  -9.216  -4.976  1.00 31.77 ? 39  GLU A C   1 
ATOM   320 O  O   . GLU A 1 39 ? -7.367  -9.599  -5.959  1.00 31.87 ? 39  GLU A O   1 
ATOM   321 C  CB  . GLU A 1 39 ? -9.540  -10.721 -3.622  1.00 39.31 ? 39  GLU A CB  1 
ATOM   322 C  CG  . GLU A 1 39 ? -9.978  -11.556 -4.841  1.00 53.30 ? 39  GLU A CG  1 
ATOM   323 C  CD  . GLU A 1 39 ? -11.469 -11.973 -4.835  1.00 66.20 ? 39  GLU A CD  1 
ATOM   324 O  OE1 . GLU A 1 39 ? -12.224 -11.633 -3.892  1.00 59.82 ? 39  GLU A OE1 1 
ATOM   325 O  OE2 . GLU A 1 39 ? -11.892 -12.647 -5.802  1.00 77.19 ? 39  GLU A OE2 1 
ATOM   326 N  N   . VAL A 1 40 ? -8.608  -8.018  -4.948  1.00 28.03 ? 40  VAL A N   1 
ATOM   327 C  CA  . VAL A 1 40 ? -8.586  -7.165  -6.138  1.00 29.75 ? 40  VAL A CA  1 
ATOM   328 C  C   . VAL A 1 40 ? -7.192  -6.598  -6.376  1.00 27.26 ? 40  VAL A C   1 
ATOM   329 O  O   . VAL A 1 40 ? -6.833  -6.304  -7.518  1.00 30.55 ? 40  VAL A O   1 
ATOM   330 C  CB  . VAL A 1 40 ? -9.614  -6.016  -6.066  1.00 33.39 ? 40  VAL A CB  1 
ATOM   331 C  CG1 . VAL A 1 40 ? -11.068 -6.547  -6.149  1.00 34.47 ? 40  VAL A CG1 1 
ATOM   332 C  CG2 . VAL A 1 40 ? -9.394  -5.174  -4.835  1.00 38.39 ? 40  VAL A CG2 1 
ATOM   333 N  N   . LEU A 1 41 ? -6.400  -6.405  -5.326  1.00 24.49 ? 41  LEU A N   1 
ATOM   334 C  CA  . LEU A 1 41 ? -5.064  -5.829  -5.495  1.00 27.37 ? 41  LEU A CA  1 
ATOM   335 C  C   . LEU A 1 41 ? -3.978  -6.884  -5.664  1.00 25.78 ? 41  LEU A C   1 
ATOM   336 O  O   . LEU A 1 41 ? -2.788  -6.535  -5.681  1.00 25.38 ? 41  LEU A O   1 
ATOM   337 C  CB  . LEU A 1 41 ? -4.716  -4.930  -4.314  1.00 26.73 ? 41  LEU A CB  1 
ATOM   338 C  CG  . LEU A 1 41 ? -5.473  -3.601  -4.208  1.00 26.51 ? 41  LEU A CG  1 
ATOM   339 C  CD1 . LEU A 1 41 ? -5.007  -2.873  -2.958  1.00 25.96 ? 41  LEU A CD1 1 
ATOM   340 C  CD2 . LEU A 1 41 ? -5.284  -2.713  -5.438  1.00 29.17 ? 41  LEU A CD2 1 
ATOM   341 N  N   . LYS A 1 42 ? -4.354  -8.157  -5.814  1.00 24.88 ? 42  LYS A N   1 
ATOM   342 C  CA  . LYS A 1 42 ? -3.370  -9.239  -5.776  1.00 26.28 ? 42  LYS A CA  1 
ATOM   343 C  C   . LYS A 1 42 ? -2.200  -8.999  -6.733  1.00 29.68 ? 42  LYS A C   1 
ATOM   344 O  O   . LYS A 1 42 ? -1.039  -9.120  -6.338  1.00 28.33 ? 42  LYS A O   1 
ATOM   345 C  CB  . LYS A 1 42 ? -4.043  -10.565 -6.099  1.00 28.38 ? 42  LYS A CB  1 
ATOM   346 C  CG  . LYS A 1 42 ? -3.074  -11.736 -6.115  1.00 34.68 ? 42  LYS A CG  1 
ATOM   347 C  CD  . LYS A 1 42 ? -3.776  -12.979 -6.666  1.00 37.44 ? 42  LYS A CD  1 
ATOM   348 C  CE  . LYS A 1 42 ? -2.835  -14.188 -6.723  1.00 42.05 ? 42  LYS A CE  1 
ATOM   349 N  NZ  . LYS A 1 42 ? -1.765  -14.017 -7.752  1.00 42.91 ? 42  LYS A NZ  1 
ATOM   350 N  N   . GLU A 1 43 ? -2.491  -8.667  -7.999  1.00 24.83 ? 43  GLU A N   1 
ATOM   351 C  CA  . GLU A 1 43 ? -1.433  -8.540  -9.002  1.00 29.45 ? 43  GLU A CA  1 
ATOM   352 C  C   . GLU A 1 43 ? -0.568  -7.297  -8.774  1.00 28.66 ? 43  GLU A C   1 
ATOM   353 O  O   . GLU A 1 43 ? 0.648   -7.337  -8.990  1.00 24.87 ? 43  GLU A O   1 
ATOM   354 C  CB  . GLU A 1 43 ? -2.048  -8.520  -10.398 1.00 35.30 ? 43  GLU A CB  1 
ATOM   355 C  CG  . GLU A 1 43 ? -2.724  -9.829  -10.769 1.00 43.05 ? 43  GLU A CG  1 
ATOM   356 C  CD  . GLU A 1 43 ? -1.746  -11.001 -10.805 1.00 53.56 ? 43  GLU A CD  1 
ATOM   357 O  OE1 . GLU A 1 43 ? -0.586  -10.804 -11.242 1.00 52.60 ? 43  GLU A OE1 1 
ATOM   358 O  OE2 . GLU A 1 43 ? -2.139  -12.120 -10.391 1.00 48.69 ? 43  GLU A OE2 1 
ATOM   359 N  N   . GLU A 1 44 ? -1.182  -6.181  -8.358  1.00 25.75 ? 44  GLU A N   1 
ATOM   360 C  CA  . GLU A 1 44 ? -0.418  -4.979  -8.044  1.00 25.72 ? 44  GLU A CA  1 
ATOM   361 C  C   . GLU A 1 44 ? 0.525   -5.229  -6.875  1.00 24.27 ? 44  GLU A C   1 
ATOM   362 O  O   . GLU A 1 44 ? 1.682   -4.804  -6.892  1.00 25.89 ? 44  GLU A O   1 
ATOM   363 C  CB  . GLU A 1 44 ? -1.375  -3.817  -7.724  1.00 27.19 ? 44  GLU A CB  1 
ATOM   364 C  CG  . GLU A 1 44 ? -1.980  -3.139  -8.970  1.00 34.42 ? 44  GLU A CG  1 
ATOM   365 C  CD  . GLU A 1 44 ? -0.962  -2.236  -9.670  1.00 44.12 ? 44  GLU A CD  1 
ATOM   366 O  OE1 . GLU A 1 44 ? -0.760  -1.094  -9.195  1.00 32.46 ? 44  GLU A OE1 1 
ATOM   367 O  OE2 . GLU A 1 44 ? -0.324  -2.679  -10.655 1.00 49.28 ? 44  GLU A OE2 1 
ATOM   368 N  N   . LEU A 1 45 ? 0.036   -5.886  -5.833  1.00 20.95 ? 45  LEU A N   1 
ATOM   369 C  CA  . LEU A 1 45 ? 0.880   -6.147  -4.679  1.00 25.00 ? 45  LEU A CA  1 
ATOM   370 C  C   . LEU A 1 45 ? 2.056   -7.023  -5.052  1.00 27.72 ? 45  LEU A C   1 
ATOM   371 O  O   . LEU A 1 45 ? 3.184   -6.794  -4.580  1.00 23.97 ? 45  LEU A O   1 
ATOM   372 C  CB  . LEU A 1 45 ? 0.073   -6.797  -3.566  1.00 22.58 ? 45  LEU A CB  1 
ATOM   373 C  CG  . LEU A 1 45 ? -1.008  -5.869  -2.970  1.00 22.98 ? 45  LEU A CG  1 
ATOM   374 C  CD1 . LEU A 1 45 ? -1.973  -6.660  -2.118  1.00 27.34 ? 45  LEU A CD1 1 
ATOM   375 C  CD2 . LEU A 1 45 ? -0.299  -4.769  -2.154  1.00 24.48 ? 45  LEU A CD2 1 
ATOM   376 N  N   . GLU A 1 46 ? 1.813   -8.041  -5.885  1.00 24.07 ? 46  GLU A N   1 
ATOM   377 C  CA  . GLU A 1 46 ? 2.887   -8.965  -6.235  1.00 24.67 ? 46  GLU A CA  1 
ATOM   378 C  C   . GLU A 1 46 ? 3.884   -8.314  -7.176  1.00 22.28 ? 46  GLU A C   1 
ATOM   379 O  O   . GLU A 1 46 ? 5.099   -8.486  -7.008  1.00 23.44 ? 46  GLU A O   1 
ATOM   380 C  CB  . GLU A 1 46 ? 2.311   -10.239 -6.833  1.00 25.57 ? 46  GLU A CB  1 
ATOM   381 C  CG  . GLU A 1 46 ? 1.745   -11.134 -5.735  1.00 29.93 ? 46  GLU A CG  1 
ATOM   382 C  CD  . GLU A 1 46 ? 0.801   -12.181 -6.241  1.00 41.87 ? 46  GLU A CD  1 
ATOM   383 O  OE1 . GLU A 1 46 ? 0.585   -12.245 -7.478  1.00 40.45 ? 46  GLU A OE1 1 
ATOM   384 O  OE2 . GLU A 1 46 ? 0.255   -12.920 -5.378  1.00 41.41 ? 46  GLU A OE2 1 
ATOM   385 N  N   . GLU A 1 47 ? 3.405   -7.532  -8.140  1.00 22.43 ? 47  GLU A N   1 
ATOM   386 C  CA  . GLU A 1 47 ? 4.343   -6.802  -8.994  1.00 26.41 ? 47  GLU A CA  1 
ATOM   387 C  C   . GLU A 1 47 ? 5.114   -5.752  -8.201  1.00 26.43 ? 47  GLU A C   1 
ATOM   388 O  O   . GLU A 1 47 ? 6.293   -5.502  -8.480  1.00 23.30 ? 47  GLU A O   1 
ATOM   389 C  CB  . GLU A 1 47 ? 3.627   -6.124  -10.155 1.00 25.89 ? 47  GLU A CB  1 
ATOM   390 C  CG  . GLU A 1 47 ? 4.604   -5.386  -11.095 1.00 29.74 ? 47  GLU A CG  1 
ATOM   391 C  CD  . GLU A 1 47 ? 3.936   -4.731  -12.296 1.00 42.56 ? 47  GLU A CD  1 
ATOM   392 O  OE1 . GLU A 1 47 ? 2.745   -5.010  -12.554 1.00 56.31 ? 47  GLU A OE1 1 
ATOM   393 O  OE2 . GLU A 1 47 ? 4.618   -3.922  -12.975 1.00 32.72 ? 47  GLU A OE2 1 
ATOM   394 N  N   . GLY A 1 48 ? 4.450   -5.093  -7.254  1.00 25.94 ? 48  GLY A N   1 
ATOM   395 C  CA  . GLY A 1 48 ? 5.134   -4.115  -6.428  1.00 25.05 ? 48  GLY A CA  1 
ATOM   396 C  C   . GLY A 1 48 ? 6.197   -4.766  -5.574  1.00 20.51 ? 48  GLY A C   1 
ATOM   397 O  O   . GLY A 1 48 ? 7.294   -4.243  -5.428  1.00 21.47 ? 48  GLY A O   1 
ATOM   398 N  N   . ARG A 1 49 ? 5.894   -5.935  -5.019  1.00 23.00 ? 49  ARG A N   1 
ATOM   399 C  CA  . ARG A 1 49 ? 6.872   -6.586  -4.152  1.00 25.13 ? 49  ARG A CA  1 
ATOM   400 C  C   . ARG A 1 49 ? 8.092   -7.000  -4.950  1.00 22.95 ? 49  ARG A C   1 
ATOM   401 O  O   . ARG A 1 49 ? 9.220   -6.952  -4.446  1.00 23.13 ? 49  ARG A O   1 
ATOM   402 C  CB  . ARG A 1 49 ? 6.243   -7.809  -3.495  1.00 25.52 ? 49  ARG A CB  1 
ATOM   403 C  CG  . ARG A 1 49 ? 7.150   -8.571  -2.521  1.00 30.69 ? 49  ARG A CG  1 
ATOM   404 C  CD  . ARG A 1 49 ? 6.281   -9.632  -1.805  1.00 35.05 ? 49  ARG A CD  1 
ATOM   405 N  NE  . ARG A 1 49 ? 6.926   -10.275 -0.665  1.00 51.23 ? 49  ARG A NE  1 
ATOM   406 C  CZ  . ARG A 1 49 ? 7.618   -11.412 -0.730  1.00 62.45 ? 49  ARG A CZ  1 
ATOM   407 N  NH1 . ARG A 1 49 ? 7.785   -12.030 -1.895  1.00 60.87 ? 49  ARG A NH1 1 
ATOM   408 N  NH2 . ARG A 1 49 ? 8.157   -11.927 0.371   1.00 56.40 ? 49  ARG A NH2 1 
ATOM   409 N  N   . GLU A 1 50 ? 7.871   -7.460  -6.187  1.00 23.70 ? 50  GLU A N   1 
ATOM   410 C  CA  . GLU A 1 50 ? 8.975   -7.835  -7.067  1.00 25.29 ? 50  GLU A CA  1 
ATOM   411 C  C   . GLU A 1 50 ? 9.804   -6.628  -7.472  1.00 23.23 ? 50  GLU A C   1 
ATOM   412 O  O   . GLU A 1 50 ? 11.029  -6.725  -7.586  1.00 21.69 ? 50  GLU A O   1 
ATOM   413 C  CB  . GLU A 1 50 ? 8.433   -8.556  -8.299  1.00 32.90 ? 50  GLU A CB  1 
ATOM   414 C  CG  . GLU A 1 50 ? 8.070   -10.002 -8.025  1.00 35.47 ? 50  GLU A CG  1 
ATOM   415 C  CD  . GLU A 1 50 ? 9.248   -10.797 -7.462  1.00 46.43 ? 50  GLU A CD  1 
ATOM   416 O  OE1 . GLU A 1 50 ? 10.347  -10.759 -8.066  1.00 42.62 ? 50  GLU A OE1 1 
ATOM   417 O  OE2 . GLU A 1 50 ? 9.070   -11.436 -6.400  1.00 54.24 ? 50  GLU A OE2 1 
ATOM   418 N  N   . LEU A 1 51 ? 9.166   -5.482  -7.695  1.00 22.10 ? 51  LEU A N   1 
ATOM   419 C  CA  . LEU A 1 51 ? 9.935   -4.279  -7.988  1.00 24.16 ? 51  LEU A CA  1 
ATOM   420 C  C   . LEU A 1 51 ? 10.812  -3.905  -6.801  1.00 25.44 ? 51  LEU A C   1 
ATOM   421 O  O   . LEU A 1 51 ? 11.992  -3.561  -6.960  1.00 21.54 ? 51  LEU A O   1 
ATOM   422 C  CB  . LEU A 1 51 ? 8.990   -3.129  -8.333  1.00 21.81 ? 51  LEU A CB  1 
ATOM   423 C  CG  . LEU A 1 51 ? 9.715   -1.784  -8.479  1.00 21.62 ? 51  LEU A CG  1 
ATOM   424 C  CD1 . LEU A 1 51 ? 10.636  -1.839  -9.699  1.00 23.47 ? 51  LEU A CD1 1 
ATOM   425 C  CD2 . LEU A 1 51 ? 8.695   -0.659  -8.645  1.00 23.83 ? 51  LEU A CD2 1 
ATOM   426 N  N   . TYR A 1 52 ? 10.222  -3.915  -5.611  1.00 21.72 ? 52  TYR A N   1 
ATOM   427 C  CA  . TYR A 1 52 ? 10.956  -3.624  -4.379  1.00 23.33 ? 52  TYR A CA  1 
ATOM   428 C  C   . TYR A 1 52 ? 12.157  -4.564  -4.229  1.00 21.06 ? 52  TYR A C   1 
ATOM   429 O  O   . TYR A 1 52 ? 13.278  -4.128  -3.945  1.00 21.07 ? 52  TYR A O   1 
ATOM   430 C  CB  . TYR A 1 52 ? 9.974   -3.740  -3.192  1.00 21.73 ? 52  TYR A CB  1 
ATOM   431 C  CG  . TYR A 1 52 ? 10.589  -3.530  -1.837  1.00 24.01 ? 52  TYR A CG  1 
ATOM   432 C  CD1 . TYR A 1 52 ? 10.917  -2.249  -1.391  1.00 19.70 ? 52  TYR A CD1 1 
ATOM   433 C  CD2 . TYR A 1 52 ? 10.836  -4.610  -0.994  1.00 22.65 ? 52  TYR A CD2 1 
ATOM   434 C  CE1 . TYR A 1 52 ? 11.528  -2.053  -0.152  1.00 19.09 ? 52  TYR A CE1 1 
ATOM   435 C  CE2 . TYR A 1 52 ? 11.411  -4.423  0.257   1.00 26.73 ? 52  TYR A CE2 1 
ATOM   436 C  CZ  . TYR A 1 52 ? 11.752  -3.157  0.661   1.00 23.85 ? 52  TYR A CZ  1 
ATOM   437 O  OH  . TYR A 1 52 ? 12.327  -2.987  1.878   1.00 25.54 ? 52  TYR A OH  1 
ATOM   438 N  N   . LYS A 1 53 ? 11.922  -5.866  -4.381  1.00 19.22 ? 53  LYS A N   1 
ATOM   439 C  CA  . LYS A 1 53 ? 12.974  -6.879  -4.279  1.00 23.07 ? 53  LYS A CA  1 
ATOM   440 C  C   . LYS A 1 53 ? 14.144  -6.590  -5.221  1.00 27.73 ? 53  LYS A C   1 
ATOM   441 O  O   . LYS A 1 53 ? 15.315  -6.807  -4.865  1.00 25.24 ? 53  LYS A O   1 
ATOM   442 C  CB  . LYS A 1 53 ? 12.372  -8.252  -4.592  1.00 22.95 ? 53  LYS A CB  1 
ATOM   443 C  CG  . LYS A 1 53 ? 13.292  -9.459  -4.211  1.00 25.74 ? 53  LYS A CG  1 
ATOM   444 C  CD  . LYS A 1 53 ? 12.612  -10.799 -4.519  1.00 37.53 ? 53  LYS A CD  1 
ATOM   445 C  CE  . LYS A 1 53 ? 13.539  -11.951 -4.133  1.00 40.51 ? 53  LYS A CE  1 
ATOM   446 N  NZ  . LYS A 1 53 ? 12.987  -13.275 -4.473  1.00 48.65 ? 53  LYS A NZ  1 
ATOM   447 N  N   . SER A 1 54 ? 13.858  -6.106  -6.429  1.00 23.86 ? 54  SER A N   1 
ATOM   448 C  CA  . SER A 1 54 ? 14.940  -5.891  -7.393  1.00 23.50 ? 54  SER A CA  1 
ATOM   449 C  C   . SER A 1 54 ? 15.786  -4.674  -7.039  1.00 23.63 ? 54  SER A C   1 
ATOM   450 O  O   . SER A 1 54 ? 16.871  -4.484  -7.601  1.00 24.96 ? 54  SER A O   1 
ATOM   451 C  CB  . SER A 1 54 ? 14.361  -5.733  -8.803  1.00 24.26 ? 54  SER A CB  1 
ATOM   452 O  OG  . SER A 1 54 ? 13.717  -4.468  -8.984  1.00 23.65 ? 54  SER A OG  1 
ATOM   453 N  N   . ARG A 1 55 ? 15.300  -3.835  -6.142  1.00 21.82 ? 55  ARG A N   1 
ATOM   454 C  CA  . ARG A 1 55 ? 15.941  -2.581  -5.837  1.00 21.65 ? 55  ARG A CA  1 
ATOM   455 C  C   . ARG A 1 55 ? 16.511  -2.500  -4.433  1.00 27.29 ? 55  ARG A C   1 
ATOM   456 O  O   . ARG A 1 55 ? 17.072  -1.452  -4.080  1.00 29.39 ? 55  ARG A O   1 
ATOM   457 C  CB  . ARG A 1 55 ? 14.937  -1.441  -6.095  1.00 23.84 ? 55  ARG A CB  1 
ATOM   458 C  CG  . ARG A 1 55 ? 14.873  -1.250  -7.646  1.00 29.55 ? 55  ARG A CG  1 
ATOM   459 C  CD  . ARG A 1 55 ? 13.958  -0.209  -8.149  1.00 28.79 ? 55  ARG A CD  1 
ATOM   460 N  NE  . ARG A 1 55 ? 14.190  1.099   -7.525  1.00 29.34 ? 55  ARG A NE  1 
ATOM   461 C  CZ  . ARG A 1 55 ? 13.478  2.176   -7.830  1.00 34.67 ? 55  ARG A CZ  1 
ATOM   462 N  NH1 . ARG A 1 55 ? 12.536  2.096   -8.769  1.00 26.88 ? 55  ARG A NH1 1 
ATOM   463 N  NH2 . ARG A 1 55 ? 13.685  3.326   -7.192  1.00 31.61 ? 55  ARG A NH2 1 
ATOM   464 N  N   . VAL A 1 56 ? 16.373  -3.542  -3.595  1.00 23.41 ? 56  VAL A N   1 
ATOM   465 C  CA  . VAL A 1 56 ? 17.011  -3.498  -2.273  1.00 24.26 ? 56  VAL A CA  1 
ATOM   466 C  C   . VAL A 1 56 ? 17.856  -4.753  -2.081  1.00 26.21 ? 56  VAL A C   1 
ATOM   467 O  O   . VAL A 1 56 ? 17.713  -5.744  -2.798  1.00 24.38 ? 56  VAL A O   1 
ATOM   468 C  CB  . VAL A 1 56 ? 16.004  -3.367  -1.088  1.00 22.33 ? 56  VAL A CB  1 
ATOM   469 C  CG1 . VAL A 1 56 ? 15.023  -2.201  -1.314  1.00 21.23 ? 56  VAL A CG1 1 
ATOM   470 C  CG2 . VAL A 1 56 ? 15.243  -4.665  -0.889  1.00 24.84 ? 56  VAL A CG2 1 
ATOM   471 N  N   . SER A 1 57 ? 18.725  -4.711  -1.074  1.00 25.52 ? 57  SER A N   1 
ATOM   472 C  CA  . SER A 1 57 ? 19.657  -5.812  -0.889  1.00 30.43 ? 57  SER A CA  1 
ATOM   473 C  C   . SER A 1 57 ? 18.908  -7.045  -0.441  1.00 31.02 ? 57  SER A C   1 
ATOM   474 O  O   . SER A 1 57 ? 17.807  -6.974  0.095   1.00 26.59 ? 57  SER A O   1 
ATOM   475 C  CB  . SER A 1 57 ? 20.743  -5.462  0.136   1.00 34.97 ? 57  SER A CB  1 
ATOM   476 O  OG  . SER A 1 57 ? 20.196  -5.263  1.434   1.00 31.55 ? 57  SER A OG  1 
ATOM   477 N  N   . GLN A 1 58 ? 19.518  -8.201  -0.680  1.00 31.73 ? 58  GLN A N   1 
ATOM   478 C  CA  . GLN A 1 58 ? 18.913  -9.432  -0.204  1.00 30.72 ? 58  GLN A CA  1 
ATOM   479 C  C   . GLN A 1 58 ? 18.682  -9.351  1.288   1.00 31.48 ? 58  GLN A C   1 
ATOM   480 O  O   . GLN A 1 58 ? 17.658  -9.817  1.807   1.00 31.17 ? 58  GLN A O   1 
ATOM   481 C  CB  . GLN A 1 58 ? 19.808  -10.617 -0.545  1.00 37.55 ? 58  GLN A CB  1 
ATOM   482 C  CG  . GLN A 1 58 ? 19.265  -11.931 -0.061  1.00 52.76 ? 58  GLN A CG  1 
ATOM   483 C  CD  . GLN A 1 58 ? 20.277  -13.033 -0.239  1.00 61.96 ? 58  GLN A CD  1 
ATOM   484 O  OE1 . GLN A 1 58 ? 20.842  -13.540 0.736   1.00 69.19 ? 58  GLN A OE1 1 
ATOM   485 N  NE2 . GLN A 1 58 ? 20.540  -13.392 -1.491  1.00 61.26 ? 58  GLN A NE2 1 
ATOM   486 N  N   . GLU A 1 59 ? 19.617  -8.725  1.988   1.00 30.48 ? 59  GLU A N   1 
ATOM   487 C  CA  . GLU A 1 59 ? 19.529  -8.619  3.445   1.00 28.23 ? 59  GLU A CA  1 
ATOM   488 C  C   . GLU A 1 59 ? 18.318  -7.805  3.872   1.00 33.58 ? 59  GLU A C   1 
ATOM   489 O  O   . GLU A 1 59 ? 17.577  -8.210  4.766   1.00 33.60 ? 59  GLU A O   1 
ATOM   490 C  CB  . GLU A 1 59 ? 20.823  -7.992  3.980   1.00 38.82 ? 59  GLU A CB  1 
ATOM   491 C  CG  . GLU A 1 59 ? 22.061  -8.935  3.921   1.00 57.56 ? 59  GLU A CG  1 
ATOM   492 C  CD  . GLU A 1 59 ? 22.595  -9.284  2.494   1.00 62.94 ? 59  GLU A CD  1 
ATOM   493 O  OE1 . GLU A 1 59 ? 22.331  -8.551  1.503   1.00 44.11 ? 59  GLU A OE1 1 
ATOM   494 O  OE2 . GLU A 1 59 ? 23.311  -10.311 2.375   1.00 53.94 ? 59  GLU A OE2 1 
ATOM   495 N  N   . ILE A 1 60 ? 18.107  -6.646  3.251   1.00 30.96 ? 60  ILE A N   1 
ATOM   496 C  CA  . ILE A 1 60 ? 16.952  -5.817  3.586   1.00 29.83 ? 60  ILE A CA  1 
ATOM   497 C  C   . ILE A 1 60 ? 15.652  -6.548  3.261   1.00 27.84 ? 60  ILE A C   1 
ATOM   498 O  O   . ILE A 1 60 ? 14.703  -6.556  4.063   1.00 29.22 ? 60  ILE A O   1 
ATOM   499 C  CB  . ILE A 1 60 ? 17.071  -4.454  2.881   1.00 20.09 ? 60  ILE A CB  1 
ATOM   500 C  CG1 . ILE A 1 60 ? 18.045  -3.578  3.671   1.00 32.46 ? 60  ILE A CG1 1 
ATOM   501 C  CG2 . ILE A 1 60 ? 15.690  -3.694  2.900   1.00 27.25 ? 60  ILE A CG2 1 
ATOM   502 C  CD1 . ILE A 1 60 ? 18.472  -2.328  2.948   1.00 27.96 ? 60  ILE A CD1 1 
ATOM   503 N  N   . PHE A 1 61 ? 15.611  -7.232  2.118   1.00 26.25 ? 61  PHE A N   1 
ATOM   504 C  CA  . PHE A 1 61 ? 14.381  -7.900  1.685   1.00 29.31 ? 61  PHE A CA  1 
ATOM   505 C  C   . PHE A 1 61 ? 13.983  -9.025  2.626   1.00 38.30 ? 61  PHE A C   1 
ATOM   506 O  O   . PHE A 1 61 ? 12.788  -9.244  2.895   1.00 31.82 ? 61  PHE A O   1 
ATOM   507 C  CB  . PHE A 1 61 ? 14.561  -8.466  0.279   1.00 29.27 ? 61  PHE A CB  1 
ATOM   508 C  CG  . PHE A 1 61 ? 13.280  -8.997  -0.323  1.00 33.97 ? 61  PHE A CG  1 
ATOM   509 C  CD1 . PHE A 1 61 ? 12.274  -8.130  -0.690  1.00 24.45 ? 61  PHE A CD1 1 
ATOM   510 C  CD2 . PHE A 1 61 ? 13.084  -10.357 -0.506  1.00 34.29 ? 61  PHE A CD2 1 
ATOM   511 C  CE1 . PHE A 1 61 ? 11.091  -8.609  -1.260  1.00 31.13 ? 61  PHE A CE1 1 
ATOM   512 C  CE2 . PHE A 1 61 ? 11.905  -10.838 -1.059  1.00 33.78 ? 61  PHE A CE2 1 
ATOM   513 C  CZ  . PHE A 1 61 ? 10.912  -9.958  -1.443  1.00 27.12 ? 61  PHE A CZ  1 
ATOM   514 N  N   . THR A 1 62 ? 14.963  -9.777  3.098   1.00 34.69 ? 62  THR A N   1 
ATOM   515 C  CA  . THR A 1 62 ? 14.710  -10.972 3.893   1.00 39.30 ? 62  THR A CA  1 
ATOM   516 C  C   . THR A 1 62 ? 14.603  -10.674 5.386   1.00 39.85 ? 62  THR A C   1 
ATOM   517 O  O   . THR A 1 62 ? 13.841  -11.351 6.081   1.00 45.36 ? 62  THR A O   1 
ATOM   518 C  CB  . THR A 1 62 ? 15.803  -12.026 3.628   1.00 39.94 ? 62  THR A CB  1 
ATOM   519 O  OG1 . THR A 1 62 ? 17.103  -11.484 3.935   1.00 44.25 ? 62  THR A OG1 1 
ATOM   520 C  CG2 . THR A 1 62 ? 15.800  -12.446 2.181   1.00 38.29 ? 62  THR A CG2 1 
ATOM   521 N  N   . LYS A 1 63 ? 15.302  -9.658  5.899   1.00 40.82 ? 63  LYS A N   1 
ATOM   522 C  CA  . LYS A 1 63 ? 15.278  -9.393  7.334   1.00 42.37 ? 63  LYS A CA  1 
ATOM   523 C  C   . LYS A 1 63 ? 14.383  -8.223  7.736   1.00 43.45 ? 63  LYS A C   1 
ATOM   524 O  O   . LYS A 1 63 ? 13.866  -8.205  8.865   1.00 41.13 ? 63  LYS A O   1 
ATOM   525 C  CB  . LYS A 1 63 ? 16.696  -9.132  7.850   1.00 34.28 ? 63  LYS A CB  1 
ATOM   526 C  CG  . LYS A 1 63 ? 17.682  -10.259 7.610   1.00 46.90 ? 63  LYS A CG  1 
ATOM   527 C  CD  . LYS A 1 63 ? 19.101  -9.773  7.889   1.00 44.05 ? 63  LYS A CD  1 
ATOM   528 C  CE  . LYS A 1 63 ? 20.153  -10.790 7.435   1.00 57.68 ? 63  LYS A CE  1 
ATOM   529 N  NZ  . LYS A 1 63 ? 21.495  -10.181 7.149   1.00 67.56 ? 63  LYS A NZ  1 
HETATM 530 N  N   . MSE A 1 64 ? 14.178  -7.239  6.870   1.00 33.93 ? 64  MSE A N   1 
HETATM 531 C  CA  . MSE A 1 64 ? 13.276  -6.161  7.231   1.00 27.83 ? 64  MSE A CA  1 
HETATM 532 C  C   . MSE A 1 64 ? 11.892  -6.455  6.626   1.00 35.08 ? 64  MSE A C   1 
HETATM 533 O  O   . MSE A 1 64 ? 11.732  -7.347  5.777   1.00 40.21 ? 64  MSE A O   1 
HETATM 534 C  CB  . MSE A 1 64 ? 13.813  -4.803  6.737   1.00 33.57 ? 64  MSE A CB  1 
HETATM 535 C  CG  . MSE A 1 64 ? 15.258  -4.491  7.104   1.00 36.08 ? 64  MSE A CG  1 
HETATM 536 SE SE  . MSE A 1 64 ? 15.581  -4.616  9.046   0.54 37.09 ? 64  MSE A SE  1 
HETATM 537 C  CE  . MSE A 1 64 ? 15.280  -2.804  9.552   1.00 29.79 ? 64  MSE A CE  1 
ATOM   538 N  N   . ASN A 1 65 ? 10.875  -5.753  7.074   1.00 27.21 ? 65  ASN A N   1 
ATOM   539 C  CA  . ASN A 1 65 ? 9.538   -5.960  6.527   1.00 29.40 ? 65  ASN A CA  1 
ATOM   540 C  C   . ASN A 1 65 ? 8.967   -4.637  6.040   1.00 29.49 ? 65  ASN A C   1 
ATOM   541 O  O   . ASN A 1 65 ? 7.767   -4.358  6.194   1.00 28.77 ? 65  ASN A O   1 
ATOM   542 C  CB  . ASN A 1 65 ? 8.612   -6.613  7.561   1.00 33.28 ? 65  ASN A CB  1 
ATOM   543 C  CG  . ASN A 1 65 ? 8.345   -5.726  8.779   1.00 38.37 ? 65  ASN A CG  1 
ATOM   544 O  OD1 . ASN A 1 65 ? 8.987   -4.694  8.972   1.00 44.07 ? 65  ASN A OD1 1 
ATOM   545 N  ND2 . ASN A 1 65 ? 7.389   -6.142  9.620   1.00 55.37 ? 65  ASN A ND2 1 
ATOM   546 N  N   . PHE A 1 66 ? 9.830   -3.812  5.436   1.00 28.02 ? 66  PHE A N   1 
ATOM   547 C  CA  . PHE A 1 66 ? 9.421   -2.471  5.022   1.00 23.67 ? 66  PHE A CA  1 
ATOM   548 C  C   . PHE A 1 66 ? 8.254   -2.510  4.033   1.00 24.22 ? 66  PHE A C   1 
ATOM   549 O  O   . PHE A 1 66 ? 7.383   -1.634  4.077   1.00 21.87 ? 66  PHE A O   1 
ATOM   550 C  CB  . PHE A 1 66 ? 10.580  -1.732  4.381   1.00 21.87 ? 66  PHE A CB  1 
ATOM   551 C  CG  . PHE A 1 66 ? 11.717  -1.381  5.324   1.00 28.34 ? 66  PHE A CG  1 
ATOM   552 C  CD1 . PHE A 1 66 ? 11.497  -1.149  6.670   1.00 26.19 ? 66  PHE A CD1 1 
ATOM   553 C  CD2 . PHE A 1 66 ? 12.993  -1.239  4.825   1.00 30.50 ? 66  PHE A CD2 1 
ATOM   554 C  CE1 . PHE A 1 66 ? 12.514  -0.802  7.507   1.00 30.42 ? 66  PHE A CE1 1 
ATOM   555 C  CE2 . PHE A 1 66 ? 14.056  -0.905  5.666   1.00 31.31 ? 66  PHE A CE2 1 
ATOM   556 C  CZ  . PHE A 1 66 ? 13.803  -0.673  7.016   1.00 28.02 ? 66  PHE A CZ  1 
ATOM   557 N  N   . PHE A 1 67 ? 8.248   -3.474  3.109   1.00 23.38 ? 67  PHE A N   1 
ATOM   558 C  CA  . PHE A 1 67 ? 7.184   -3.529  2.103   1.00 25.89 ? 67  PHE A CA  1 
ATOM   559 C  C   . PHE A 1 67 ? 5.839   -3.844  2.745   1.00 25.28 ? 67  PHE A C   1 
ATOM   560 O  O   . PHE A 1 67 ? 4.829   -3.170  2.480   1.00 24.19 ? 67  PHE A O   1 
ATOM   561 C  CB  . PHE A 1 67 ? 7.512   -4.558  1.009   1.00 23.57 ? 67  PHE A CB  1 
ATOM   562 C  CG  . PHE A 1 67 ? 6.569   -4.467  -0.161  1.00 24.66 ? 67  PHE A CG  1 
ATOM   563 C  CD1 . PHE A 1 67 ? 6.717   -3.463  -1.089  1.00 29.34 ? 67  PHE A CD1 1 
ATOM   564 C  CD2 . PHE A 1 67 ? 5.510   -5.316  -0.281  1.00 26.11 ? 67  PHE A CD2 1 
ATOM   565 C  CE1 . PHE A 1 67 ? 5.836   -3.342  -2.141  1.00 31.25 ? 67  PHE A CE1 1 
ATOM   566 C  CE2 . PHE A 1 67 ? 4.641   -5.194  -1.334  1.00 32.56 ? 67  PHE A CE2 1 
ATOM   567 C  CZ  . PHE A 1 67 ? 4.808   -4.199  -2.256  1.00 24.74 ? 67  PHE A CZ  1 
ATOM   568 N  N   . GLU A 1 68 ? 5.804   -4.871  3.590   1.00 23.97 ? 68  GLU A N   1 
ATOM   569 C  CA  . GLU A 1 68 ? 4.575   -5.200  4.322   1.00 28.66 ? 68  GLU A CA  1 
ATOM   570 C  C   . GLU A 1 68 ? 4.085   -4.025  5.152   1.00 29.33 ? 68  GLU A C   1 
ATOM   571 O  O   . GLU A 1 68 ? 2.878   -3.755  5.204   1.00 26.20 ? 68  GLU A O   1 
ATOM   572 C  CB  . GLU A 1 68 ? 4.815   -6.414  5.217   1.00 31.87 ? 68  GLU A CB  1 
ATOM   573 C  CG  . GLU A 1 68 ? 5.008   -7.745  4.452   1.00 46.02 ? 68  GLU A CG  1 
ATOM   574 C  CD  . GLU A 1 68 ? 6.185   -7.743  3.453   1.00 61.95 ? 68  GLU A CD  1 
ATOM   575 O  OE1 . GLU A 1 68 ? 7.259   -7.143  3.748   1.00 56.52 ? 68  GLU A OE1 1 
ATOM   576 O  OE2 . GLU A 1 68 ? 6.026   -8.357  2.365   1.00 58.88 ? 68  GLU A OE2 1 
ATOM   577 N  N   . ARG A 1 69 ? 4.999   -3.336  5.843   1.00 22.24 ? 69  ARG A N   1 
ATOM   578 C  CA  . ARG A 1 69 ? 4.596   -2.211  6.695   1.00 28.55 ? 69  ARG A CA  1 
ATOM   579 C  C   . ARG A 1 69 ? 3.955   -1.111  5.870   1.00 29.71 ? 69  ARG A C   1 
ATOM   580 O  O   . ARG A 1 69 ? 2.938   -0.526  6.268   1.00 22.64 ? 69  ARG A O   1 
ATOM   581 C  CB  . ARG A 1 69 ? 5.803   -1.649  7.433   1.00 32.41 ? 69  ARG A CB  1 
ATOM   582 C  CG  . ARG A 1 69 ? 6.088   -2.320  8.734   1.00 43.18 ? 69  ARG A CG  1 
ATOM   583 C  CD  . ARG A 1 69 ? 7.012   -1.420  9.537   1.00 46.59 ? 69  ARG A CD  1 
ATOM   584 N  NE  . ARG A 1 69 ? 8.317   -2.019  9.633   1.00 43.35 ? 69  ARG A NE  1 
ATOM   585 C  CZ  . ARG A 1 69 ? 9.427   -1.361  9.937   1.00 33.13 ? 69  ARG A CZ  1 
ATOM   586 N  NH1 . ARG A 1 69 ? 10.556  -2.033  9.999   1.00 36.72 ? 69  ARG A NH1 1 
ATOM   587 N  NH2 . ARG A 1 69 ? 9.410   -0.045  10.148  1.00 44.43 ? 69  ARG A NH2 1 
ATOM   588 N  N   . ALA A 1 70 ? 4.528   -0.837  4.702   1.00 24.59 ? 70  ALA A N   1 
ATOM   589 C  CA  . ALA A 1 70 ? 4.028   0.226   3.836   1.00 26.31 ? 70  ALA A CA  1 
ATOM   590 C  C   . ALA A 1 70 ? 2.680   -0.146  3.250   1.00 25.76 ? 70  ALA A C   1 
ATOM   591 O  O   . ALA A 1 70 ? 1.774   0.698   3.176   1.00 23.48 ? 70  ALA A O   1 
ATOM   592 C  CB  . ALA A 1 70 ? 5.066   0.541   2.740   1.00 20.30 ? 70  ALA A CB  1 
ATOM   593 N  N   . ILE A 1 71 ? 2.496   -1.416  2.872   1.00 23.86 ? 71  ILE A N   1 
ATOM   594 C  CA  . ILE A 1 71 ? 1.182   -1.832  2.376   1.00 23.49 ? 71  ILE A CA  1 
ATOM   595 C  C   . ILE A 1 71 ? 0.135   -1.752  3.495   1.00 24.87 ? 71  ILE A C   1 
ATOM   596 O  O   . ILE A 1 71 ? -0.985  -1.250  3.304   1.00 22.30 ? 71  ILE A O   1 
ATOM   597 C  CB  . ILE A 1 71 ? 1.264   -3.238  1.749   1.00 22.03 ? 71  ILE A CB  1 
ATOM   598 C  CG1 . ILE A 1 71 ? 2.245   -3.274  0.541   1.00 23.15 ? 71  ILE A CG1 1 
ATOM   599 C  CG2 . ILE A 1 71 ? -0.152  -3.701  1.366   1.00 25.19 ? 71  ILE A CG2 1 
ATOM   600 C  CD1 . ILE A 1 71 ? 1.815   -2.365  -0.646  1.00 26.67 ? 71  ILE A CD1 1 
ATOM   601 N  N   . ASN A 1 72 ? 0.469   -2.228  4.696   1.00 22.49 ? 72  ASN A N   1 
ATOM   602 C  CA  A ASN A 1 72 ? -0.500  -2.179  5.793   0.50 25.64 ? 72  ASN A CA  1 
ATOM   603 C  CA  B ASN A 1 72 ? -0.510  -2.186  5.778   0.50 25.64 ? 72  ASN A CA  1 
ATOM   604 C  C   . ASN A 1 72 ? -0.954  -0.751  6.071   1.00 24.69 ? 72  ASN A C   1 
ATOM   605 O  O   . ASN A 1 72 ? -2.148  -0.499  6.288   1.00 27.14 ? 72  ASN A O   1 
ATOM   606 C  CB  A ASN A 1 72 ? 0.092   -2.790  7.063   0.50 27.64 ? 72  ASN A CB  1 
ATOM   607 C  CB  B ASN A 1 72 ? 0.064   -2.858  7.025   0.50 27.66 ? 72  ASN A CB  1 
ATOM   608 C  CG  A ASN A 1 72 ? -0.899  -2.807  8.226   0.50 31.46 ? 72  ASN A CG  1 
ATOM   609 C  CG  B ASN A 1 72 ? 0.198   -4.372  6.862   0.50 26.06 ? 72  ASN A CG  1 
ATOM   610 O  OD1 A ASN A 1 72 ? -1.811  -3.628  8.260   0.50 34.82 ? 72  ASN A OD1 1 
ATOM   611 O  OD1 B ASN A 1 72 ? -0.498  -4.981  6.056   0.50 30.60 ? 72  ASN A OD1 1 
ATOM   612 N  ND2 A ASN A 1 72 ? -0.708  -1.911  9.188   0.50 30.87 ? 72  ASN A ND2 1 
ATOM   613 N  ND2 B ASN A 1 72 ? 1.104   -4.980  7.630   0.50 34.05 ? 72  ASN A ND2 1 
ATOM   614 N  N   . ASP A 1 73 ? -0.015  0.194   6.064   1.00 24.46 ? 73  ASP A N   1 
ATOM   615 C  CA  A ASP A 1 73 ? -0.356  1.601   6.283   0.63 29.02 ? 73  ASP A CA  1 
ATOM   616 C  CA  B ASP A 1 73 ? -0.364  1.595   6.292   0.37 29.09 ? 73  ASP A CA  1 
ATOM   617 C  C   . ASP A 1 73 ? -1.314  2.114   5.223   1.00 29.44 ? 73  ASP A C   1 
ATOM   618 O  O   . ASP A 1 73 ? -2.303  2.787   5.535   1.00 26.95 ? 73  ASP A O   1 
ATOM   619 C  CB  A ASP A 1 73 ? 0.907   2.463   6.281   0.63 30.20 ? 73  ASP A CB  1 
ATOM   620 C  CB  B ASP A 1 73 ? 0.903   2.449   6.335   0.37 30.26 ? 73  ASP A CB  1 
ATOM   621 C  CG  A ASP A 1 73 ? 1.668   2.381   7.579   0.63 41.82 ? 73  ASP A CG  1 
ATOM   622 C  CG  B ASP A 1 73 ? 1.869   1.993   7.405   0.37 39.93 ? 73  ASP A CG  1 
ATOM   623 O  OD1 A ASP A 1 73 ? 1.087   1.894   8.575   0.63 46.48 ? 73  ASP A OD1 1 
ATOM   624 O  OD1 B ASP A 1 73 ? 1.418   1.327   8.362   0.37 44.45 ? 73  ASP A OD1 1 
ATOM   625 O  OD2 A ASP A 1 73 ? 2.843   2.820   7.608   0.63 43.91 ? 73  ASP A OD2 1 
ATOM   626 O  OD2 B ASP A 1 73 ? 3.076   2.305   7.297   0.37 42.42 ? 73  ASP A OD2 1 
ATOM   627 N  N   . ILE A 1 74 ? -1.000  1.856   3.952   1.00 24.45 ? 74  ILE A N   1 
ATOM   628 C  CA  . ILE A 1 74 ? -1.851  2.333   2.894   1.00 26.06 ? 74  ILE A CA  1 
ATOM   629 C  C   . ILE A 1 74 ? -3.226  1.660   2.968   1.00 26.91 ? 74  ILE A C   1 
ATOM   630 O  O   . ILE A 1 74 ? -4.235  2.301   2.696   1.00 23.05 ? 74  ILE A O   1 
ATOM   631 C  CB  . ILE A 1 74 ? -1.142  2.134   1.527   1.00 29.40 ? 74  ILE A CB  1 
ATOM   632 C  CG1 . ILE A 1 74 ? -1.491  3.261   0.564   1.00 36.69 ? 74  ILE A CG1 1 
ATOM   633 C  CG2 . ILE A 1 74 ? -1.561  0.843   0.880   1.00 34.64 ? 74  ILE A CG2 1 
ATOM   634 C  CD1 . ILE A 1 74 ? -0.956  4.638   0.989   1.00 34.93 ? 74  ILE A CD1 1 
ATOM   635 N  N   . VAL A 1 75 ? -3.307  0.393   3.395   1.00 22.66 ? 75  VAL A N   1 
ATOM   636 C  CA  . VAL A 1 75 ? -4.621  -0.245  3.504   1.00 26.52 ? 75  VAL A CA  1 
ATOM   637 C  C   . VAL A 1 75 ? -5.431  0.382   4.631   1.00 30.16 ? 75  VAL A C   1 
ATOM   638 O  O   . VAL A 1 75 ? -6.641  0.636   4.483   1.00 26.08 ? 75  VAL A O   1 
ATOM   639 C  CB  . VAL A 1 75 ? -4.503  -1.772  3.684   1.00 26.96 ? 75  VAL A CB  1 
ATOM   640 C  CG1 . VAL A 1 75 ? -5.903  -2.400  4.106   1.00 24.94 ? 75  VAL A CG1 1 
ATOM   641 C  CG2 . VAL A 1 75 ? -4.008  -2.430  2.387   1.00 27.70 ? 75  VAL A CG2 1 
ATOM   642 N  N   . LEU A 1 76 ? -4.791  0.663   5.771   1.00 26.09 ? 76  LEU A N   1 
ATOM   643 C  CA  . LEU A 1 76 ? -5.524  1.284   6.872   1.00 23.82 ? 76  LEU A CA  1 
ATOM   644 C  C   . LEU A 1 76 ? -5.997  2.676   6.488   1.00 24.07 ? 76  LEU A C   1 
ATOM   645 O  O   . LEU A 1 76 ? -7.147  3.050   6.747   1.00 24.57 ? 76  LEU A O   1 
ATOM   646 C  CB  . LEU A 1 76 ? -4.651  1.333   8.126   1.00 27.64 ? 76  LEU A CB  1 
ATOM   647 C  CG  . LEU A 1 76 ? -4.329  -0.045  8.713   1.00 35.52 ? 76  LEU A CG  1 
ATOM   648 C  CD1 . LEU A 1 76 ? -3.381  0.110   9.898   1.00 45.50 ? 76  LEU A CD1 1 
ATOM   649 C  CD2 . LEU A 1 76 ? -5.624  -0.731  9.139   1.00 39.37 ? 76  LEU A CD2 1 
ATOM   650 N  N   . ARG A 1 77 ? -5.127  3.456   5.851   1.00 21.77 ? 77  ARG A N   1 
ATOM   651 C  CA  A ARG A 1 77 ? -5.518  4.793   5.423   0.46 23.94 ? 77  ARG A CA  1 
ATOM   652 C  CA  B ARG A 1 77 ? -5.521  4.792   5.429   0.54 23.94 ? 77  ARG A CA  1 
ATOM   653 C  C   . ARG A 1 77 ? -6.652  4.731   4.411   1.00 21.54 ? 77  ARG A C   1 
ATOM   654 O  O   . ARG A 1 77 ? -7.554  5.569   4.437   1.00 22.55 ? 77  ARG A O   1 
ATOM   655 C  CB  A ARG A 1 77 ? -4.325  5.531   4.819   0.46 25.75 ? 77  ARG A CB  1 
ATOM   656 C  CB  B ARG A 1 77 ? -4.328  5.546   4.841   0.54 25.72 ? 77  ARG A CB  1 
ATOM   657 C  CG  A ARG A 1 77 ? -3.315  6.063   5.817   0.46 30.90 ? 77  ARG A CG  1 
ATOM   658 C  CG  B ARG A 1 77 ? -3.251  5.946   5.841   0.54 30.93 ? 77  ARG A CG  1 
ATOM   659 C  CD  A ARG A 1 77 ? -2.030  6.457   5.105   0.46 34.11 ? 77  ARG A CD  1 
ATOM   660 C  CD  B ARG A 1 77 ? -2.048  6.561   5.127   0.54 34.15 ? 77  ARG A CD  1 
ATOM   661 N  NE  A ARG A 1 77 ? -2.243  7.493   4.098   0.46 30.26 ? 77  ARG A NE  1 
ATOM   662 N  NE  B ARG A 1 77 ? -0.881  6.642   6.004   0.54 33.62 ? 77  ARG A NE  1 
ATOM   663 C  CZ  A ARG A 1 77 ? -1.283  7.987   3.321   0.46 36.33 ? 77  ARG A CZ  1 
ATOM   664 C  CZ  B ARG A 1 77 ? 0.338   7.018   5.612   0.54 37.99 ? 77  ARG A CZ  1 
ATOM   665 N  NH1 A ARG A 1 77 ? -0.040  7.535   3.421   0.46 38.82 ? 77  ARG A NH1 1 
ATOM   666 N  NH1 B ARG A 1 77 ? 0.559   7.359   4.355   0.54 40.10 ? 77  ARG A NH1 1 
ATOM   667 N  NH2 A ARG A 1 77 ? -1.562  8.926   2.432   0.46 36.79 ? 77  ARG A NH2 1 
ATOM   668 N  NH2 B ARG A 1 77 ? 1.339   7.058   6.480   0.54 33.47 ? 77  ARG A NH2 1 
ATOM   669 N  N   . SER A 1 78 ? -6.604  3.766   3.493   1.00 23.75 ? 78  SER A N   1 
ATOM   670 C  CA  . SER A 1 78 ? -7.613  3.680   2.437   1.00 25.22 ? 78  SER A CA  1 
ATOM   671 C  C   . SER A 1 78 ? -8.959  3.291   3.014   1.00 24.51 ? 78  SER A C   1 
ATOM   672 O  O   . SER A 1 78 ? -9.999  3.832   2.611   1.00 23.16 ? 78  SER A O   1 
ATOM   673 C  CB  . SER A 1 78 ? -7.190  2.661   1.366   1.00 23.71 ? 78  SER A CB  1 
ATOM   674 O  OG  . SER A 1 78 ? -6.122  3.200   0.588   1.00 25.00 ? 78  SER A OG  1 
ATOM   675 N  N   . LYS A 1 79 ? -8.966  2.335   3.940   1.00 20.85 ? 79  LYS A N   1 
ATOM   676 C  CA  . LYS A 1 79 ? -10.221 1.980   4.582   1.00 25.12 ? 79  LYS A CA  1 
ATOM   677 C  C   . LYS A 1 79 ? -10.833 3.186   5.291   1.00 26.50 ? 79  LYS A C   1 
ATOM   678 O  O   . LYS A 1 79 ? -12.026 3.451   5.146   1.00 25.68 ? 79  LYS A O   1 
ATOM   679 C  CB  . LYS A 1 79 ? -10.008 0.813   5.540   1.00 27.78 ? 79  LYS A CB  1 
ATOM   680 C  CG  . LYS A 1 79 ? -9.898  -0.507  4.751   1.00 32.29 ? 79  LYS A CG  1 
ATOM   681 C  CD  . LYS A 1 79 ? -9.608  -1.722  5.630   1.00 41.57 ? 79  LYS A CD  1 
ATOM   682 C  CE  . LYS A 1 79 ? -9.559  -3.003  4.773   1.00 43.47 ? 79  LYS A CE  1 
ATOM   683 N  NZ  . LYS A 1 79 ? -9.254  -4.204  5.596   1.00 48.88 ? 79  LYS A NZ  1 
ATOM   684 N  N   . ALA A 1 80 ? -10.042 3.927   6.065   1.00 21.57 ? 80  ALA A N   1 
ATOM   685 C  CA  . ALA A 1 80 ? -10.616 5.082   6.739   1.00 22.64 ? 80  ALA A CA  1 
ATOM   686 C  C   . ALA A 1 80 ? -11.128 6.099   5.726   1.00 23.91 ? 80  ALA A C   1 
ATOM   687 O  O   . ALA A 1 80 ? -12.202 6.688   5.910   1.00 24.16 ? 80  ALA A O   1 
ATOM   688 C  CB  . ALA A 1 80 ? -9.592  5.714   7.673   1.00 24.77 ? 80  ALA A CB  1 
ATOM   689 N  N   . HIS A 1 81 ? -10.359 6.331   4.670   1.00 22.75 ? 81  HIS A N   1 
ATOM   690 C  CA  . HIS A 1 81 ? -10.714 7.342   3.674   1.00 25.12 ? 81  HIS A CA  1 
ATOM   691 C  C   . HIS A 1 81 ? -11.996 6.979   2.940   1.00 22.82 ? 81  HIS A C   1 
ATOM   692 O  O   . HIS A 1 81 ? -12.919 7.805   2.830   1.00 20.87 ? 81  HIS A O   1 
ATOM   693 C  CB  . HIS A 1 81 ? -9.568  7.506   2.670   1.00 26.66 ? 81  HIS A CB  1 
ATOM   694 C  CG  . HIS A 1 81 ? -9.780  8.606   1.681   1.00 25.67 ? 81  HIS A CG  1 
ATOM   695 N  ND1 . HIS A 1 81 ? -10.159 8.373   0.377   1.00 38.25 ? 81  HIS A ND1 1 
ATOM   696 C  CD2 . HIS A 1 81 ? -9.605  9.945   1.788   1.00 28.46 ? 81  HIS A CD2 1 
ATOM   697 C  CE1 . HIS A 1 81 ? -10.230 9.522   -0.271  1.00 27.35 ? 81  HIS A CE1 1 
ATOM   698 N  NE2 . HIS A 1 81 ? -9.908  10.491  0.561   1.00 33.40 ? 81  HIS A NE2 1 
ATOM   699 N  N   . VAL A 1 82 ? -12.079 5.749   2.436   1.00 17.51 ? 82  VAL A N   1 
ATOM   700 C  CA  . VAL A 1 82 ? -13.233 5.350   1.642   1.00 23.57 ? 82  VAL A CA  1 
ATOM   701 C  C   . VAL A 1 82 ? -14.486 5.284   2.510   1.00 24.67 ? 82  VAL A C   1 
ATOM   702 O  O   . VAL A 1 82 ? -15.553 5.781   2.119   1.00 21.96 ? 82  VAL A O   1 
ATOM   703 C  CB  . VAL A 1 82 ? -12.953 4.012   0.929   1.00 24.89 ? 82  VAL A CB  1 
ATOM   704 C  CG1 . VAL A 1 82 ? -14.248 3.395   0.328   1.00 22.43 ? 82  VAL A CG1 1 
ATOM   705 C  CG2 . VAL A 1 82 ? -11.861 4.191   -0.199  1.00 23.10 ? 82  VAL A CG2 1 
ATOM   706 N  N   . LYS A 1 83 ? -14.396 4.687   3.703   1.00 21.39 ? 83  LYS A N   1 
ATOM   707 C  CA  . LYS A 1 83 ? -15.588 4.674   4.562   1.00 23.09 ? 83  LYS A CA  1 
ATOM   708 C  C   . LYS A 1 83 ? -16.051 6.081   4.920   1.00 22.44 ? 83  LYS A C   1 
ATOM   709 O  O   . LYS A 1 83 ? -17.261 6.329   5.002   1.00 20.14 ? 83  LYS A O   1 
ATOM   710 C  CB  . LYS A 1 83 ? -15.346 3.851   5.824   1.00 21.94 ? 83  LYS A CB  1 
ATOM   711 C  CG  . LYS A 1 83 ? -15.125 2.351   5.488   1.00 24.10 ? 83  LYS A CG  1 
ATOM   712 C  CD  . LYS A 1 83 ? -14.829 1.587   6.766   1.00 25.69 ? 83  LYS A CD  1 
ATOM   713 C  CE  . LYS A 1 83 ? -15.166 0.136   6.564   1.00 46.04 ? 83  LYS A CE  1 
ATOM   714 N  NZ  . LYS A 1 83 ? -14.130 -0.433  5.689   1.00 44.40 ? 83  LYS A NZ  1 
ATOM   715 N  N   . SER A 1 84 ? -15.121 7.010   5.153   1.00 19.59 ? 84  SER A N   1 
ATOM   716 C  CA  . SER A 1 84 ? -15.519 8.385   5.463   1.00 22.81 ? 84  SER A CA  1 
ATOM   717 C  C   . SER A 1 84 ? -16.233 9.041   4.296   1.00 22.26 ? 84  SER A C   1 
ATOM   718 O  O   . SER A 1 84 ? -17.223 9.765   4.502   1.00 20.31 ? 84  SER A O   1 
ATOM   719 C  CB  . SER A 1 84 ? -14.311 9.249   5.865   1.00 22.64 ? 84  SER A CB  1 
ATOM   720 O  OG  . SER A 1 84 ? -13.611 8.738   6.990   1.00 23.57 ? 84  SER A OG  1 
ATOM   721 N  N   . LYS A 1 85 ? -15.694 8.894   3.072   1.00 21.39 ? 85  LYS A N   1 
ATOM   722 C  CA  . LYS A 1 85 ? -16.365 9.486   1.901   1.00 23.24 ? 85  LYS A CA  1 
ATOM   723 C  C   . LYS A 1 85 ? -17.734 8.849   1.644   1.00 22.49 ? 85  LYS A C   1 
ATOM   724 O  O   . LYS A 1 85 ? -18.702 9.554   1.311   1.00 20.84 ? 85  LYS A O   1 
ATOM   725 C  CB  . LYS A 1 85 ? -15.494 9.382   0.640   1.00 22.83 ? 85  LYS A CB  1 
ATOM   726 C  CG  . LYS A 1 85 ? -14.152 10.146  0.648   1.00 24.61 ? 85  LYS A CG  1 
ATOM   727 C  CD  . LYS A 1 85 ? -14.263 11.643  0.997   1.00 32.24 ? 85  LYS A CD  1 
ATOM   728 C  CE  . LYS A 1 85 ? -12.920 12.425  0.693   1.00 24.97 ? 85  LYS A CE  1 
ATOM   729 N  NZ  . LYS A 1 85 ? -12.731 12.666  -0.788  1.00 28.63 ? 85  LYS A NZ  1 
ATOM   730 N  N   . ILE A 1 86 ? -17.849 7.527   1.794   1.00 18.61 ? 86  ILE A N   1 
ATOM   731 C  CA  . ILE A 1 86 ? -19.163 6.881   1.660   1.00 22.46 ? 86  ILE A CA  1 
ATOM   732 C  C   . ILE A 1 86 ? -20.158 7.431   2.687   1.00 27.84 ? 86  ILE A C   1 
ATOM   733 O  O   . ILE A 1 86 ? -21.311 7.754   2.358   1.00 24.18 ? 86  ILE A O   1 
ATOM   734 C  CB  . ILE A 1 86 ? -19.028 5.351   1.787   1.00 20.15 ? 86  ILE A CB  1 
ATOM   735 C  CG1 . ILE A 1 86 ? -18.217 4.795   0.614   1.00 25.72 ? 86  ILE A CG1 1 
ATOM   736 C  CG2 . ILE A 1 86 ? -20.410 4.688   1.916   1.00 26.65 ? 86  ILE A CG2 1 
ATOM   737 C  CD1 . ILE A 1 86 ? -17.809 3.337   0.836   1.00 28.92 ? 86  ILE A CD1 1 
ATOM   738 N  N   . TRP A 1 87 ? -19.750 7.478   3.955   1.00 21.71 ? 87  TRP A N   1 
ATOM   739 C  CA  . TRP A 1 87 ? -20.605 8.050   4.992   1.00 23.47 ? 87  TRP A CA  1 
ATOM   740 C  C   . TRP A 1 87 ? -21.041 9.467   4.617   1.00 27.43 ? 87  TRP A C   1 
ATOM   741 O  O   . TRP A 1 87 ? -22.228 9.813   4.698   1.00 26.50 ? 87  TRP A O   1 
ATOM   742 C  CB  . TRP A 1 87 ? -19.834 8.065   6.321   1.00 21.07 ? 87  TRP A CB  1 
ATOM   743 C  CG  . TRP A 1 87 ? -20.667 8.588   7.478   1.00 22.56 ? 87  TRP A CG  1 
ATOM   744 C  CD1 . TRP A 1 87 ? -20.678 9.863   7.990   1.00 25.24 ? 87  TRP A CD1 1 
ATOM   745 C  CD2 . TRP A 1 87 ? -21.592 7.829   8.257   1.00 22.87 ? 87  TRP A CD2 1 
ATOM   746 N  NE1 . TRP A 1 87 ? -21.586 9.940   9.036   1.00 26.94 ? 87  TRP A NE1 1 
ATOM   747 C  CE2 . TRP A 1 87 ? -22.143 8.703   9.233   1.00 25.75 ? 87  TRP A CE2 1 
ATOM   748 C  CE3 . TRP A 1 87 ? -22.007 6.496   8.229   1.00 25.69 ? 87  TRP A CE3 1 
ATOM   749 C  CZ2 . TRP A 1 87 ? -23.087 8.278   10.172  1.00 27.22 ? 87  TRP A CZ2 1 
ATOM   750 C  CZ3 . TRP A 1 87 ? -22.937 6.072   9.161   1.00 23.92 ? 87  TRP A CZ3 1 
ATOM   751 C  CH2 . TRP A 1 87 ? -23.474 6.961   10.120  1.00 26.05 ? 87  TRP A CH2 1 
ATOM   752 N  N   . GLY A 1 88 ? -20.078 10.303  4.205   1.00 24.17 ? 88  GLY A N   1 
ATOM   753 C  CA  . GLY A 1 88 ? -20.394 11.669  3.815   1.00 28.52 ? 88  GLY A CA  1 
ATOM   754 C  C   . GLY A 1 88 ? -21.374 11.742  2.661   1.00 27.74 ? 88  GLY A C   1 
ATOM   755 O  O   . GLY A 1 88 ? -22.258 12.610  2.631   1.00 34.99 ? 88  GLY A O   1 
ATOM   756 N  N   . SER A 1 89 ? -21.279 10.812  1.728   1.00 31.08 ? 89  SER A N   1 
ATOM   757 C  CA  . SER A 1 89 ? -22.138 10.907  0.561   1.00 29.04 ? 89  SER A CA  1 
ATOM   758 C  C   . SER A 1 89 ? -23.596 10.619  0.890   1.00 35.52 ? 89  SER A C   1 
ATOM   759 O  O   . SER A 1 89 ? -24.473 11.011  0.116   1.00 42.05 ? 89  SER A O   1 
ATOM   760 C  CB  . SER A 1 89 ? -21.626 9.980   -0.553  1.00 35.21 ? 89  SER A CB  1 
ATOM   761 O  OG  . SER A 1 89 ? -22.101 8.660   -0.366  1.00 35.30 ? 89  SER A OG  1 
ATOM   762 N  N   . HIS A 1 90 ? -23.911 9.972   2.010   1.00 33.10 ? 90  HIS A N   1 
ATOM   763 C  CA  . HIS A 1 90 ? -25.329 9.926   2.371   1.00 38.24 ? 90  HIS A CA  1 
ATOM   764 C  C   . HIS A 1 90 ? -25.599 10.499  3.758   1.00 38.06 ? 90  HIS A C   1 
ATOM   765 O  O   . HIS A 1 90 ? -26.572 10.118  4.418   1.00 40.95 ? 90  HIS A O   1 
ATOM   766 C  CB  . HIS A 1 90 ? -25.896 8.519   2.251   1.00 41.87 ? 90  HIS A CB  1 
ATOM   767 C  CG  . HIS A 1 90 ? -25.296 7.537   3.196   1.00 39.10 ? 90  HIS A CG  1 
ATOM   768 N  ND1 . HIS A 1 90 ? -24.028 7.027   3.028   1.00 52.35 ? 90  HIS A ND1 1 
ATOM   769 C  CD2 . HIS A 1 90 ? -25.814 6.915   4.282   1.00 49.51 ? 90  HIS A CD2 1 
ATOM   770 C  CE1 . HIS A 1 90 ? -23.773 6.161   3.995   1.00 44.07 ? 90  HIS A CE1 1 
ATOM   771 N  NE2 . HIS A 1 90 ? -24.842 6.072   4.768   1.00 57.79 ? 90  HIS A NE2 1 
ATOM   772 N  N   . HIS A 1 91 ? -24.776 11.448  4.199   1.00 31.75 ? 91  HIS A N   1 
ATOM   773 C  CA  . HIS A 1 91 ? -25.083 12.260  5.384   1.00 34.01 ? 91  HIS A CA  1 
ATOM   774 C  C   . HIS A 1 91 ? -24.727 13.714  5.058   1.00 33.75 ? 91  HIS A C   1 
ATOM   775 O  O   . HIS A 1 91 ? -23.824 14.315  5.625   1.00 37.47 ? 91  HIS A O   1 
ATOM   776 C  CB  . HIS A 1 91 ? -24.341 11.778  6.632   1.00 31.12 ? 91  HIS A CB  1 
ATOM   777 C  CG  . HIS A 1 91 ? -24.751 10.413  7.089   1.00 34.12 ? 91  HIS A CG  1 
ATOM   778 N  ND1 . HIS A 1 91 ? -24.194 9.252   6.570   1.00 30.89 ? 91  HIS A ND1 1 
ATOM   779 C  CD2 . HIS A 1 91 ? -25.686 10.016  7.985   1.00 26.49 ? 91  HIS A CD2 1 
ATOM   780 C  CE1 . HIS A 1 91 ? -24.759 8.205   7.147   1.00 28.89 ? 91  HIS A CE1 1 
ATOM   781 N  NE2 . HIS A 1 91 ? -25.670 8.640   8.004   1.00 29.08 ? 91  HIS A NE2 1 
ATOM   782 N  N   . HIS A 1 92 ? -25.435 14.274  4.088   1.00 32.13 ? 92  HIS A N   1 
ATOM   783 C  CA  . HIS A 1 92 ? -25.331 15.693  3.789   1.00 36.62 ? 92  HIS A CA  1 
ATOM   784 C  C   . HIS A 1 92 ? -26.704 16.213  3.356   1.00 37.53 ? 92  HIS A C   1 
ATOM   785 O  O   . HIS A 1 92 ? -27.607 15.448  2.997   1.00 39.09 ? 92  HIS A O   1 
ATOM   786 C  CB  . HIS A 1 92 ? -24.253 15.961  2.720   1.00 35.21 ? 92  HIS A CB  1 
ATOM   787 C  CG  . HIS A 1 92 ? -24.620 15.476  1.345   1.00 42.21 ? 92  HIS A CG  1 
ATOM   788 N  ND1 . HIS A 1 92 ? -24.222 14.250  0.854   1.00 40.43 ? 92  HIS A ND1 1 
ATOM   789 C  CD2 . HIS A 1 92 ? -25.331 16.067  0.353   1.00 36.85 ? 92  HIS A CD2 1 
ATOM   790 C  CE1 . HIS A 1 92 ? -24.682 14.101  -0.377  1.00 44.78 ? 92  HIS A CE1 1 
ATOM   791 N  NE2 . HIS A 1 92 ? -25.363 15.188  -0.703  1.00 44.97 ? 92  HIS A NE2 1 
ATOM   792 N  N   . HIS A 1 93 ? -26.859 17.531  3.425   1.00 39.20 ? 93  HIS A N   1 
ATOM   793 C  CA  . HIS A 1 93 ? -28.110 18.191  3.077   1.00 44.34 ? 93  HIS A CA  1 
ATOM   794 C  C   . HIS A 1 93 ? -28.268 18.242  1.554   1.00 44.47 ? 93  HIS A C   1 
ATOM   795 O  O   . HIS A 1 93 ? -27.304 18.598  0.862   1.00 41.04 ? 93  HIS A O   1 
ATOM   796 C  CB  . HIS A 1 93 ? -28.142 19.607  3.675   1.00 44.10 ? 93  HIS A CB  1 
HETATM 797 C  C1  . EDO B 2 .  ? -6.425  12.822  -5.231  1.00 40.80 ? 101 EDO A C1  1 
HETATM 798 O  O1  . EDO B 2 .  ? -5.910  11.836  -6.154  1.00 48.11 ? 101 EDO A O1  1 
HETATM 799 C  C2  . EDO B 2 .  ? -7.950  12.804  -5.159  1.00 39.83 ? 101 EDO A C2  1 
HETATM 800 O  O2  . EDO B 2 .  ? -8.375  12.907  -3.775  1.00 43.88 ? 101 EDO A O2  1 
HETATM 801 H  H11 . EDO B 2 .  ? -6.017  12.632  -4.236  1.00 49.12 ? 101 EDO A H11 1 
HETATM 802 H  H12 . EDO B 2 .  ? -6.092  13.815  -5.542  1.00 49.12 ? 101 EDO A H12 1 
HETATM 803 H  HO1 . EDO B 2 .  ? -4.944  11.881  -6.169  1.00 57.90 ? 101 EDO A HO1 1 
HETATM 804 H  H21 . EDO B 2 .  ? -8.357  13.640  -5.733  1.00 47.96 ? 101 EDO A H21 1 
HETATM 805 H  H22 . EDO B 2 .  ? -8.329  11.877  -5.593  1.00 47.96 ? 101 EDO A H22 1 
HETATM 806 H  HO2 . EDO B 2 .  ? -9.341  12.896  -3.732  1.00 52.82 ? 101 EDO A HO2 1 
HETATM 807 O  O   . HOH C 3 .  ? -10.058 10.310  -3.127  1.00 48.54 ? 201 HOH A O   1 
HETATM 808 O  O   . HOH C 3 .  ? 12.206  -4.874  3.499   1.00 26.73 ? 202 HOH A O   1 
HETATM 809 O  O   . HOH C 3 .  ? -10.760 7.308   -2.924  1.00 44.18 ? 203 HOH A O   1 
HETATM 810 O  O   . HOH C 3 .  ? 4.125   3.968   5.656   1.00 36.72 ? 204 HOH A O   1 
HETATM 811 O  O   . HOH C 3 .  ? -4.386  -13.352 -10.399 1.00 44.23 ? 205 HOH A O   1 
HETATM 812 O  O   . HOH C 3 .  ? -6.928  -0.329  -11.216 1.00 40.62 ? 206 HOH A O   1 
HETATM 813 O  O   . HOH C 3 .  ? 24.932  3.166   2.569   1.00 39.71 ? 207 HOH A O   1 
HETATM 814 O  O   . HOH C 3 .  ? -14.244 -5.597  -5.336  1.00 41.12 ? 208 HOH A O   1 
HETATM 815 O  O   . HOH C 3 .  ? 21.975  -4.109  2.959   1.00 36.52 ? 209 HOH A O   1 
HETATM 816 O  O   . HOH C 3 .  ? 16.218  -8.120  -2.751  1.00 29.46 ? 210 HOH A O   1 
HETATM 817 O  O   . HOH C 3 .  ? 8.195   7.475   -0.546  1.00 32.28 ? 211 HOH A O   1 
HETATM 818 O  O   . HOH C 3 .  ? 7.299   -4.223  -12.745 1.00 25.69 ? 212 HOH A O   1 
HETATM 819 O  O   . HOH C 3 .  ? 18.292  0.354   0.026   1.00 29.68 ? 213 HOH A O   1 
HETATM 820 O  O   . HOH C 3 .  ? 12.377  -9.003  -8.536  1.00 35.46 ? 214 HOH A O   1 
HETATM 821 O  O   . HOH C 3 .  ? -24.900 18.797  4.851   1.00 41.63 ? 215 HOH A O   1 
HETATM 822 O  O   . HOH C 3 .  ? -6.668  5.837   -9.919  1.00 36.05 ? 216 HOH A O   1 
HETATM 823 O  O   . HOH C 3 .  ? 21.908  -8.328  -2.076  1.00 38.27 ? 217 HOH A O   1 
HETATM 824 O  O   . HOH C 3 .  ? 24.711  2.980   8.854   1.00 49.80 ? 218 HOH A O   1 
HETATM 825 O  O   . HOH C 3 .  ? -15.685 -10.573 1.053   1.00 40.83 ? 219 HOH A O   1 
HETATM 826 O  O   . HOH C 3 .  ? -18.275 12.077  0.195   1.00 40.26 ? 220 HOH A O   1 
HETATM 827 O  O   . HOH C 3 .  ? -8.190  -6.585  -9.950  1.00 43.96 ? 221 HOH A O   1 
HETATM 828 O  O   . HOH C 3 .  ? 12.671  6.721   4.437   1.00 33.99 ? 222 HOH A O   1 
HETATM 829 O  O   . HOH C 3 .  ? 2.882   5.100   1.300   1.00 28.36 ? 223 HOH A O   1 
HETATM 830 O  O   . HOH C 3 .  ? 22.447  -1.093  10.613  1.00 57.54 ? 224 HOH A O   1 
HETATM 831 O  O   . HOH C 3 .  ? 14.229  5.231   -2.578  1.00 39.48 ? 225 HOH A O   1 
HETATM 832 O  O   . HOH C 3 .  ? -15.729 7.096   -7.410  1.00 47.57 ? 226 HOH A O   1 
HETATM 833 O  O   . HOH C 3 .  ? -8.612  1.793   8.869   1.00 24.76 ? 227 HOH A O   1 
HETATM 834 O  O   . HOH C 3 .  ? 8.030   -5.893  -10.769 1.00 25.31 ? 228 HOH A O   1 
HETATM 835 O  O   . HOH C 3 .  ? -12.542 10.501  -2.716  1.00 41.47 ? 229 HOH A O   1 
HETATM 836 O  O   . HOH C 3 .  ? -15.321 2.404   -7.705  1.00 40.28 ? 230 HOH A O   1 
HETATM 837 O  O   . HOH C 3 .  ? -17.532 11.739  6.636   1.00 39.51 ? 231 HOH A O   1 
HETATM 838 O  O   . HOH C 3 .  ? -5.210  -8.496  -9.107  1.00 35.69 ? 232 HOH A O   1 
HETATM 839 O  O   . HOH C 3 .  ? -12.496 -3.877  -6.954  1.00 36.67 ? 233 HOH A O   1 
HETATM 840 O  O   . HOH C 3 .  ? 4.960   7.940   -0.579  1.00 44.49 ? 234 HOH A O   1 
HETATM 841 O  O   . HOH C 3 .  ? 2.646   3.554   3.110   1.00 29.85 ? 235 HOH A O   1 
HETATM 842 O  O   . HOH C 3 .  ? 19.605  -1.971  -0.220  1.00 30.38 ? 236 HOH A O   1 
HETATM 843 O  O   . HOH C 3 .  ? -8.982  1.604   -10.556 1.00 29.01 ? 237 HOH A O   1 
HETATM 844 O  O   . HOH C 3 .  ? 6.200   -10.831 -5.428  1.00 39.44 ? 238 HOH A O   1 
HETATM 845 O  O   . HOH C 3 .  ? -4.162  -5.864  -8.912  1.00 34.62 ? 239 HOH A O   1 
HETATM 846 O  O   . HOH C 3 .  ? -18.118 -3.078  3.466   1.00 52.94 ? 240 HOH A O   1 
HETATM 847 O  O   . HOH C 3 .  ? 16.570  1.034   -2.283  1.00 40.35 ? 241 HOH A O   1 
HETATM 848 O  O   . HOH C 3 .  ? 17.678  -8.672  -5.885  1.00 51.92 ? 242 HOH A O   1 
HETATM 849 O  O   . HOH C 3 .  ? -12.264 9.259   -7.141  1.00 44.85 ? 243 HOH A O   1 
HETATM 850 O  O   . HOH C 3 .  ? -9.535  -10.054 0.085   1.00 39.39 ? 244 HOH A O   1 
HETATM 851 O  O   . HOH C 3 .  ? 5.416   5.745   -10.842 1.00 47.87 ? 245 HOH A O   1 
HETATM 852 O  O   . HOH C 3 .  ? 1.804   9.901   2.270   1.00 41.65 ? 246 HOH A O   1 
HETATM 853 O  O   . HOH C 3 .  ? 15.815  2.659   -4.728  1.00 40.14 ? 247 HOH A O   1 
HETATM 854 O  O   . HOH C 3 .  ? 2.600   -3.002  10.069  1.00 46.70 ? 248 HOH A O   1 
HETATM 855 O  O   . HOH C 3 .  ? 24.024  -3.920  -0.380  1.00 48.28 ? 249 HOH A O   1 
HETATM 856 O  O   . HOH C 3 .  ? 8.604   1.587   5.222   1.00 36.37 ? 250 HOH A O   1 
HETATM 857 O  O   . HOH C 3 .  ? 10.822  -10.138 8.064   1.00 53.29 ? 251 HOH A O   1 
HETATM 858 O  O   . HOH C 3 .  ? 15.219  -13.252 -1.491  1.00 50.09 ? 252 HOH A O   1 
HETATM 859 O  O   . HOH C 3 .  ? -11.005 0.291   -11.954 1.00 50.12 ? 253 HOH A O   1 
HETATM 860 O  O   . HOH C 3 .  ? -13.208 7.787   -1.853  1.00 36.94 ? 254 HOH A O   1 
HETATM 861 O  O   . HOH C 3 .  ? 11.859  5.938   -3.909  1.00 39.27 ? 255 HOH A O   1 
HETATM 862 O  O   . HOH C 3 .  ? 14.846  -9.810  -7.639  1.00 39.49 ? 256 HOH A O   1 
HETATM 863 O  O   . HOH C 3 .  ? 8.808   9.209   -2.226  1.00 47.16 ? 257 HOH A O   1 
HETATM 864 O  O   . HOH C 3 .  ? -18.392 0.226   6.443   1.00 35.04 ? 258 HOH A O   1 
HETATM 865 O  O   . HOH C 3 .  ? 7.727   -6.727  -14.310 1.00 42.61 ? 259 HOH A O   1 
HETATM 866 O  O   . HOH C 3 .  ? 17.351  -8.700  -8.785  1.00 40.25 ? 260 HOH A O   1 
HETATM 867 O  O   . HOH C 3 .  ? 16.379  -10.871 -2.537  1.00 45.34 ? 261 HOH A O   1 
HETATM 868 O  O   . HOH C 3 .  ? 19.916  9.026   4.964   1.00 54.14 ? 262 HOH A O   1 
HETATM 869 O  O   . HOH C 3 .  ? 21.000  1.645   -1.449  1.00 49.70 ? 263 HOH A O   1 
# 
